data_9B7L
#
_entry.id   9B7L
#
_cell.length_a   1.00
_cell.length_b   1.00
_cell.length_c   1.00
_cell.angle_alpha   90.00
_cell.angle_beta   90.00
_cell.angle_gamma   90.00
#
_symmetry.space_group_name_H-M   'P 1'
#
loop_
_entity.id
_entity.type
_entity.pdbx_description
1 polymer 'Capsid protein VP1'
2 polymer 'Fab2-2 heavy chain'
3 polymer 'Fab2-2 light chain'
4 water water
#
loop_
_entity_poly.entity_id
_entity_poly.type
_entity_poly.pdbx_seq_one_letter_code
_entity_poly.pdbx_strand_id
1 'polypeptide(L)'
;MASGGGAPVADNNEGADGVGSSSGNWHCDSQWLGDRVITTSTRTWALPTYNNHLYKQISNSTSGGSSNDNAYFGYSTPWG
YFDFNRFHCHFSPRDWQRLINNNWGFRPKRLNFKLFNIQVKEVTDNNGVKTIANNLTSTVQVFTDSDYQLPYVLGSAHEG
CLPPFPADVFMIPQYGYLTLNDGSQAVGRSSFYCLEYFPSQMLRTGNNFQFSYEFENVPFHSSYAHSQSLDRLMNPLIDQ
YLYYLSKTINGSGQNQQTLKFSVAGPSNMAVQGRNYIPGPSYRQQRVSTTVTQNNNSEFAWPGASSWALNGRNSLMNPGP
AMASHKEGEDRFFPLSGSLIFGKQGTGRDNVDADKVMITNEEEIKTTNPVATESYGQVATNHQSAQAQAQTGWVQNQGIL
PGMVWQDRDVYLQGPIWAKIPHTDGNFHPSPLMGGFGMKHPPPQILIKNTPVPADPPTAFNKDKLNSFITQYSTGQVSVE
IEWELQKENSKRWNPEIQYTSNYYKSNNVEFAVNTEGVYSEPRPIGTRYLTRNL
;
A,B,C,D,E,F
2 'polypeptide(L)'
;QVQLQESGPGLVKPSVTLSLTCTVSGDSISTYYWSWVRQPPGKGLEWIGYIYYSGNTNYNPSLKSRVTMSVDTSKNQFSL
KLNSVTAADTAVYYCARTHHDYGDYRPSYYFDYWGQGTLVTVSS
;
H
3 'polypeptide(L)'
;QSALTQPASVSGSPGQSITISCTGTSSDVGAYDYVSWYQQHPGKAPKLMIYDVSNRPSSGVSNRFSGSKSGNTASLTISG
LQAEDEADYYCSSYTSSSTVILGGGTKLTVL
;
L
#
# COMPACT_ATOMS: atom_id res chain seq x y z
N GLY A 18 -18.84 -46.77 11.85
CA GLY A 18 -18.02 -47.69 11.07
C GLY A 18 -18.63 -48.01 9.71
N VAL A 19 -18.15 -49.09 9.10
CA VAL A 19 -18.63 -49.46 7.77
C VAL A 19 -20.01 -50.09 7.84
N GLY A 20 -20.19 -51.01 8.79
CA GLY A 20 -21.39 -51.82 8.87
C GLY A 20 -22.48 -51.28 9.77
N SER A 21 -22.52 -49.98 10.02
CA SER A 21 -23.49 -49.40 10.92
C SER A 21 -24.05 -48.11 10.30
N SER A 22 -25.11 -47.59 10.90
CA SER A 22 -25.77 -46.41 10.38
C SER A 22 -25.43 -45.20 11.25
N SER A 23 -25.02 -44.12 10.61
CA SER A 23 -24.66 -42.91 11.35
C SER A 23 -25.85 -42.01 11.62
N GLY A 24 -26.99 -42.26 10.97
CA GLY A 24 -28.16 -41.44 11.19
C GLY A 24 -29.47 -42.14 10.87
N ASN A 25 -30.54 -41.69 11.49
CA ASN A 25 -31.85 -42.28 11.25
C ASN A 25 -32.72 -41.32 10.48
N TRP A 26 -33.50 -41.85 9.55
CA TRP A 26 -34.37 -41.01 8.75
C TRP A 26 -35.45 -40.37 9.61
N HIS A 27 -35.62 -39.06 9.47
CA HIS A 27 -36.65 -38.35 10.20
C HIS A 27 -37.44 -37.49 9.24
N CYS A 28 -38.75 -37.70 9.15
CA CYS A 28 -39.58 -36.89 8.29
C CYS A 28 -40.96 -36.61 8.85
N ASP A 29 -41.03 -35.78 9.89
CA ASP A 29 -42.32 -35.46 10.49
C ASP A 29 -42.43 -34.00 10.87
N SER A 30 -43.65 -33.49 10.90
CA SER A 30 -43.90 -32.11 11.28
C SER A 30 -44.70 -32.08 12.57
N GLN A 31 -44.25 -31.29 13.53
CA GLN A 31 -44.94 -31.18 14.81
C GLN A 31 -45.66 -29.85 14.94
N VAL A 37 -44.42 -25.04 16.41
CA VAL A 37 -44.38 -25.95 15.27
C VAL A 37 -42.96 -26.26 14.84
N ILE A 38 -42.64 -27.55 14.81
CA ILE A 38 -41.32 -28.03 14.46
C ILE A 38 -41.46 -28.91 13.23
N THR A 39 -40.84 -28.50 12.13
CA THR A 39 -40.85 -29.25 10.90
C THR A 39 -39.51 -29.97 10.73
N THR A 40 -39.56 -31.16 10.14
CA THR A 40 -38.35 -31.92 9.89
C THR A 40 -38.43 -32.45 8.46
N SER A 41 -37.29 -32.44 7.76
CA SER A 41 -37.21 -32.99 6.43
C SER A 41 -35.98 -33.86 6.33
N THR A 42 -36.01 -34.84 5.42
CA THR A 42 -34.85 -35.66 5.12
C THR A 42 -34.93 -36.06 3.66
N ARG A 43 -33.78 -36.06 2.98
CA ARG A 43 -33.72 -36.39 1.57
C ARG A 43 -32.49 -37.25 1.32
N THR A 44 -32.43 -37.82 0.11
CA THR A 44 -31.23 -38.48 -0.39
C THR A 44 -30.59 -37.58 -1.44
N TRP A 45 -29.27 -37.43 -1.38
CA TRP A 45 -28.54 -36.58 -2.31
C TRP A 45 -27.44 -37.36 -3.01
N ALA A 46 -27.05 -36.84 -4.17
CA ALA A 46 -25.90 -37.33 -4.91
C ALA A 46 -25.03 -36.15 -5.29
N LEU A 47 -23.74 -36.26 -5.01
CA LEU A 47 -22.80 -35.18 -5.26
C LEU A 47 -21.78 -35.61 -6.31
N PRO A 48 -21.72 -34.98 -7.46
CA PRO A 48 -20.69 -35.29 -8.45
C PRO A 48 -19.42 -34.53 -8.14
N THR A 49 -18.46 -34.67 -9.03
CA THR A 49 -17.27 -33.82 -9.06
C THR A 49 -17.46 -32.73 -10.10
N TYR A 50 -17.43 -31.49 -9.64
CA TYR A 50 -17.61 -30.34 -10.50
C TYR A 50 -16.29 -29.75 -10.92
N ASN A 51 -16.20 -29.45 -12.21
CA ASN A 51 -15.04 -28.83 -12.87
C ASN A 51 -13.76 -29.63 -12.79
N ASN A 52 -13.87 -30.96 -12.70
CA ASN A 52 -12.70 -31.84 -12.61
C ASN A 52 -11.74 -31.38 -11.49
N HIS A 53 -12.30 -31.13 -10.31
CA HIS A 53 -11.61 -30.67 -9.11
C HIS A 53 -10.87 -29.34 -9.26
N LEU A 54 -11.46 -28.42 -10.02
CA LEU A 54 -10.80 -27.14 -10.28
C LEU A 54 -11.63 -25.87 -10.13
N TYR A 55 -10.94 -24.76 -9.89
CA TYR A 55 -11.57 -23.47 -9.81
C TYR A 55 -11.36 -22.89 -11.19
N LYS A 56 -12.44 -22.54 -11.88
CA LYS A 56 -12.31 -22.00 -13.22
C LYS A 56 -12.88 -20.60 -13.31
N GLN A 57 -12.16 -19.69 -13.95
CA GLN A 57 -12.65 -18.33 -14.11
C GLN A 57 -13.71 -18.32 -15.19
N ILE A 58 -14.82 -17.65 -14.92
CA ILE A 58 -15.94 -17.55 -15.84
C ILE A 58 -16.26 -16.09 -16.07
N SER A 59 -16.75 -15.77 -17.26
CA SER A 59 -17.27 -14.46 -17.58
C SER A 59 -18.34 -14.66 -18.64
N ASN A 60 -18.92 -13.56 -19.10
CA ASN A 60 -19.88 -13.69 -20.19
C ASN A 60 -19.14 -14.16 -21.42
N SER A 61 -17.84 -13.83 -21.49
CA SER A 61 -17.05 -14.14 -22.67
C SER A 61 -16.74 -15.63 -22.75
N THR A 62 -16.38 -16.25 -21.62
CA THR A 62 -16.26 -17.70 -21.62
C THR A 62 -17.58 -18.37 -22.03
N SER A 63 -18.69 -17.65 -21.87
CA SER A 63 -20.02 -18.14 -22.22
C SER A 63 -20.50 -17.68 -23.59
N GLY A 64 -19.65 -17.01 -24.38
CA GLY A 64 -20.08 -16.47 -25.65
C GLY A 64 -20.13 -14.96 -25.75
N GLY A 65 -19.95 -14.23 -24.66
CA GLY A 65 -19.68 -12.80 -24.70
C GLY A 65 -20.84 -11.89 -24.37
N SER A 66 -22.08 -12.33 -24.55
CA SER A 66 -23.26 -11.60 -24.11
C SER A 66 -23.31 -10.14 -24.56
N SER A 67 -23.82 -9.27 -23.69
CA SER A 67 -24.02 -7.86 -23.97
C SER A 67 -23.71 -7.08 -22.69
N ASN A 68 -23.98 -5.78 -22.70
CA ASN A 68 -23.51 -4.94 -21.61
C ASN A 68 -24.28 -5.18 -20.32
N ASP A 69 -25.60 -5.36 -20.41
CA ASP A 69 -26.37 -5.62 -19.20
C ASP A 69 -26.10 -7.01 -18.67
N ASN A 70 -25.65 -7.90 -19.53
CA ASN A 70 -25.43 -9.29 -19.18
C ASN A 70 -23.99 -9.60 -18.83
N ALA A 71 -23.11 -8.61 -18.81
CA ALA A 71 -21.69 -8.84 -18.57
C ALA A 71 -21.42 -9.15 -17.11
N TYR A 72 -20.57 -10.15 -16.88
CA TYR A 72 -20.25 -10.59 -15.52
C TYR A 72 -18.87 -11.21 -15.53
N PHE A 73 -18.29 -11.32 -14.34
CA PHE A 73 -16.98 -11.93 -14.15
C PHE A 73 -17.00 -12.65 -12.81
N GLY A 74 -16.49 -13.88 -12.78
CA GLY A 74 -16.51 -14.62 -11.54
C GLY A 74 -15.78 -15.93 -11.65
N TYR A 75 -16.07 -16.82 -10.71
CA TYR A 75 -15.41 -18.10 -10.60
C TYR A 75 -16.41 -19.20 -10.33
N SER A 76 -16.16 -20.37 -10.89
CA SER A 76 -16.89 -21.58 -10.55
C SER A 76 -15.96 -22.51 -9.79
N THR A 77 -16.48 -23.12 -8.74
CA THR A 77 -15.71 -23.87 -7.77
C THR A 77 -16.05 -25.34 -7.92
N PRO A 78 -15.14 -26.24 -7.51
CA PRO A 78 -15.50 -27.66 -7.45
C PRO A 78 -16.52 -27.98 -6.38
N TRP A 79 -16.78 -27.07 -5.46
CA TRP A 79 -17.65 -27.31 -4.32
C TRP A 79 -19.13 -27.27 -4.73
N GLY A 80 -19.94 -28.05 -4.01
CA GLY A 80 -21.38 -27.93 -4.05
C GLY A 80 -21.92 -27.36 -2.75
N TYR A 81 -23.23 -27.13 -2.72
CA TYR A 81 -23.85 -26.57 -1.53
C TYR A 81 -25.30 -27.02 -1.43
N PHE A 82 -25.78 -27.16 -0.20
CA PHE A 82 -27.17 -27.50 0.05
C PHE A 82 -28.00 -26.23 0.16
N ASP A 83 -29.15 -26.22 -0.51
CA ASP A 83 -30.07 -25.09 -0.44
C ASP A 83 -31.46 -25.60 -0.08
N PHE A 84 -31.88 -25.37 1.17
CA PHE A 84 -33.22 -25.69 1.63
C PHE A 84 -34.13 -24.46 1.71
N ASN A 85 -33.74 -23.36 1.08
CA ASN A 85 -34.32 -22.04 1.25
C ASN A 85 -35.76 -21.90 0.69
N ARG A 86 -36.39 -22.92 0.13
CA ARG A 86 -37.78 -22.79 -0.28
C ARG A 86 -38.69 -23.48 0.73
N PHE A 87 -39.92 -22.95 0.87
CA PHE A 87 -40.84 -23.47 1.86
C PHE A 87 -41.30 -24.90 1.57
N HIS A 88 -41.47 -25.27 0.29
CA HIS A 88 -41.88 -26.64 0.02
C HIS A 88 -40.81 -27.67 0.41
N CYS A 89 -39.62 -27.22 0.79
CA CYS A 89 -38.64 -28.15 1.34
C CYS A 89 -39.06 -28.62 2.73
N HIS A 90 -39.67 -27.73 3.50
CA HIS A 90 -39.97 -28.01 4.90
C HIS A 90 -41.44 -28.29 5.18
N PHE A 91 -42.32 -28.18 4.17
CA PHE A 91 -43.76 -28.26 4.40
C PHE A 91 -44.44 -29.09 3.33
N SER A 92 -45.29 -30.01 3.78
CA SER A 92 -46.25 -30.64 2.89
C SER A 92 -47.42 -29.71 2.66
N PRO A 93 -48.20 -29.95 1.59
CA PRO A 93 -49.44 -29.18 1.44
C PRO A 93 -50.45 -29.46 2.55
N TRP A 104 -52.13 -16.32 11.81
CA TRP A 104 -51.73 -15.00 11.30
C TRP A 104 -50.27 -14.89 10.86
N GLY A 105 -49.34 -15.32 11.70
CA GLY A 105 -47.96 -15.04 11.37
C GLY A 105 -47.04 -16.10 11.91
N PHE A 106 -45.85 -16.17 11.29
CA PHE A 106 -44.89 -17.20 11.65
C PHE A 106 -43.50 -16.71 11.30
N ARG A 107 -42.49 -17.39 11.84
CA ARG A 107 -41.10 -17.02 11.69
C ARG A 107 -40.21 -18.11 12.27
N PRO A 108 -39.06 -18.36 11.65
CA PRO A 108 -38.17 -19.42 12.15
C PRO A 108 -37.41 -19.00 13.40
N LYS A 109 -37.20 -19.98 14.27
CA LYS A 109 -36.43 -19.78 15.49
C LYS A 109 -35.09 -20.49 15.42
N ARG A 110 -35.08 -21.81 15.29
CA ARG A 110 -33.88 -22.61 15.33
C ARG A 110 -33.74 -23.45 14.08
N LEU A 111 -32.51 -23.80 13.78
CA LEU A 111 -32.17 -24.63 12.64
C LEU A 111 -31.30 -25.77 13.14
N ASN A 112 -31.62 -26.98 12.71
CA ASN A 112 -30.77 -28.12 13.01
C ASN A 112 -30.52 -28.84 11.70
N PHE A 113 -29.28 -29.23 11.48
CA PHE A 113 -28.83 -29.76 10.21
C PHE A 113 -27.96 -30.97 10.49
N LYS A 114 -28.19 -32.05 9.77
CA LYS A 114 -27.36 -33.24 9.89
C LYS A 114 -27.07 -33.80 8.51
N LEU A 115 -25.94 -34.50 8.41
CA LEU A 115 -25.50 -35.11 7.17
C LEU A 115 -24.94 -36.47 7.55
N PHE A 116 -25.41 -37.54 6.90
CA PHE A 116 -25.05 -38.86 7.41
C PHE A 116 -25.16 -39.92 6.32
N ASN A 117 -24.77 -41.14 6.69
CA ASN A 117 -24.79 -42.29 5.81
C ASN A 117 -24.10 -41.96 4.49
N ILE A 118 -22.90 -41.42 4.61
CA ILE A 118 -22.12 -41.03 3.46
C ILE A 118 -21.51 -42.22 2.74
N GLN A 119 -21.69 -42.26 1.43
CA GLN A 119 -21.13 -43.32 0.62
C GLN A 119 -20.34 -42.69 -0.51
N VAL A 120 -19.08 -43.09 -0.67
CA VAL A 120 -18.30 -42.54 -1.76
C VAL A 120 -18.20 -43.65 -2.78
N LYS A 121 -18.70 -43.39 -3.97
CA LYS A 121 -18.69 -44.38 -5.03
C LYS A 121 -17.68 -44.04 -6.08
N GLU A 122 -17.08 -45.07 -6.67
CA GLU A 122 -16.14 -44.86 -7.76
C GLU A 122 -16.74 -45.45 -9.03
N VAL A 123 -16.30 -44.93 -10.17
CA VAL A 123 -16.80 -45.34 -11.48
C VAL A 123 -15.61 -45.64 -12.37
N THR A 124 -15.59 -46.83 -12.93
CA THR A 124 -14.60 -47.21 -13.93
C THR A 124 -15.34 -47.51 -15.23
N ASP A 125 -15.18 -46.64 -16.20
CA ASP A 125 -15.88 -46.77 -17.48
C ASP A 125 -14.96 -47.54 -18.42
N ASN A 126 -15.34 -48.78 -18.72
CA ASN A 126 -14.51 -49.69 -19.49
C ASN A 126 -15.37 -50.33 -20.57
N ASN A 127 -15.07 -50.00 -21.83
CA ASN A 127 -15.73 -50.58 -23.00
C ASN A 127 -17.24 -50.54 -22.80
N GLY A 128 -17.93 -51.68 -22.81
CA GLY A 128 -19.38 -51.67 -22.98
C GLY A 128 -20.13 -51.06 -21.80
N VAL A 129 -19.64 -51.26 -20.59
CA VAL A 129 -20.35 -50.84 -19.39
C VAL A 129 -19.41 -50.07 -18.47
N LYS A 130 -19.96 -49.12 -17.73
CA LYS A 130 -19.28 -48.50 -16.62
C LYS A 130 -19.52 -49.30 -15.35
N THR A 131 -18.47 -49.45 -14.54
CA THR A 131 -18.55 -50.23 -13.32
C THR A 131 -18.53 -49.30 -12.12
N ILE A 132 -19.46 -49.50 -11.20
CA ILE A 132 -19.56 -48.70 -9.98
C ILE A 132 -19.28 -49.59 -8.79
N ALA A 133 -18.37 -49.14 -7.92
CA ALA A 133 -18.01 -49.90 -6.73
C ALA A 133 -17.82 -48.94 -5.57
N ASN A 134 -17.96 -49.48 -4.36
CA ASN A 134 -17.76 -48.68 -3.16
C ASN A 134 -16.29 -48.42 -2.91
N ASN A 135 -15.94 -47.16 -2.75
CA ASN A 135 -14.62 -46.79 -2.27
C ASN A 135 -14.78 -46.47 -0.79
N LEU A 136 -14.29 -47.36 0.07
CA LEU A 136 -14.58 -47.24 1.49
C LEU A 136 -13.71 -46.20 2.18
N THR A 137 -12.46 -46.04 1.76
CA THR A 137 -11.54 -45.14 2.42
C THR A 137 -11.75 -43.68 2.08
N SER A 138 -12.41 -43.36 0.96
CA SER A 138 -12.48 -41.98 0.50
C SER A 138 -13.26 -41.10 1.46
N THR A 139 -13.04 -39.80 1.32
CA THR A 139 -13.62 -38.82 2.21
C THR A 139 -14.48 -37.81 1.46
N VAL A 140 -15.32 -37.13 2.21
CA VAL A 140 -16.13 -36.01 1.75
C VAL A 140 -15.87 -34.84 2.68
N GLN A 141 -15.59 -33.67 2.11
CA GLN A 141 -15.30 -32.47 2.89
C GLN A 141 -16.55 -31.61 3.00
N VAL A 142 -16.79 -31.07 4.18
CA VAL A 142 -17.96 -30.24 4.46
C VAL A 142 -17.56 -29.15 5.43
N PHE A 143 -18.02 -27.93 5.18
CA PHE A 143 -17.90 -26.89 6.17
C PHE A 143 -19.01 -25.88 5.92
N THR A 144 -19.39 -25.20 6.99
CA THR A 144 -20.32 -24.09 6.92
C THR A 144 -19.53 -22.78 6.98
N ASP A 145 -20.03 -21.76 6.31
CA ASP A 145 -19.38 -20.46 6.42
C ASP A 145 -20.19 -19.69 7.45
N SER A 146 -19.69 -19.68 8.67
CA SER A 146 -20.40 -19.07 9.78
C SER A 146 -19.89 -17.68 10.12
N ASP A 147 -18.79 -17.25 9.51
CA ASP A 147 -18.36 -15.87 9.57
C ASP A 147 -18.78 -15.09 8.35
N TYR A 148 -19.49 -15.73 7.41
CA TYR A 148 -20.09 -15.07 6.27
C TYR A 148 -19.03 -14.39 5.42
N GLN A 149 -17.93 -15.11 5.21
CA GLN A 149 -16.79 -14.61 4.49
C GLN A 149 -16.81 -14.95 3.01
N LEU A 150 -17.68 -15.84 2.59
CA LEU A 150 -17.86 -16.14 1.19
C LEU A 150 -18.96 -15.29 0.58
N PRO A 151 -18.96 -15.12 -0.74
CA PRO A 151 -20.13 -14.57 -1.41
C PRO A 151 -21.35 -15.45 -1.15
N TYR A 152 -22.45 -14.83 -0.76
CA TYR A 152 -23.62 -15.57 -0.30
C TYR A 152 -24.63 -15.63 -1.43
N VAL A 153 -24.77 -16.82 -2.04
CA VAL A 153 -25.57 -17.00 -3.24
C VAL A 153 -26.96 -17.55 -2.95
N LEU A 154 -27.32 -17.80 -1.69
CA LEU A 154 -28.56 -18.50 -1.41
C LEU A 154 -29.82 -17.66 -1.61
N GLY A 155 -29.73 -16.34 -1.54
CA GLY A 155 -30.92 -15.51 -1.62
C GLY A 155 -31.31 -15.11 -3.02
N SER A 156 -30.81 -15.82 -4.02
CA SER A 156 -31.05 -15.48 -5.41
C SER A 156 -32.14 -16.31 -6.06
N ALA A 157 -32.83 -17.17 -5.31
CA ALA A 157 -33.96 -17.95 -5.81
C ALA A 157 -33.54 -18.94 -6.90
N HIS A 158 -32.41 -19.60 -6.70
CA HIS A 158 -31.90 -20.59 -7.63
C HIS A 158 -32.54 -21.96 -7.41
N GLU A 159 -32.49 -22.77 -8.45
CA GLU A 159 -32.83 -24.17 -8.37
C GLU A 159 -31.72 -24.91 -7.61
N GLY A 160 -31.92 -26.21 -7.38
CA GLY A 160 -31.03 -26.96 -6.52
C GLY A 160 -31.57 -27.21 -5.14
N CYS A 161 -32.83 -26.88 -4.88
CA CYS A 161 -33.41 -27.07 -3.56
C CYS A 161 -33.68 -28.56 -3.30
N LEU A 162 -33.81 -28.89 -2.02
CA LEU A 162 -34.38 -30.17 -1.64
C LEU A 162 -35.76 -30.33 -2.29
N PRO A 163 -36.04 -31.47 -2.93
CA PRO A 163 -37.29 -31.59 -3.68
C PRO A 163 -38.47 -31.61 -2.73
N PRO A 164 -39.62 -31.07 -3.14
CA PRO A 164 -40.75 -30.99 -2.22
C PRO A 164 -41.31 -32.34 -1.82
N PHE A 165 -41.29 -33.31 -2.70
CA PHE A 165 -41.78 -34.61 -2.27
C PHE A 165 -40.64 -35.40 -1.64
N PRO A 166 -40.86 -35.94 -0.44
CA PRO A 166 -39.75 -36.45 0.37
C PRO A 166 -39.00 -37.63 -0.22
N ALA A 167 -39.53 -38.29 -1.24
CA ALA A 167 -38.87 -39.49 -1.74
C ALA A 167 -37.99 -39.25 -2.95
N ASP A 168 -37.89 -38.01 -3.44
CA ASP A 168 -37.12 -37.73 -4.64
C ASP A 168 -35.64 -37.50 -4.30
N VAL A 169 -34.77 -38.02 -5.16
CA VAL A 169 -33.32 -37.89 -5.02
C VAL A 169 -32.84 -36.77 -5.91
N PHE A 170 -32.21 -35.77 -5.31
CA PHE A 170 -31.82 -34.55 -6.00
C PHE A 170 -30.30 -34.48 -6.12
N MET A 171 -29.85 -33.81 -7.17
CA MET A 171 -28.44 -33.50 -7.37
C MET A 171 -28.11 -32.19 -6.68
N ILE A 172 -26.91 -32.12 -6.11
CA ILE A 172 -26.51 -30.95 -5.32
C ILE A 172 -25.91 -29.90 -6.27
N PRO A 173 -26.36 -28.66 -6.22
CA PRO A 173 -25.94 -27.68 -7.23
C PRO A 173 -24.52 -27.18 -6.99
N GLN A 174 -23.88 -26.79 -8.09
CA GLN A 174 -22.50 -26.33 -8.04
C GLN A 174 -22.43 -24.91 -7.51
N TYR A 175 -21.43 -24.67 -6.66
CA TYR A 175 -21.21 -23.36 -6.09
C TYR A 175 -20.28 -22.54 -6.97
N GLY A 176 -20.69 -21.32 -7.25
CA GLY A 176 -19.85 -20.35 -7.93
C GLY A 176 -20.26 -18.97 -7.49
N TYR A 177 -19.43 -17.98 -7.81
CA TYR A 177 -19.69 -16.64 -7.34
C TYR A 177 -19.24 -15.63 -8.38
N LEU A 178 -19.77 -14.41 -8.26
CA LEU A 178 -19.44 -13.31 -9.16
C LEU A 178 -18.74 -12.21 -8.38
N THR A 179 -17.85 -11.49 -9.08
CA THR A 179 -17.08 -10.42 -8.48
C THR A 179 -17.31 -9.16 -9.33
N LEU A 180 -16.54 -8.12 -9.03
CA LEU A 180 -16.59 -6.90 -9.81
C LEU A 180 -16.10 -7.16 -11.23
N ASN A 181 -16.66 -6.43 -12.17
CA ASN A 181 -16.27 -6.51 -13.56
C ASN A 181 -16.47 -5.16 -14.21
N ASP A 182 -15.63 -4.87 -15.21
CA ASP A 182 -15.86 -3.71 -16.06
C ASP A 182 -16.54 -4.12 -17.37
N GLY A 183 -16.89 -5.39 -17.48
CA GLY A 183 -17.15 -5.98 -18.77
C GLY A 183 -17.00 -7.46 -18.57
N SER A 184 -16.52 -8.18 -19.56
CA SER A 184 -16.03 -9.52 -19.34
C SER A 184 -14.73 -9.55 -18.54
N GLN A 185 -14.15 -8.39 -18.22
CA GLN A 185 -12.88 -8.34 -17.54
C GLN A 185 -13.02 -7.98 -16.06
N ALA A 186 -11.89 -8.01 -15.37
CA ALA A 186 -11.83 -7.86 -13.92
C ALA A 186 -11.07 -6.61 -13.56
N VAL A 187 -11.43 -6.01 -12.43
CA VAL A 187 -10.70 -4.83 -11.99
C VAL A 187 -9.78 -5.22 -10.86
N GLY A 188 -8.95 -4.30 -10.39
CA GLY A 188 -8.00 -4.63 -9.35
C GLY A 188 -8.68 -4.85 -8.01
N ARG A 189 -9.92 -4.38 -7.89
CA ARG A 189 -10.70 -4.56 -6.68
C ARG A 189 -11.42 -5.90 -6.68
N SER A 190 -11.46 -6.59 -7.81
CA SER A 190 -12.06 -7.91 -7.89
C SER A 190 -11.31 -8.89 -6.99
N SER A 191 -12.05 -9.72 -6.27
CA SER A 191 -11.48 -10.64 -5.31
C SER A 191 -11.68 -12.07 -5.77
N PHE A 192 -10.75 -12.93 -5.36
CA PHE A 192 -10.78 -14.37 -5.61
C PHE A 192 -10.76 -15.10 -4.28
N TYR A 193 -11.72 -16.02 -4.10
CA TYR A 193 -11.80 -16.81 -2.88
C TYR A 193 -11.51 -18.26 -3.20
N CYS A 194 -10.68 -18.89 -2.38
CA CYS A 194 -10.45 -20.33 -2.44
C CYS A 194 -11.15 -20.98 -1.26
N LEU A 195 -12.02 -21.95 -1.54
CA LEU A 195 -12.74 -22.60 -0.46
C LEU A 195 -11.88 -23.64 0.25
N GLU A 196 -10.79 -24.09 -0.36
CA GLU A 196 -9.87 -24.98 0.32
C GLU A 196 -9.20 -24.31 1.48
N TYR A 197 -9.30 -22.99 1.56
CA TYR A 197 -8.58 -22.19 2.53
C TYR A 197 -9.40 -21.90 3.77
N PHE A 198 -10.53 -22.44 3.86
CA PHE A 198 -11.31 -22.58 5.07
C PHE A 198 -11.03 -23.93 5.74
N PRO A 199 -11.06 -23.99 7.05
CA PRO A 199 -11.02 -25.30 7.71
C PRO A 199 -12.31 -26.05 7.50
N SER A 200 -12.20 -27.32 7.13
CA SER A 200 -13.36 -28.14 6.86
C SER A 200 -13.20 -29.50 7.50
N GLN A 201 -14.33 -30.20 7.65
CA GLN A 201 -14.34 -31.52 8.25
C GLN A 201 -14.41 -32.59 7.17
N MET A 202 -13.60 -33.64 7.33
CA MET A 202 -13.49 -34.70 6.35
C MET A 202 -14.22 -35.93 6.87
N LEU A 203 -15.09 -36.50 6.03
CA LEU A 203 -16.00 -37.57 6.43
C LEU A 203 -15.81 -38.79 5.55
N ARG A 204 -15.44 -39.92 6.16
CA ARG A 204 -15.54 -41.20 5.50
C ARG A 204 -16.95 -41.76 5.67
N THR A 205 -17.14 -43.02 5.27
CA THR A 205 -18.48 -43.57 5.19
C THR A 205 -19.13 -43.76 6.56
N GLY A 206 -18.34 -43.79 7.63
CA GLY A 206 -18.89 -43.92 8.96
C GLY A 206 -19.15 -42.62 9.68
N ASN A 207 -18.52 -41.54 9.24
CA ASN A 207 -18.57 -40.25 9.91
C ASN A 207 -19.86 -39.51 9.58
N ASN A 208 -20.31 -38.66 10.51
CA ASN A 208 -21.45 -37.79 10.26
C ASN A 208 -21.15 -36.37 10.71
N PHE A 209 -22.03 -35.45 10.30
CA PHE A 209 -21.83 -34.02 10.47
C PHE A 209 -23.12 -33.36 10.90
N GLN A 210 -23.06 -32.55 11.96
CA GLN A 210 -24.23 -31.80 12.37
C GLN A 210 -23.78 -30.45 12.89
N PHE A 211 -24.66 -29.46 12.74
CA PHE A 211 -24.45 -28.18 13.40
C PHE A 211 -25.82 -27.58 13.70
N SER A 212 -25.88 -26.76 14.73
CA SER A 212 -27.10 -26.06 15.07
C SER A 212 -26.92 -24.58 14.80
N TYR A 213 -28.03 -23.92 14.49
CA TYR A 213 -28.06 -22.51 14.12
C TYR A 213 -29.32 -21.88 14.69
N GLU A 214 -29.14 -20.72 15.32
CA GLU A 214 -30.26 -19.91 15.80
C GLU A 214 -30.55 -18.87 14.74
N PHE A 215 -31.83 -18.68 14.43
CA PHE A 215 -32.22 -17.55 13.60
C PHE A 215 -32.18 -16.27 14.43
N GLU A 216 -31.76 -15.17 13.79
CA GLU A 216 -31.86 -13.90 14.47
C GLU A 216 -33.32 -13.44 14.50
N ASN A 217 -33.59 -12.50 15.39
CA ASN A 217 -34.96 -12.03 15.55
C ASN A 217 -35.42 -11.33 14.28
N VAL A 218 -36.52 -11.81 13.70
CA VAL A 218 -37.13 -11.19 12.53
C VAL A 218 -38.62 -11.06 12.80
N PRO A 219 -39.28 -10.06 12.23
CA PRO A 219 -40.71 -9.91 12.47
C PRO A 219 -41.49 -11.09 11.91
N PHE A 220 -42.63 -11.38 12.53
CA PHE A 220 -43.55 -12.34 11.95
C PHE A 220 -43.97 -11.89 10.57
N HIS A 221 -43.90 -12.78 9.59
CA HIS A 221 -44.41 -12.46 8.26
C HIS A 221 -45.91 -12.47 8.45
N SER A 222 -46.63 -11.51 7.89
CA SER A 222 -48.06 -11.48 8.13
C SER A 222 -48.83 -12.36 7.15
N SER A 223 -49.29 -13.50 7.64
CA SER A 223 -50.07 -14.42 6.84
C SER A 223 -51.56 -14.10 6.95
N TYR A 224 -51.95 -12.92 6.49
CA TYR A 224 -53.35 -12.50 6.53
C TYR A 224 -53.62 -11.39 5.54
N ALA A 225 -54.90 -11.14 5.27
CA ALA A 225 -55.32 -10.08 4.38
C ALA A 225 -56.17 -9.12 5.18
N HIS A 226 -55.99 -7.83 4.95
CA HIS A 226 -56.75 -6.81 5.67
C HIS A 226 -58.22 -6.86 5.27
N SER A 227 -59.11 -6.56 6.22
CA SER A 227 -60.54 -6.55 5.95
C SER A 227 -61.01 -5.14 5.62
N GLN A 228 -60.29 -4.15 6.15
CA GLN A 228 -60.60 -2.75 5.91
C GLN A 228 -59.61 -2.20 4.91
N SER A 229 -59.96 -1.07 4.31
CA SER A 229 -59.07 -0.36 3.41
C SER A 229 -58.60 0.92 4.08
N LEU A 230 -57.41 1.37 3.67
CA LEU A 230 -56.82 2.57 4.25
C LEU A 230 -57.68 3.80 4.07
N ASP A 231 -58.36 3.92 2.92
CA ASP A 231 -59.15 5.12 2.64
C ASP A 231 -60.53 5.11 3.31
N ARG A 232 -61.10 3.94 3.53
CA ARG A 232 -62.42 3.82 4.15
C ARG A 232 -62.38 3.63 5.65
N LEU A 233 -61.22 3.79 6.27
CA LEU A 233 -61.12 3.72 7.72
C LEU A 233 -62.07 4.68 8.39
N MET A 269 -66.48 10.44 0.50
CA MET A 269 -65.36 10.08 1.37
C MET A 269 -64.02 10.33 0.70
N ALA A 270 -64.06 10.80 -0.53
CA ALA A 270 -62.82 11.10 -1.23
C ALA A 270 -62.08 12.25 -0.56
N VAL A 271 -62.80 13.24 -0.02
CA VAL A 271 -62.21 14.49 0.43
C VAL A 271 -61.97 14.52 1.93
N GLN A 272 -62.28 13.46 2.66
CA GLN A 272 -62.05 13.52 4.09
C GLN A 272 -60.56 13.49 4.41
N GLY A 273 -60.23 14.07 5.56
CA GLY A 273 -58.85 14.02 6.02
C GLY A 273 -58.53 12.68 6.63
N ARG A 274 -57.28 12.24 6.45
CA ARG A 274 -56.84 10.95 6.93
C ARG A 274 -55.44 11.09 7.50
N ASN A 275 -55.15 10.27 8.50
CA ASN A 275 -53.86 10.32 9.21
C ASN A 275 -52.74 9.62 8.47
N TYR A 276 -53.03 8.62 7.65
CA TYR A 276 -51.99 7.81 7.04
C TYR A 276 -52.29 7.67 5.56
N ILE A 277 -51.27 7.28 4.81
CA ILE A 277 -51.37 7.27 3.35
C ILE A 277 -50.81 5.94 2.84
N PRO A 278 -51.21 5.53 1.64
CA PRO A 278 -50.70 4.28 1.09
C PRO A 278 -49.21 4.35 0.80
N GLY A 279 -48.62 3.16 0.70
CA GLY A 279 -47.19 3.03 0.65
C GLY A 279 -46.58 3.52 -0.65
N PRO A 280 -45.29 3.24 -0.82
CA PRO A 280 -44.59 3.71 -2.02
C PRO A 280 -44.90 2.85 -3.23
N SER A 281 -44.57 3.40 -4.39
CA SER A 281 -44.84 2.74 -5.67
C SER A 281 -43.72 3.02 -6.66
N TYR A 282 -43.56 2.10 -7.61
CA TYR A 282 -42.74 2.33 -8.79
C TYR A 282 -43.55 1.73 -9.93
N ARG A 283 -44.10 2.55 -10.84
CA ARG A 283 -45.18 2.03 -11.67
C ARG A 283 -44.69 0.98 -12.66
N GLN A 284 -45.42 -0.13 -12.72
CA GLN A 284 -45.26 -1.22 -13.68
C GLN A 284 -46.18 -1.00 -14.87
N GLN A 285 -45.74 -1.46 -16.04
CA GLN A 285 -46.60 -1.55 -17.20
C GLN A 285 -47.61 -2.69 -17.04
N ARG A 286 -48.74 -2.58 -17.72
CA ARG A 286 -49.87 -3.49 -17.53
C ARG A 286 -49.98 -4.46 -18.70
N VAL A 287 -50.16 -5.73 -18.41
CA VAL A 287 -50.28 -6.77 -19.43
C VAL A 287 -51.54 -7.58 -19.19
N SER A 288 -52.32 -7.78 -20.24
CA SER A 288 -53.55 -8.56 -20.20
C SER A 288 -53.27 -10.01 -20.52
N THR A 289 -53.90 -10.91 -19.78
CA THR A 289 -53.80 -12.32 -20.11
C THR A 289 -54.60 -12.70 -21.35
N THR A 290 -55.49 -11.82 -21.79
CA THR A 290 -56.09 -11.96 -23.11
C THR A 290 -55.16 -11.32 -24.13
N VAL A 291 -54.64 -12.12 -25.05
CA VAL A 291 -53.60 -11.61 -25.93
C VAL A 291 -54.11 -10.50 -26.84
N THR A 292 -55.36 -10.57 -27.28
CA THR A 292 -55.87 -9.57 -28.21
C THR A 292 -55.86 -8.18 -27.60
N GLN A 293 -56.11 -8.07 -26.31
CA GLN A 293 -56.13 -6.78 -25.66
C GLN A 293 -54.75 -6.15 -25.50
N ASN A 294 -53.69 -6.93 -25.67
CA ASN A 294 -52.35 -6.38 -25.66
C ASN A 294 -52.01 -5.78 -27.02
N ASN A 295 -51.10 -4.81 -27.00
CA ASN A 295 -50.64 -4.10 -28.20
C ASN A 295 -49.84 -5.00 -29.13
N ASN A 296 -49.97 -4.78 -30.43
CA ASN A 296 -49.27 -5.60 -31.42
C ASN A 296 -47.85 -5.10 -31.66
N SER A 297 -46.99 -5.25 -30.66
CA SER A 297 -45.60 -4.83 -30.75
C SER A 297 -44.80 -5.60 -29.70
N GLU A 298 -43.48 -5.63 -29.82
CA GLU A 298 -42.68 -6.35 -28.82
C GLU A 298 -42.28 -5.38 -27.72
N PHE A 299 -42.95 -5.48 -26.59
CA PHE A 299 -42.69 -4.60 -25.45
C PHE A 299 -42.22 -5.27 -24.17
N ALA A 300 -41.80 -6.54 -24.24
CA ALA A 300 -41.33 -7.26 -23.05
C ALA A 300 -40.27 -6.47 -22.31
N TRP A 301 -39.13 -6.25 -22.96
CA TRP A 301 -38.06 -5.43 -22.40
C TRP A 301 -38.23 -3.95 -22.71
N PRO A 302 -38.44 -3.53 -23.96
CA PRO A 302 -38.47 -2.09 -24.24
C PRO A 302 -39.49 -1.31 -23.44
N GLY A 303 -40.54 -1.95 -22.93
CA GLY A 303 -41.54 -1.22 -22.20
C GLY A 303 -41.52 -1.46 -20.71
N ALA A 304 -40.42 -2.02 -20.22
CA ALA A 304 -40.32 -2.51 -18.86
C ALA A 304 -39.60 -1.53 -17.94
N SER A 305 -40.02 -1.52 -16.68
CA SER A 305 -39.41 -0.68 -15.66
C SER A 305 -38.08 -1.29 -15.21
N SER A 306 -37.06 -0.45 -15.07
CA SER A 306 -35.72 -0.94 -14.75
C SER A 306 -34.99 0.05 -13.85
N TRP A 307 -33.89 -0.42 -13.27
CA TRP A 307 -32.95 0.45 -12.56
C TRP A 307 -31.54 0.23 -13.05
N ALA A 308 -30.85 1.34 -13.30
CA ALA A 308 -29.49 1.34 -13.80
C ALA A 308 -28.52 1.40 -12.64
N LEU A 309 -27.49 0.57 -12.69
CA LEU A 309 -26.46 0.56 -11.65
C LEU A 309 -25.11 0.49 -12.33
N ASN A 310 -24.32 1.55 -12.18
CA ASN A 310 -22.98 1.63 -12.76
C ASN A 310 -23.02 1.46 -14.27
N GLY A 311 -24.14 1.86 -14.87
CA GLY A 311 -24.27 1.86 -16.31
C GLY A 311 -24.85 0.62 -16.92
N ARG A 312 -25.37 -0.30 -16.11
CA ARG A 312 -26.08 -1.47 -16.60
C ARG A 312 -27.51 -1.43 -16.10
N ASN A 313 -28.45 -1.71 -17.00
CA ASN A 313 -29.85 -1.72 -16.64
C ASN A 313 -30.27 -3.13 -16.23
N SER A 314 -30.75 -3.26 -15.01
CA SER A 314 -31.36 -4.48 -14.53
C SER A 314 -32.85 -4.25 -14.39
N LEU A 315 -33.63 -5.20 -14.86
CA LEU A 315 -35.08 -5.12 -14.77
C LEU A 315 -35.50 -4.95 -13.31
N MET A 316 -36.59 -4.21 -13.08
CA MET A 316 -37.08 -4.07 -11.71
C MET A 316 -38.02 -5.23 -11.47
N ASN A 317 -37.54 -6.22 -10.72
CA ASN A 317 -38.23 -7.47 -10.56
C ASN A 317 -38.00 -8.06 -9.18
N PRO A 318 -39.07 -8.47 -8.49
CA PRO A 318 -40.46 -8.11 -8.74
C PRO A 318 -40.73 -6.63 -8.40
N GLY A 319 -39.86 -6.02 -7.60
CA GLY A 319 -39.98 -4.64 -7.25
C GLY A 319 -40.55 -4.42 -5.87
N PRO A 320 -40.99 -3.19 -5.57
CA PRO A 320 -41.63 -2.92 -4.28
C PRO A 320 -42.99 -3.60 -4.23
N ALA A 321 -43.45 -4.02 -3.06
CA ALA A 321 -44.73 -4.70 -3.00
C ALA A 321 -45.84 -3.76 -3.42
N MET A 322 -46.64 -4.20 -4.38
CA MET A 322 -47.74 -3.42 -4.92
C MET A 322 -48.88 -4.34 -5.32
N ALA A 323 -50.09 -3.81 -5.35
CA ALA A 323 -51.23 -4.61 -5.75
C ALA A 323 -51.08 -5.02 -7.20
N SER A 324 -51.25 -6.30 -7.49
CA SER A 324 -51.12 -6.84 -8.84
C SER A 324 -52.04 -6.12 -9.78
N HIS A 325 -53.27 -5.89 -9.31
CA HIS A 325 -54.28 -5.25 -10.14
C HIS A 325 -55.39 -4.64 -9.31
N LYS A 326 -56.16 -3.74 -9.94
CA LYS A 326 -57.29 -3.11 -9.27
C LYS A 326 -58.47 -4.08 -9.18
N GLU A 327 -59.39 -3.82 -8.25
CA GLU A 327 -60.54 -4.70 -8.10
C GLU A 327 -61.39 -4.71 -9.37
N GLY A 328 -61.84 -5.89 -9.77
CA GLY A 328 -62.64 -6.03 -10.96
C GLY A 328 -61.89 -6.55 -12.17
N GLU A 329 -60.62 -6.16 -12.30
CA GLU A 329 -59.81 -6.61 -13.42
C GLU A 329 -58.72 -7.50 -12.84
N ASP A 330 -58.92 -8.80 -12.92
CA ASP A 330 -57.94 -9.79 -12.53
C ASP A 330 -57.24 -10.43 -13.72
N ARG A 331 -57.56 -10.01 -14.94
CA ARG A 331 -56.91 -10.52 -16.13
C ARG A 331 -55.59 -9.82 -16.42
N PHE A 332 -55.26 -8.78 -15.67
CA PHE A 332 -54.02 -8.04 -15.87
C PHE A 332 -52.99 -8.45 -14.83
N PHE A 333 -51.72 -8.44 -15.24
CA PHE A 333 -50.63 -8.64 -14.31
C PHE A 333 -49.53 -7.64 -14.64
N PRO A 334 -48.88 -7.07 -13.63
CA PRO A 334 -47.73 -6.20 -13.90
C PRO A 334 -46.62 -6.98 -14.58
N LEU A 335 -45.95 -6.32 -15.53
CA LEU A 335 -45.01 -6.99 -16.41
C LEU A 335 -43.93 -7.71 -15.62
N SER A 336 -43.04 -6.96 -14.98
CA SER A 336 -42.02 -7.53 -14.10
C SER A 336 -42.40 -7.48 -12.63
N GLY A 337 -43.63 -7.08 -12.32
CA GLY A 337 -44.03 -6.86 -10.94
C GLY A 337 -44.49 -8.07 -10.16
N SER A 338 -44.55 -9.26 -10.76
CA SER A 338 -45.07 -10.43 -10.08
C SER A 338 -44.03 -11.54 -10.04
N LEU A 339 -44.25 -12.50 -9.16
CA LEU A 339 -43.53 -13.76 -9.22
C LEU A 339 -44.26 -14.74 -10.10
N ILE A 340 -43.54 -15.32 -11.05
CA ILE A 340 -44.08 -16.31 -11.98
C ILE A 340 -43.32 -17.62 -11.74
N PHE A 341 -44.06 -18.70 -11.60
CA PHE A 341 -43.45 -20.00 -11.38
C PHE A 341 -43.77 -20.93 -12.53
N GLY A 342 -42.94 -21.95 -12.69
CA GLY A 342 -43.17 -22.97 -13.69
C GLY A 342 -43.98 -24.14 -13.18
N LYS A 343 -44.76 -24.73 -14.09
CA LYS A 343 -45.44 -25.98 -13.85
C LYS A 343 -44.51 -27.16 -14.08
N GLN A 344 -44.83 -28.28 -13.46
CA GLN A 344 -44.01 -29.47 -13.60
C GLN A 344 -43.81 -29.82 -15.06
N GLY A 345 -42.55 -29.95 -15.46
CA GLY A 345 -42.23 -30.30 -16.82
C GLY A 345 -42.22 -29.15 -17.81
N THR A 346 -42.33 -27.91 -17.33
CA THR A 346 -42.33 -26.77 -18.23
C THR A 346 -40.94 -26.53 -18.79
N GLY A 347 -40.87 -26.24 -20.08
CA GLY A 347 -39.60 -26.04 -20.74
C GLY A 347 -38.87 -24.82 -20.23
N ARG A 348 -37.68 -24.64 -20.77
CA ARG A 348 -36.83 -23.53 -20.37
C ARG A 348 -37.18 -22.21 -21.06
N ASP A 349 -37.57 -22.25 -22.33
CA ASP A 349 -37.67 -21.03 -23.12
C ASP A 349 -39.04 -20.92 -23.79
N ASN A 350 -39.61 -19.72 -23.75
CA ASN A 350 -40.71 -19.33 -24.62
C ASN A 350 -41.94 -20.23 -24.46
N VAL A 351 -42.37 -20.36 -23.22
CA VAL A 351 -43.49 -21.21 -22.87
C VAL A 351 -44.74 -20.35 -22.69
N ASP A 352 -45.89 -20.90 -23.06
CA ASP A 352 -47.10 -20.08 -23.08
C ASP A 352 -47.58 -19.79 -21.66
N ALA A 353 -48.61 -18.95 -21.58
CA ALA A 353 -49.08 -18.49 -20.29
C ALA A 353 -49.69 -19.62 -19.46
N ASP A 354 -50.13 -20.69 -20.12
CA ASP A 354 -50.66 -21.84 -19.40
C ASP A 354 -49.56 -22.67 -18.75
N LYS A 355 -48.37 -22.73 -19.32
CA LYS A 355 -47.28 -23.53 -18.77
C LYS A 355 -46.72 -22.98 -17.47
N VAL A 356 -47.04 -21.74 -17.12
CA VAL A 356 -46.47 -21.10 -15.95
C VAL A 356 -47.60 -20.64 -15.04
N MET A 357 -47.25 -20.31 -13.81
CA MET A 357 -48.21 -19.85 -12.81
C MET A 357 -47.86 -18.43 -12.43
N ILE A 358 -48.80 -17.52 -12.65
CA ILE A 358 -48.58 -16.09 -12.41
C ILE A 358 -49.28 -15.73 -11.11
N THR A 359 -48.50 -15.37 -10.10
CA THR A 359 -49.04 -15.01 -8.80
C THR A 359 -49.70 -13.64 -8.85
N ASN A 360 -50.54 -13.36 -7.85
CA ASN A 360 -51.17 -12.06 -7.74
C ASN A 360 -51.11 -11.58 -6.30
N GLU A 361 -50.88 -10.29 -6.13
CA GLU A 361 -50.82 -9.67 -4.82
C GLU A 361 -52.05 -8.79 -4.68
N GLU A 362 -53.22 -9.34 -5.01
CA GLU A 362 -54.45 -8.57 -4.88
C GLU A 362 -54.77 -8.20 -3.43
N GLU A 363 -54.50 -9.12 -2.52
CA GLU A 363 -54.80 -8.92 -1.09
C GLU A 363 -54.20 -7.69 -0.43
N ILE A 364 -53.09 -7.18 -0.94
CA ILE A 364 -52.45 -6.04 -0.31
C ILE A 364 -53.00 -4.74 -0.87
N LYS A 365 -54.01 -4.83 -1.74
CA LYS A 365 -54.58 -3.63 -2.35
C LYS A 365 -55.25 -2.72 -1.34
N THR A 366 -55.40 -3.15 -0.09
CA THR A 366 -55.95 -2.27 0.92
C THR A 366 -54.97 -1.17 1.28
N THR A 367 -53.74 -1.52 1.69
CA THR A 367 -52.74 -0.52 2.03
C THR A 367 -51.81 -0.17 0.88
N ASN A 368 -51.80 -0.93 -0.20
CA ASN A 368 -50.75 -0.66 -1.17
C ASN A 368 -51.34 -0.26 -2.50
N PRO A 369 -50.68 0.65 -3.21
CA PRO A 369 -51.21 1.11 -4.49
C PRO A 369 -51.13 0.03 -5.55
N VAL A 370 -51.88 0.22 -6.62
CA VAL A 370 -51.86 -0.71 -7.73
C VAL A 370 -50.57 -0.52 -8.51
N ALA A 371 -49.93 -1.63 -8.89
CA ALA A 371 -48.61 -1.56 -9.50
C ALA A 371 -48.68 -0.98 -10.91
N THR A 372 -49.83 -1.10 -11.57
CA THR A 372 -49.94 -0.53 -12.90
C THR A 372 -50.59 0.84 -12.88
N GLU A 373 -51.19 1.23 -11.76
CA GLU A 373 -51.79 2.55 -11.64
C GLU A 373 -50.76 3.58 -11.19
N SER A 374 -51.00 4.84 -11.55
CA SER A 374 -50.24 5.94 -10.98
C SER A 374 -50.50 6.04 -9.49
N TYR A 375 -49.58 6.66 -8.77
CA TYR A 375 -49.74 6.80 -7.33
C TYR A 375 -50.76 7.88 -7.01
N GLY A 376 -50.94 8.83 -7.90
CA GLY A 376 -51.83 9.94 -7.63
C GLY A 376 -51.47 11.15 -8.48
N GLN A 377 -51.85 12.33 -7.98
CA GLN A 377 -51.63 13.59 -8.66
C GLN A 377 -50.97 14.61 -7.74
N VAL A 378 -50.35 15.61 -8.35
CA VAL A 378 -49.74 16.73 -7.67
C VAL A 378 -50.02 18.01 -8.44
N ALA A 379 -49.75 19.14 -7.80
CA ALA A 379 -49.88 20.41 -8.47
C ALA A 379 -48.61 20.73 -9.24
N THR A 380 -48.74 21.05 -10.52
CA THR A 380 -47.59 21.33 -11.35
C THR A 380 -47.32 22.82 -11.56
N ASN A 381 -48.09 23.71 -10.95
CA ASN A 381 -47.87 25.14 -11.16
C ASN A 381 -48.51 25.93 -10.02
N HIS A 382 -48.50 27.24 -10.15
CA HIS A 382 -49.33 28.14 -9.36
C HIS A 382 -50.46 28.65 -10.23
N GLN A 383 -51.69 28.31 -9.85
CA GLN A 383 -52.85 28.90 -10.48
C GLN A 383 -52.87 30.40 -10.25
N SER A 384 -53.53 31.11 -11.16
CA SER A 384 -53.67 32.56 -11.02
C SER A 384 -54.92 32.97 -11.77
N ALA A 385 -55.20 34.26 -11.77
CA ALA A 385 -56.30 34.78 -12.59
C ALA A 385 -56.03 34.57 -14.07
N GLN A 386 -54.77 34.44 -14.46
CA GLN A 386 -54.42 34.14 -15.83
C GLN A 386 -54.11 32.66 -16.08
N ALA A 387 -54.16 31.80 -15.06
CA ALA A 387 -53.64 30.45 -15.22
C ALA A 387 -54.58 29.44 -14.57
N GLN A 388 -55.02 28.47 -15.36
CA GLN A 388 -55.83 27.37 -14.86
C GLN A 388 -54.95 26.31 -14.20
N ALA A 389 -55.50 25.70 -13.15
CA ALA A 389 -54.73 24.76 -12.34
C ALA A 389 -54.37 23.53 -13.16
N GLN A 390 -53.13 23.08 -12.99
CA GLN A 390 -52.63 21.94 -13.73
C GLN A 390 -52.08 20.91 -12.76
N THR A 391 -52.32 19.64 -13.10
CA THR A 391 -51.89 18.52 -12.29
C THR A 391 -51.08 17.58 -13.15
N GLY A 392 -50.39 16.66 -12.49
CA GLY A 392 -49.58 15.69 -13.18
C GLY A 392 -49.55 14.38 -12.42
N TRP A 393 -49.25 13.32 -13.15
CA TRP A 393 -49.37 11.98 -12.57
C TRP A 393 -48.05 11.56 -11.95
N VAL A 394 -48.12 11.05 -10.73
CA VAL A 394 -46.92 10.65 -9.99
C VAL A 394 -46.66 9.19 -10.34
N GLN A 395 -45.62 8.95 -11.13
CA GLN A 395 -45.40 7.59 -11.61
C GLN A 395 -44.62 6.77 -10.59
N ASN A 396 -43.87 7.43 -9.71
CA ASN A 396 -43.18 6.75 -8.64
C ASN A 396 -43.15 7.65 -7.42
N GLN A 397 -43.36 7.04 -6.26
CA GLN A 397 -43.43 7.76 -5.00
C GLN A 397 -42.59 7.03 -3.98
N GLY A 398 -41.55 7.72 -3.47
CA GLY A 398 -40.76 7.20 -2.39
C GLY A 398 -41.46 7.38 -1.06
N ILE A 399 -40.77 6.99 0.00
CA ILE A 399 -41.37 7.02 1.32
C ILE A 399 -41.72 8.45 1.72
N LEU A 400 -42.92 8.63 2.27
CA LEU A 400 -43.34 9.81 2.98
C LEU A 400 -43.62 9.45 4.43
N PRO A 401 -43.37 10.36 5.37
CA PRO A 401 -43.76 10.10 6.74
C PRO A 401 -45.28 9.94 6.83
N GLY A 402 -45.70 8.88 7.48
CA GLY A 402 -47.11 8.56 7.57
C GLY A 402 -47.59 7.52 6.58
N MET A 403 -46.70 6.92 5.81
CA MET A 403 -47.07 5.78 4.99
C MET A 403 -47.19 4.52 5.83
N VAL A 404 -48.00 3.59 5.34
CA VAL A 404 -48.14 2.26 5.90
C VAL A 404 -48.31 1.31 4.72
N TRP A 405 -47.63 0.17 4.78
CA TRP A 405 -47.67 -0.75 3.65
C TRP A 405 -47.62 -2.18 4.16
N GLN A 406 -47.92 -3.11 3.27
CA GLN A 406 -47.77 -4.54 3.49
C GLN A 406 -46.66 -5.10 2.62
N ASP A 407 -45.91 -6.04 3.18
CA ASP A 407 -44.82 -6.66 2.45
C ASP A 407 -45.39 -7.72 1.51
N ARG A 408 -44.51 -8.34 0.72
CA ARG A 408 -44.96 -9.32 -0.24
C ARG A 408 -45.22 -10.65 0.45
N ASP A 409 -46.13 -11.44 -0.12
CA ASP A 409 -46.54 -12.68 0.50
C ASP A 409 -45.55 -13.80 0.20
N VAL A 410 -45.48 -14.76 1.10
CA VAL A 410 -44.66 -15.95 0.91
C VAL A 410 -45.55 -17.04 0.34
N TYR A 411 -44.95 -17.89 -0.49
CA TYR A 411 -45.64 -18.97 -1.15
C TYR A 411 -45.04 -20.30 -0.74
N LEU A 412 -45.83 -21.36 -0.92
CA LEU A 412 -45.32 -22.70 -0.71
C LEU A 412 -44.04 -22.93 -1.49
N GLN A 413 -43.95 -22.32 -2.67
CA GLN A 413 -42.82 -22.47 -3.57
C GLN A 413 -41.75 -21.39 -3.38
N GLY A 414 -42.04 -20.37 -2.60
CA GLY A 414 -41.22 -19.19 -2.57
C GLY A 414 -40.10 -19.25 -1.58
N PRO A 415 -39.17 -18.31 -1.68
CA PRO A 415 -38.02 -18.29 -0.78
C PRO A 415 -38.41 -17.95 0.65
N ILE A 416 -37.57 -18.39 1.58
CA ILE A 416 -37.79 -18.21 3.01
C ILE A 416 -37.06 -16.97 3.49
N TRP A 417 -35.75 -16.92 3.31
CA TRP A 417 -34.96 -15.81 3.83
C TRP A 417 -34.04 -15.25 2.74
N ALA A 418 -33.44 -14.10 3.06
CA ALA A 418 -32.39 -13.52 2.25
C ALA A 418 -31.38 -12.87 3.17
N LYS A 419 -30.21 -12.57 2.61
CA LYS A 419 -29.13 -11.94 3.37
C LYS A 419 -29.15 -10.44 3.13
N ILE A 420 -29.41 -9.67 4.17
CA ILE A 420 -29.29 -8.22 4.05
C ILE A 420 -27.83 -7.88 3.72
N PRO A 421 -27.54 -7.27 2.57
CA PRO A 421 -26.15 -6.96 2.26
C PRO A 421 -25.52 -6.11 3.34
N HIS A 422 -24.21 -6.22 3.48
CA HIS A 422 -23.53 -5.50 4.55
C HIS A 422 -23.19 -4.13 3.99
N THR A 423 -23.91 -3.10 4.47
CA THR A 423 -23.84 -1.77 3.92
C THR A 423 -23.98 -0.76 5.04
N ASP A 424 -23.70 0.51 4.69
CA ASP A 424 -23.89 1.59 5.64
C ASP A 424 -25.36 1.76 6.01
N GLY A 425 -26.26 1.59 5.06
CA GLY A 425 -27.66 1.78 5.34
C GLY A 425 -28.56 0.96 4.44
N ASN A 426 -29.73 0.66 4.97
CA ASN A 426 -30.78 -0.05 4.28
C ASN A 426 -32.10 0.49 4.77
N PHE A 427 -33.15 0.28 4.00
CA PHE A 427 -34.48 0.63 4.47
C PHE A 427 -35.41 -0.56 4.29
N HIS A 428 -36.21 -0.84 5.33
CA HIS A 428 -37.15 -1.94 5.46
C HIS A 428 -36.51 -3.18 4.85
N PRO A 429 -35.51 -3.73 5.50
CA PRO A 429 -34.66 -4.74 4.88
C PRO A 429 -35.37 -6.00 4.39
N SER A 430 -36.66 -6.15 4.68
CA SER A 430 -37.41 -7.29 4.17
C SER A 430 -37.16 -7.45 2.67
N PRO A 431 -36.79 -8.64 2.21
CA PRO A 431 -36.44 -8.81 0.80
C PRO A 431 -37.66 -8.68 -0.10
N LEU A 432 -37.41 -8.25 -1.33
CA LEU A 432 -38.49 -7.88 -2.23
C LEU A 432 -39.20 -9.08 -2.82
N MET A 433 -38.54 -10.23 -2.89
CA MET A 433 -39.21 -11.42 -3.39
C MET A 433 -40.00 -12.13 -2.30
N GLY A 434 -40.06 -11.57 -1.11
CA GLY A 434 -40.70 -12.17 0.03
C GLY A 434 -39.70 -12.84 0.96
N GLY A 435 -40.13 -13.08 2.18
CA GLY A 435 -39.32 -13.78 3.14
C GLY A 435 -38.70 -12.89 4.20
N PHE A 436 -37.72 -13.48 4.89
CA PHE A 436 -37.13 -12.88 6.08
C PHE A 436 -35.74 -12.36 5.77
N GLY A 437 -35.60 -11.05 5.70
CA GLY A 437 -34.29 -10.43 5.46
C GLY A 437 -33.42 -10.51 6.71
N MET A 438 -32.21 -11.01 6.52
CA MET A 438 -31.38 -11.29 7.69
C MET A 438 -29.96 -10.82 7.46
N LYS A 439 -29.34 -10.32 8.52
CA LYS A 439 -27.91 -10.03 8.49
C LYS A 439 -27.07 -11.29 8.62
N HIS A 440 -27.45 -12.17 9.54
CA HIS A 440 -26.75 -13.43 9.77
C HIS A 440 -27.74 -14.55 9.46
N PRO A 441 -27.97 -14.82 8.18
CA PRO A 441 -28.94 -15.86 7.80
C PRO A 441 -28.38 -17.24 8.08
N PRO A 442 -29.14 -18.30 7.81
CA PRO A 442 -28.56 -19.62 7.86
C PRO A 442 -27.33 -19.70 6.99
N PRO A 443 -26.22 -20.20 7.51
CA PRO A 443 -24.97 -20.12 6.78
C PRO A 443 -24.96 -21.06 5.59
N GLN A 444 -24.13 -20.73 4.62
CA GLN A 444 -23.91 -21.63 3.50
C GLN A 444 -23.20 -22.89 3.99
N ILE A 445 -23.58 -24.01 3.40
CA ILE A 445 -22.99 -25.29 3.72
C ILE A 445 -22.36 -25.82 2.45
N LEU A 446 -21.04 -25.90 2.43
CA LEU A 446 -20.29 -26.24 1.24
C LEU A 446 -19.74 -27.65 1.36
N ILE A 447 -19.75 -28.38 0.25
CA ILE A 447 -19.38 -29.78 0.26
C ILE A 447 -18.69 -30.12 -1.06
N LYS A 448 -17.70 -31.00 -0.99
CA LYS A 448 -17.06 -31.52 -2.19
C LYS A 448 -16.53 -32.92 -1.91
N ASN A 449 -16.36 -33.68 -2.99
CA ASN A 449 -15.63 -34.94 -2.92
C ASN A 449 -14.15 -34.64 -2.89
N THR A 450 -13.45 -35.16 -1.89
CA THR A 450 -12.01 -35.02 -1.85
C THR A 450 -11.42 -35.70 -3.08
N PRO A 451 -10.54 -35.02 -3.83
CA PRO A 451 -9.99 -35.63 -5.03
C PRO A 451 -9.09 -36.82 -4.69
N VAL A 452 -9.19 -37.86 -5.50
CA VAL A 452 -8.31 -39.02 -5.34
C VAL A 452 -7.49 -39.15 -6.61
N PRO A 453 -6.18 -39.01 -6.54
CA PRO A 453 -5.37 -39.10 -7.74
C PRO A 453 -5.23 -40.53 -8.22
N ALA A 454 -5.25 -40.71 -9.53
CA ALA A 454 -4.86 -41.99 -10.09
C ALA A 454 -3.35 -42.15 -9.91
N ASP A 455 -2.80 -43.25 -10.39
CA ASP A 455 -1.41 -43.56 -10.09
C ASP A 455 -0.47 -42.53 -10.70
N PRO A 456 0.30 -41.80 -9.89
CA PRO A 456 1.20 -40.80 -10.41
C PRO A 456 2.42 -41.45 -11.03
N PRO A 457 3.18 -40.72 -11.84
CA PRO A 457 4.37 -41.32 -12.48
C PRO A 457 5.36 -41.82 -11.45
N THR A 458 6.27 -42.68 -11.91
CA THR A 458 7.29 -43.23 -11.04
C THR A 458 8.58 -42.44 -11.02
N ALA A 459 8.72 -41.44 -11.91
CA ALA A 459 9.78 -40.44 -11.81
C ALA A 459 9.14 -39.12 -11.43
N PHE A 460 9.82 -38.34 -10.59
CA PHE A 460 9.19 -37.16 -10.02
C PHE A 460 9.00 -36.06 -11.03
N ASN A 461 7.85 -35.39 -10.93
CA ASN A 461 7.50 -34.27 -11.79
C ASN A 461 6.81 -33.21 -10.95
N LYS A 462 7.11 -31.94 -11.22
CA LYS A 462 6.64 -30.87 -10.36
C LYS A 462 5.21 -30.44 -10.64
N ASP A 463 4.65 -30.84 -11.78
CA ASP A 463 3.32 -30.38 -12.14
C ASP A 463 2.29 -30.86 -11.14
N LYS A 464 1.17 -30.15 -11.08
CA LYS A 464 0.06 -30.66 -10.30
C LYS A 464 -0.54 -31.87 -11.01
N LEU A 465 -1.24 -32.69 -10.24
CA LEU A 465 -1.76 -33.94 -10.78
C LEU A 465 -3.07 -33.68 -11.51
N ASN A 466 -3.09 -33.99 -12.80
CA ASN A 466 -4.27 -33.80 -13.64
C ASN A 466 -5.10 -35.06 -13.84
N SER A 467 -4.75 -36.17 -13.20
CA SER A 467 -5.41 -37.46 -13.44
C SER A 467 -5.99 -37.99 -12.14
N PHE A 468 -7.32 -38.08 -12.07
CA PHE A 468 -7.99 -38.52 -10.87
C PHE A 468 -8.89 -39.70 -11.15
N ILE A 469 -9.27 -40.39 -10.08
CA ILE A 469 -10.24 -41.47 -10.16
C ILE A 469 -11.62 -40.86 -10.29
N THR A 470 -12.39 -41.34 -11.26
CA THR A 470 -13.76 -40.89 -11.41
C THR A 470 -14.58 -41.33 -10.21
N GLN A 471 -15.27 -40.39 -9.58
CA GLN A 471 -15.78 -40.67 -8.25
C GLN A 471 -16.95 -39.72 -7.97
N TYR A 472 -17.87 -40.18 -7.13
CA TYR A 472 -19.02 -39.38 -6.74
C TYR A 472 -19.51 -39.91 -5.41
N SER A 473 -20.36 -39.15 -4.74
CA SER A 473 -20.84 -39.56 -3.43
C SER A 473 -22.33 -39.37 -3.30
N THR A 474 -22.91 -40.07 -2.33
CA THR A 474 -24.32 -39.97 -2.02
C THR A 474 -24.47 -40.01 -0.51
N GLY A 475 -25.65 -39.65 -0.04
CA GLY A 475 -25.90 -39.67 1.40
C GLY A 475 -27.27 -39.14 1.72
N GLN A 476 -27.46 -38.79 2.99
CA GLN A 476 -28.74 -38.30 3.46
C GLN A 476 -28.58 -36.91 4.06
N VAL A 477 -29.64 -36.12 4.00
CA VAL A 477 -29.65 -34.78 4.56
C VAL A 477 -30.94 -34.57 5.34
N SER A 478 -30.80 -34.25 6.62
CA SER A 478 -31.92 -33.90 7.46
C SER A 478 -31.78 -32.45 7.93
N VAL A 479 -32.87 -31.71 7.87
CA VAL A 479 -32.90 -30.32 8.31
C VAL A 479 -34.16 -30.09 9.13
N GLU A 480 -33.97 -29.61 10.35
CA GLU A 480 -35.06 -29.45 11.31
C GLU A 480 -35.17 -27.99 11.71
N ILE A 481 -36.27 -27.34 11.31
CA ILE A 481 -36.48 -25.93 11.62
C ILE A 481 -37.64 -25.80 12.60
N GLU A 482 -37.40 -25.13 13.72
CA GLU A 482 -38.46 -24.74 14.64
C GLU A 482 -39.08 -23.44 14.13
N TRP A 483 -40.39 -23.31 14.31
CA TRP A 483 -41.14 -22.16 13.82
C TRP A 483 -41.98 -21.59 14.94
N GLU A 484 -42.11 -20.27 14.99
CA GLU A 484 -42.96 -19.61 15.97
C GLU A 484 -44.21 -19.12 15.28
N LEU A 485 -45.34 -19.24 15.97
CA LEU A 485 -46.63 -18.92 15.40
C LEU A 485 -47.26 -17.75 16.14
N GLN A 486 -48.19 -17.08 15.46
CA GLN A 486 -48.84 -15.94 16.04
C GLN A 486 -50.34 -16.19 16.16
N GLU B 216 -48.83 4.34 26.08
CA GLU B 216 -47.67 3.79 25.39
C GLU B 216 -46.60 4.86 25.23
N ASN B 217 -45.37 4.44 25.00
CA ASN B 217 -44.24 5.36 25.02
C ASN B 217 -44.16 6.14 23.71
N VAL B 218 -44.25 7.46 23.80
CA VAL B 218 -44.27 8.32 22.61
C VAL B 218 -43.35 9.51 22.83
N PRO B 219 -42.81 10.07 21.76
CA PRO B 219 -41.96 11.25 21.89
C PRO B 219 -42.77 12.48 22.28
N PHE B 220 -42.10 13.39 22.99
CA PHE B 220 -42.69 14.68 23.26
C PHE B 220 -43.07 15.37 21.97
N HIS B 221 -44.25 15.96 21.95
CA HIS B 221 -44.65 16.73 20.79
C HIS B 221 -43.75 17.95 20.82
N SER B 222 -43.19 18.34 19.69
CA SER B 222 -42.34 19.51 19.71
C SER B 222 -43.22 20.74 19.65
N SER B 223 -43.08 21.61 20.64
CA SER B 223 -43.88 22.81 20.71
C SER B 223 -42.95 23.98 20.87
N TYR B 224 -42.20 24.22 19.81
CA TYR B 224 -41.27 25.31 19.73
C TYR B 224 -41.02 25.62 18.26
N ALA B 225 -40.50 26.81 17.99
CA ALA B 225 -40.21 27.20 16.63
C ALA B 225 -38.70 27.37 16.54
N HIS B 226 -38.10 26.81 15.51
CA HIS B 226 -36.66 26.94 15.37
C HIS B 226 -36.30 28.41 15.14
N SER B 227 -35.22 28.85 15.77
CA SER B 227 -34.75 30.22 15.63
C SER B 227 -33.73 30.35 14.51
N GLN B 228 -33.44 29.24 13.85
CA GLN B 228 -32.50 29.19 12.75
C GLN B 228 -33.11 28.42 11.61
N SER B 229 -32.62 28.65 10.40
CA SER B 229 -33.13 27.94 9.24
C SER B 229 -32.09 26.90 8.82
N LEU B 230 -32.55 25.87 8.12
CA LEU B 230 -31.68 24.78 7.68
C LEU B 230 -30.55 25.25 6.77
N ASP B 231 -30.83 26.22 5.91
CA ASP B 231 -29.79 26.73 5.02
C ASP B 231 -28.90 27.80 5.66
N ARG B 232 -29.22 28.21 6.89
CA ARG B 232 -28.44 29.25 7.59
C ARG B 232 -27.64 28.77 8.81
N LEU B 233 -27.38 27.48 8.91
CA LEU B 233 -26.64 26.91 10.04
C LEU B 233 -25.18 27.34 10.23
N MET B 234 -24.54 27.76 9.14
CA MET B 234 -23.14 28.16 9.15
C MET B 234 -22.76 29.45 9.89
N ASN B 235 -21.48 29.55 10.22
CA ASN B 235 -20.89 30.71 10.88
C ASN B 235 -20.63 31.71 9.77
N PRO B 236 -21.24 32.91 9.88
CA PRO B 236 -21.15 34.00 8.90
C PRO B 236 -19.74 34.57 8.75
N LEU B 237 -19.00 34.66 9.84
CA LEU B 237 -17.64 35.20 9.81
C LEU B 237 -16.56 34.41 9.05
N ILE B 238 -16.60 33.09 9.15
CA ILE B 238 -15.58 32.21 8.56
C ILE B 238 -15.85 31.53 7.21
N ASP B 239 -14.86 31.57 6.32
CA ASP B 239 -14.92 30.92 5.02
C ASP B 239 -14.86 29.40 5.13
N GLN B 240 -15.59 28.69 4.29
CA GLN B 240 -15.54 27.22 4.26
C GLN B 240 -14.26 26.78 3.55
N TYR B 241 -13.74 25.60 3.87
CA TYR B 241 -12.53 25.14 3.17
C TYR B 241 -12.85 24.43 1.86
N LEU B 242 -14.12 24.16 1.63
CA LEU B 242 -14.59 23.51 0.42
C LEU B 242 -14.66 24.47 -0.76
N TYR B 243 -14.63 23.93 -1.96
CA TYR B 243 -14.69 24.75 -3.17
C TYR B 243 -15.87 24.32 -4.02
N TYR B 244 -16.42 25.25 -4.78
CA TYR B 244 -17.54 24.97 -5.67
C TYR B 244 -17.20 25.49 -7.05
N LEU B 245 -17.83 24.96 -8.08
CA LEU B 245 -17.54 25.39 -9.45
C LEU B 245 -18.31 26.64 -9.83
N SER B 246 -17.70 27.79 -9.55
CA SER B 246 -18.30 29.09 -9.85
C SER B 246 -18.48 29.48 -11.32
N LYS B 247 -17.48 29.24 -12.15
CA LYS B 247 -17.54 29.65 -13.54
C LYS B 247 -17.20 28.56 -14.55
N THR B 248 -18.07 28.38 -15.56
CA THR B 248 -17.80 27.35 -16.59
C THR B 248 -17.32 27.83 -17.96
N ILE B 249 -17.26 29.13 -18.18
CA ILE B 249 -16.79 29.67 -19.47
C ILE B 249 -15.98 30.94 -19.26
N ASN B 250 -14.99 31.19 -20.11
CA ASN B 250 -14.20 32.41 -19.97
C ASN B 250 -15.10 33.60 -20.28
N GLY B 251 -16.10 33.34 -21.12
CA GLY B 251 -17.12 34.32 -21.48
C GLY B 251 -16.97 35.21 -22.69
N SER B 252 -18.12 35.57 -23.25
CA SER B 252 -18.24 36.47 -24.39
C SER B 252 -17.44 36.06 -25.61
N GLY B 253 -17.40 34.76 -25.92
CA GLY B 253 -16.67 34.29 -27.08
C GLY B 253 -17.00 32.89 -27.53
N GLN B 254 -16.56 32.53 -28.73
CA GLN B 254 -16.72 31.18 -29.24
C GLN B 254 -15.63 30.31 -28.60
N ASN B 255 -15.93 29.03 -28.40
CA ASN B 255 -14.97 28.07 -27.83
C ASN B 255 -14.34 28.46 -26.50
N GLN B 256 -15.14 28.99 -25.59
CA GLN B 256 -14.64 29.35 -24.28
C GLN B 256 -15.17 28.29 -23.35
N GLN B 257 -14.26 27.57 -22.72
CA GLN B 257 -14.64 26.53 -21.78
C GLN B 257 -13.53 26.48 -20.76
N THR B 258 -13.91 26.56 -19.51
CA THR B 258 -12.93 26.54 -18.44
C THR B 258 -13.56 26.08 -17.16
N LEU B 259 -12.75 25.64 -16.21
CA LEU B 259 -13.27 25.24 -14.92
C LEU B 259 -12.69 26.22 -13.92
N LYS B 260 -13.55 26.89 -13.17
CA LYS B 260 -13.10 27.83 -12.16
C LYS B 260 -13.75 27.46 -10.86
N PHE B 261 -13.01 27.53 -9.77
CA PHE B 261 -13.55 27.18 -8.47
C PHE B 261 -13.30 28.31 -7.49
N SER B 262 -14.22 28.48 -6.56
CA SER B 262 -14.08 29.53 -5.56
C SER B 262 -14.36 28.99 -4.18
N VAL B 263 -13.75 29.60 -3.18
CA VAL B 263 -13.96 29.17 -1.81
C VAL B 263 -15.41 29.46 -1.46
N ALA B 264 -16.09 28.52 -0.80
CA ALA B 264 -17.47 28.77 -0.40
C ALA B 264 -17.37 29.89 0.61
N GLY B 265 -18.24 30.89 0.49
CA GLY B 265 -18.16 32.03 1.36
C GLY B 265 -19.46 32.56 1.93
N PRO B 266 -19.34 33.50 2.87
CA PRO B 266 -20.44 34.21 3.54
C PRO B 266 -21.23 35.00 2.51
N SER B 267 -20.52 35.59 1.55
CA SER B 267 -21.14 36.38 0.49
C SER B 267 -22.06 35.52 -0.39
N ASN B 268 -21.70 34.27 -0.61
CA ASN B 268 -22.49 33.39 -1.45
C ASN B 268 -22.84 32.12 -0.67
N MET B 269 -23.77 32.29 0.27
CA MET B 269 -24.25 31.21 1.13
C MET B 269 -25.05 30.12 0.41
N ALA B 270 -25.63 30.46 -0.72
CA ALA B 270 -26.45 29.51 -1.48
C ALA B 270 -25.66 28.28 -1.93
N VAL B 271 -24.41 28.48 -2.34
CA VAL B 271 -23.57 27.40 -2.83
C VAL B 271 -22.81 26.60 -1.77
N GLN B 272 -22.92 26.98 -0.51
CA GLN B 272 -22.21 26.26 0.55
C GLN B 272 -22.65 24.81 0.72
N GLY B 273 -21.68 23.93 0.98
CA GLY B 273 -21.96 22.53 1.20
C GLY B 273 -22.70 22.35 2.51
N ARG B 274 -23.70 21.48 2.53
CA ARG B 274 -24.47 21.28 3.76
C ARG B 274 -24.65 19.83 4.16
N ASN B 275 -24.53 19.60 5.47
CA ASN B 275 -24.72 18.28 6.06
C ASN B 275 -26.14 17.74 5.95
N TYR B 276 -27.13 18.61 6.10
CA TYR B 276 -28.54 18.19 6.08
C TYR B 276 -29.40 18.94 5.06
N ILE B 277 -30.48 18.30 4.63
CA ILE B 277 -31.37 18.86 3.63
C ILE B 277 -32.79 18.87 4.15
N PRO B 278 -33.66 19.69 3.54
CA PRO B 278 -35.05 19.86 3.94
C PRO B 278 -35.89 18.60 3.79
N GLY B 279 -36.96 18.52 4.58
CA GLY B 279 -37.88 17.39 4.62
C GLY B 279 -38.70 17.19 3.37
N PRO B 280 -39.29 15.98 3.22
CA PRO B 280 -40.08 15.50 2.09
C PRO B 280 -41.33 16.31 1.78
N SER B 281 -41.61 16.49 0.49
CA SER B 281 -42.76 17.26 0.04
C SER B 281 -43.55 16.63 -1.10
N TYR B 282 -44.85 16.88 -1.10
CA TYR B 282 -45.75 16.42 -2.14
C TYR B 282 -46.42 17.73 -2.57
N ARG B 283 -46.38 18.10 -3.83
CA ARG B 283 -46.95 19.40 -4.19
C ARG B 283 -48.46 19.57 -4.06
N GLN B 284 -48.87 20.78 -3.70
CA GLN B 284 -50.27 21.14 -3.51
C GLN B 284 -50.62 22.39 -4.29
N GLN B 285 -51.89 22.53 -4.63
CA GLN B 285 -52.35 23.73 -5.34
C GLN B 285 -52.36 24.90 -4.37
N ARG B 286 -52.15 26.11 -4.89
CA ARG B 286 -52.12 27.30 -4.04
C ARG B 286 -53.39 28.12 -4.21
N VAL B 287 -54.05 28.44 -3.09
CA VAL B 287 -55.28 29.21 -3.12
C VAL B 287 -55.19 30.51 -2.34
N SER B 288 -55.63 31.60 -2.97
CA SER B 288 -55.61 32.92 -2.36
C SER B 288 -56.96 33.28 -1.78
N THR B 289 -56.96 33.88 -0.59
CA THR B 289 -58.19 34.29 0.06
C THR B 289 -58.91 35.34 -0.79
N THR B 290 -58.16 36.27 -1.37
CA THR B 290 -58.77 37.27 -2.22
C THR B 290 -59.37 36.49 -3.39
N VAL B 291 -60.62 36.76 -3.71
CA VAL B 291 -61.31 36.09 -4.80
C VAL B 291 -60.71 36.38 -6.17
N THR B 292 -60.31 37.63 -6.38
CA THR B 292 -59.77 38.10 -7.66
C THR B 292 -58.48 37.41 -8.08
N GLN B 293 -57.59 37.16 -7.13
CA GLN B 293 -56.33 36.52 -7.42
C GLN B 293 -56.50 35.10 -7.99
N ASN B 294 -57.48 34.37 -7.46
CA ASN B 294 -57.78 33.00 -7.92
C ASN B 294 -58.36 32.95 -9.32
N ASN B 295 -58.19 31.81 -9.99
CA ASN B 295 -58.70 31.61 -11.35
C ASN B 295 -60.22 31.61 -11.38
N ASN B 296 -60.80 32.12 -12.46
CA ASN B 296 -62.24 32.18 -12.62
C ASN B 296 -62.81 30.87 -13.17
N SER B 297 -62.74 29.81 -12.37
CA SER B 297 -63.25 28.50 -12.77
C SER B 297 -63.42 27.63 -11.55
N GLU B 298 -64.09 26.48 -11.70
CA GLU B 298 -64.24 25.58 -10.58
C GLU B 298 -63.10 24.58 -10.68
N PHE B 299 -62.11 24.75 -9.82
CA PHE B 299 -60.93 23.89 -9.78
C PHE B 299 -60.79 23.20 -8.44
N ALA B 300 -61.86 23.16 -7.66
CA ALA B 300 -61.79 22.60 -6.32
C ALA B 300 -61.38 21.13 -6.27
N TRP B 301 -61.93 20.31 -7.16
CA TRP B 301 -61.57 18.89 -7.17
C TRP B 301 -60.52 18.54 -8.21
N PRO B 302 -60.63 19.11 -9.41
CA PRO B 302 -59.73 18.86 -10.54
C PRO B 302 -58.28 19.26 -10.27
N GLY B 303 -58.07 20.37 -9.59
CA GLY B 303 -56.73 20.83 -9.30
C GLY B 303 -56.11 20.26 -8.04
N ALA B 304 -56.89 19.48 -7.30
CA ALA B 304 -56.44 18.89 -6.05
C ALA B 304 -55.40 17.77 -6.20
N SER B 305 -54.64 17.54 -5.15
CA SER B 305 -53.62 16.49 -5.11
C SER B 305 -54.24 15.29 -4.41
N SER B 306 -54.15 14.13 -5.05
CA SER B 306 -54.76 12.92 -4.50
C SER B 306 -53.91 11.67 -4.62
N TRP B 307 -54.22 10.68 -3.80
CA TRP B 307 -53.53 9.39 -3.86
C TRP B 307 -54.56 8.31 -4.19
N ALA B 308 -54.24 7.47 -5.16
CA ALA B 308 -55.17 6.44 -5.59
C ALA B 308 -54.92 5.07 -4.98
N LEU B 309 -55.96 4.54 -4.34
CA LEU B 309 -55.89 3.23 -3.72
C LEU B 309 -57.00 2.35 -4.29
N ASN B 310 -56.62 1.19 -4.81
CA ASN B 310 -57.58 0.22 -5.34
C ASN B 310 -58.55 0.81 -6.37
N GLY B 311 -58.05 1.64 -7.27
CA GLY B 311 -58.91 2.25 -8.28
C GLY B 311 -59.76 3.41 -7.80
N ARG B 312 -59.48 3.90 -6.60
CA ARG B 312 -60.25 5.00 -6.02
C ARG B 312 -59.34 6.16 -5.66
N ASN B 313 -59.76 7.38 -6.02
CA ASN B 313 -58.96 8.56 -5.74
C ASN B 313 -59.41 9.19 -4.43
N SER B 314 -58.47 9.35 -3.51
CA SER B 314 -58.73 9.95 -2.21
C SER B 314 -57.90 11.21 -2.13
N LEU B 315 -58.51 12.30 -1.69
CA LEU B 315 -57.82 13.58 -1.58
C LEU B 315 -56.69 13.49 -0.55
N MET B 316 -55.59 14.17 -0.83
CA MET B 316 -54.45 14.18 0.08
C MET B 316 -54.71 15.24 1.13
N ASN B 317 -55.48 14.86 2.14
CA ASN B 317 -55.88 15.75 3.21
C ASN B 317 -55.46 15.20 4.58
N PRO B 318 -54.79 16.01 5.40
CA PRO B 318 -54.04 17.22 5.08
C PRO B 318 -52.85 16.94 4.18
N GLY B 319 -52.18 15.80 4.41
CA GLY B 319 -51.02 15.43 3.63
C GLY B 319 -49.75 15.62 4.43
N PRO B 320 -48.59 15.43 3.78
CA PRO B 320 -47.29 15.57 4.44
C PRO B 320 -47.11 16.98 4.99
N ALA B 321 -46.50 17.10 6.16
CA ALA B 321 -46.32 18.43 6.73
C ALA B 321 -45.41 19.24 5.82
N MET B 322 -45.87 20.44 5.50
CA MET B 322 -45.13 21.37 4.64
C MET B 322 -45.51 22.78 5.05
N ALA B 323 -44.66 23.75 4.74
CA ALA B 323 -44.98 25.12 5.09
C ALA B 323 -46.22 25.52 4.31
N SER B 324 -47.13 26.20 4.99
CA SER B 324 -48.37 26.64 4.36
C SER B 324 -48.09 27.64 3.26
N HIS B 325 -47.14 28.53 3.51
CA HIS B 325 -46.80 29.58 2.57
C HIS B 325 -45.39 30.05 2.82
N LYS B 326 -44.84 30.76 1.84
CA LYS B 326 -43.50 31.35 1.95
C LYS B 326 -43.54 32.55 2.90
N GLU B 327 -42.40 32.92 3.46
CA GLU B 327 -42.35 34.05 4.38
C GLU B 327 -42.82 35.30 3.65
N GLY B 328 -43.65 36.10 4.32
CA GLY B 328 -44.19 37.29 3.72
C GLY B 328 -45.37 37.06 2.80
N GLU B 329 -45.95 35.86 2.87
CA GLU B 329 -47.10 35.55 2.02
C GLU B 329 -48.22 34.99 2.87
N ASP B 330 -48.77 35.87 3.71
CA ASP B 330 -49.84 35.53 4.64
C ASP B 330 -51.12 35.05 3.97
N ARG B 331 -51.47 35.64 2.84
CA ARG B 331 -52.71 35.31 2.14
C ARG B 331 -52.91 33.87 1.63
N PHE B 332 -51.88 33.27 1.05
CA PHE B 332 -52.00 31.93 0.47
C PHE B 332 -52.13 30.72 1.41
N PHE B 333 -52.95 29.76 0.99
CA PHE B 333 -53.13 28.51 1.72
C PHE B 333 -53.24 27.36 0.72
N PRO B 334 -52.75 26.18 1.09
CA PRO B 334 -52.83 25.01 0.21
C PRO B 334 -54.28 24.56 0.03
N LEU B 335 -54.63 24.08 -1.15
CA LEU B 335 -56.01 23.71 -1.43
C LEU B 335 -56.54 22.59 -0.52
N SER B 336 -55.73 21.57 -0.28
CA SER B 336 -56.11 20.49 0.63
C SER B 336 -55.13 20.37 1.78
N GLY B 337 -54.14 21.28 1.80
CA GLY B 337 -53.07 21.28 2.77
C GLY B 337 -53.23 21.47 4.27
N SER B 338 -54.11 22.36 4.71
CA SER B 338 -54.21 22.59 6.15
C SER B 338 -55.61 22.44 6.75
N LEU B 339 -55.64 22.15 8.04
CA LEU B 339 -56.88 21.98 8.77
C LEU B 339 -57.71 23.26 8.76
N ILE B 340 -59.01 23.12 8.59
CA ILE B 340 -59.89 24.28 8.55
C ILE B 340 -60.98 24.22 9.63
N ILE B 358 -58.96 28.27 9.16
CA ILE B 358 -57.82 27.93 8.31
C ILE B 358 -56.48 28.12 9.03
N THR B 359 -55.94 27.03 9.55
CA THR B 359 -54.65 27.04 10.24
C THR B 359 -53.47 27.18 9.29
N ASN B 360 -52.34 27.68 9.82
CA ASN B 360 -51.14 27.83 9.00
C ASN B 360 -49.98 27.12 9.68
N GLU B 361 -49.02 26.68 8.88
CA GLU B 361 -47.85 25.99 9.39
C GLU B 361 -46.59 26.75 9.03
N GLU B 362 -46.59 28.05 9.27
CA GLU B 362 -45.42 28.87 8.95
C GLU B 362 -44.24 28.60 9.88
N GLU B 363 -44.52 28.02 11.04
CA GLU B 363 -43.48 27.72 12.02
C GLU B 363 -42.42 26.73 11.51
N ILE B 364 -42.86 25.74 10.74
CA ILE B 364 -42.00 24.69 10.21
C ILE B 364 -41.30 25.04 8.89
N LYS B 365 -41.44 26.29 8.45
CA LYS B 365 -40.84 26.77 7.21
C LYS B 365 -39.31 26.67 7.19
N THR B 366 -38.68 26.85 8.35
CA THR B 366 -37.23 26.78 8.47
C THR B 366 -36.67 25.41 8.07
N THR B 367 -37.37 24.34 8.44
CA THR B 367 -36.92 22.98 8.10
C THR B 367 -37.69 22.38 6.93
N ASN B 368 -39.02 22.40 7.01
CA ASN B 368 -39.88 21.86 5.94
C ASN B 368 -40.16 22.78 4.77
N PRO B 369 -40.17 22.23 3.55
CA PRO B 369 -40.44 23.00 2.33
C PRO B 369 -41.89 23.47 2.25
N VAL B 370 -42.13 24.56 1.53
CA VAL B 370 -43.47 25.10 1.36
C VAL B 370 -44.31 24.09 0.60
N ALA B 371 -45.57 23.94 0.97
CA ALA B 371 -46.47 22.97 0.34
C ALA B 371 -46.95 23.33 -1.07
N THR B 372 -46.78 24.58 -1.46
CA THR B 372 -47.19 25.06 -2.77
C THR B 372 -46.03 25.17 -3.75
N GLU B 373 -44.83 24.74 -3.38
CA GLU B 373 -43.63 24.98 -4.17
C GLU B 373 -43.05 23.67 -4.67
N SER B 374 -42.27 23.77 -5.74
CA SER B 374 -41.42 22.65 -6.11
C SER B 374 -40.38 22.42 -5.04
N TYR B 375 -40.03 21.15 -4.82
CA TYR B 375 -38.99 20.86 -3.84
C TYR B 375 -37.65 21.44 -4.27
N GLY B 376 -37.39 21.46 -5.58
CA GLY B 376 -36.12 21.90 -6.08
C GLY B 376 -36.05 21.67 -7.57
N GLN B 377 -34.83 21.57 -8.08
CA GLN B 377 -34.58 21.20 -9.47
C GLN B 377 -33.49 20.14 -9.55
N VAL B 378 -33.67 19.20 -10.48
CA VAL B 378 -32.68 18.19 -10.78
C VAL B 378 -32.23 18.38 -12.22
N ALA B 379 -31.05 17.89 -12.52
CA ALA B 379 -30.60 17.82 -13.90
C ALA B 379 -31.44 16.80 -14.65
N THR B 380 -31.88 17.15 -15.86
CA THR B 380 -32.61 16.19 -16.69
C THR B 380 -31.81 15.59 -17.83
N ASN B 381 -30.56 15.99 -18.06
CA ASN B 381 -29.83 15.45 -19.20
C ASN B 381 -28.34 15.53 -18.94
N HIS B 382 -27.57 14.86 -19.80
CA HIS B 382 -26.13 15.09 -19.90
C HIS B 382 -25.87 16.25 -20.83
N GLN B 383 -25.22 17.28 -20.33
CA GLN B 383 -24.76 18.35 -21.19
C GLN B 383 -23.59 17.89 -22.05
N SER B 384 -23.32 18.64 -23.10
CA SER B 384 -22.15 18.38 -23.94
C SER B 384 -21.94 19.61 -24.80
N ALA B 385 -20.93 19.55 -25.66
CA ALA B 385 -20.70 20.65 -26.58
C ALA B 385 -21.92 20.86 -27.47
N GLN B 386 -22.66 19.79 -27.76
CA GLN B 386 -23.86 19.94 -28.57
C GLN B 386 -25.07 20.37 -27.74
N ALA B 387 -25.16 19.96 -26.49
CA ALA B 387 -26.40 20.06 -25.74
C ALA B 387 -26.26 20.94 -24.51
N GLN B 388 -27.14 21.92 -24.39
CA GLN B 388 -27.21 22.74 -23.19
C GLN B 388 -27.66 21.94 -21.98
N ALA B 389 -27.21 22.36 -20.81
CA ALA B 389 -27.61 21.71 -19.58
C ALA B 389 -29.05 22.07 -19.23
N GLN B 390 -29.82 21.08 -18.82
CA GLN B 390 -31.23 21.26 -18.57
C GLN B 390 -31.56 20.89 -17.13
N THR B 391 -32.73 21.30 -16.68
CA THR B 391 -33.23 20.96 -15.37
C THR B 391 -34.72 20.67 -15.46
N GLY B 392 -35.29 20.25 -14.35
CA GLY B 392 -36.71 20.05 -14.24
C GLY B 392 -37.13 20.28 -12.81
N TRP B 393 -38.42 20.52 -12.62
CA TRP B 393 -38.91 20.85 -11.29
C TRP B 393 -39.34 19.56 -10.58
N VAL B 394 -38.98 19.44 -9.31
CA VAL B 394 -39.34 18.28 -8.52
C VAL B 394 -40.63 18.59 -7.78
N GLN B 395 -41.73 17.96 -8.20
CA GLN B 395 -43.01 18.27 -7.60
C GLN B 395 -43.25 17.50 -6.30
N ASN B 396 -42.81 16.25 -6.24
CA ASN B 396 -42.85 15.48 -5.02
C ASN B 396 -41.48 14.88 -4.79
N GLN B 397 -41.10 14.74 -3.52
CA GLN B 397 -39.82 14.15 -3.17
C GLN B 397 -39.99 13.25 -1.95
N GLY B 398 -39.65 11.98 -2.11
CA GLY B 398 -39.64 11.06 -0.99
C GLY B 398 -38.39 11.19 -0.15
N ILE B 399 -38.38 10.44 0.94
CA ILE B 399 -37.30 10.53 1.92
C ILE B 399 -35.94 10.29 1.29
N LEU B 400 -34.95 11.07 1.72
CA LEU B 400 -33.55 10.95 1.37
C LEU B 400 -32.73 10.94 2.65
N PRO B 401 -31.66 10.16 2.70
CA PRO B 401 -30.77 10.22 3.86
C PRO B 401 -30.16 11.61 3.98
N GLY B 402 -30.25 12.18 5.17
CA GLY B 402 -29.90 13.56 5.38
C GLY B 402 -31.07 14.50 5.57
N MET B 403 -32.29 14.09 5.19
CA MET B 403 -33.45 14.94 5.41
C MET B 403 -33.78 15.06 6.89
N VAL B 404 -34.25 16.24 7.28
CA VAL B 404 -34.86 16.46 8.59
C VAL B 404 -36.16 17.20 8.36
N TRP B 405 -37.09 17.07 9.31
CA TRP B 405 -38.37 17.72 9.15
C TRP B 405 -39.03 17.92 10.51
N GLN B 406 -40.01 18.81 10.53
CA GLN B 406 -40.93 18.99 11.65
C GLN B 406 -42.27 18.40 11.29
N ASP B 407 -42.99 17.93 12.30
CA ASP B 407 -44.33 17.44 12.07
C ASP B 407 -45.35 18.55 12.30
N ARG B 408 -46.60 18.25 12.01
CA ARG B 408 -47.64 19.27 12.05
C ARG B 408 -48.03 19.56 13.49
N ASP B 409 -48.28 20.83 13.77
CA ASP B 409 -48.57 21.27 15.12
C ASP B 409 -50.00 20.88 15.50
N VAL B 410 -50.18 20.52 16.76
CA VAL B 410 -51.49 20.10 17.27
C VAL B 410 -52.47 21.25 17.41
N ASP C 17 -0.74 28.32 39.58
CA ASP C 17 0.27 27.80 40.50
C ASP C 17 1.51 28.71 40.51
N GLY C 18 1.57 29.64 39.57
CA GLY C 18 2.65 30.62 39.57
C GLY C 18 2.91 31.16 38.18
N VAL C 19 3.81 32.16 38.13
CA VAL C 19 4.19 32.75 36.86
C VAL C 19 5.27 31.92 36.18
N GLY C 20 6.24 31.44 36.94
CA GLY C 20 7.39 30.72 36.42
C GLY C 20 7.30 29.22 36.50
N SER C 21 6.10 28.67 36.61
CA SER C 21 5.89 27.23 36.64
C SER C 21 5.03 26.83 35.45
N SER C 22 5.62 26.06 34.54
CA SER C 22 4.91 25.52 33.40
C SER C 22 3.68 24.75 33.85
N SER C 23 2.55 25.02 33.19
CA SER C 23 1.28 24.39 33.55
C SER C 23 0.95 23.19 32.69
N GLY C 24 1.82 22.79 31.77
CA GLY C 24 1.54 21.63 30.95
C GLY C 24 2.70 21.35 30.02
N ASN C 25 2.72 20.13 29.51
CA ASN C 25 3.77 19.68 28.61
C ASN C 25 3.21 19.46 27.23
N TRP C 26 4.10 19.13 26.30
CA TRP C 26 3.73 18.93 24.90
C TRP C 26 3.53 17.47 24.54
N HIS C 27 2.32 17.10 24.16
CA HIS C 27 2.03 15.72 23.75
C HIS C 27 1.60 15.68 22.28
N CYS C 28 2.33 14.91 21.48
CA CYS C 28 2.01 14.75 20.07
C CYS C 28 2.35 13.35 19.57
N ASP C 29 1.48 12.38 19.85
CA ASP C 29 1.75 11.02 19.41
C ASP C 29 0.49 10.18 19.28
N SER C 30 0.62 9.05 18.64
CA SER C 30 -0.48 8.13 18.46
C SER C 30 -0.08 6.77 18.99
N GLN C 31 -0.96 6.13 19.76
CA GLN C 31 -0.69 4.82 20.31
C GLN C 31 -1.69 3.81 19.77
N TRP C 32 -1.20 2.69 19.25
CA TRP C 32 -2.09 1.67 18.73
C TRP C 32 -2.12 0.47 19.66
N LEU C 33 -3.25 0.25 20.31
CA LEU C 33 -3.37 -0.88 21.20
C LEU C 33 -4.61 -1.67 20.86
N GLY C 34 -4.44 -2.92 20.44
CA GLY C 34 -5.60 -3.73 20.12
C GLY C 34 -6.48 -3.09 19.07
N ASP C 35 -7.76 -2.95 19.42
CA ASP C 35 -8.77 -2.39 18.55
C ASP C 35 -8.99 -0.88 18.68
N ARG C 36 -8.18 -0.22 19.49
CA ARG C 36 -8.33 1.22 19.68
C ARG C 36 -7.06 1.98 19.38
N VAL C 37 -7.20 3.24 18.97
CA VAL C 37 -6.05 4.09 18.69
C VAL C 37 -6.20 5.40 19.46
N ILE C 38 -5.14 5.84 20.11
CA ILE C 38 -5.21 7.09 20.86
C ILE C 38 -4.28 8.13 20.24
N THR C 39 -4.86 9.12 19.60
CA THR C 39 -4.09 10.18 18.95
C THR C 39 -4.09 11.39 19.87
N THR C 40 -2.95 12.05 19.98
CA THR C 40 -2.81 13.25 20.78
C THR C 40 -2.13 14.32 19.95
N SER C 41 -2.77 15.48 19.81
CA SER C 41 -2.19 16.59 19.08
C SER C 41 -2.01 17.75 20.05
N THR C 42 -0.94 18.51 19.87
CA THR C 42 -0.71 19.73 20.63
C THR C 42 -0.28 20.83 19.68
N ARG C 43 -0.90 21.99 19.81
CA ARG C 43 -0.63 23.11 18.91
C ARG C 43 -0.51 24.39 19.72
N THR C 44 0.11 25.39 19.10
CA THR C 44 0.21 26.74 19.62
C THR C 44 -0.80 27.63 18.92
N TRP C 45 -1.61 28.34 19.69
CA TRP C 45 -2.69 29.17 19.18
C TRP C 45 -2.42 30.63 19.54
N ALA C 46 -3.10 31.53 18.82
CA ALA C 46 -3.03 32.96 19.06
C ALA C 46 -4.41 33.56 18.95
N LEU C 47 -4.86 34.22 20.01
CA LEU C 47 -6.22 34.74 20.09
C LEU C 47 -6.20 36.26 20.08
N PRO C 48 -6.60 36.90 19.00
CA PRO C 48 -6.72 38.36 19.02
C PRO C 48 -7.95 38.80 19.80
N THR C 49 -8.04 40.09 20.08
CA THR C 49 -9.32 40.65 20.50
C THR C 49 -10.18 40.95 19.28
N TYR C 50 -11.38 40.37 19.25
CA TYR C 50 -12.27 40.53 18.12
C TYR C 50 -13.37 41.55 18.41
N ASN C 51 -13.76 42.29 17.36
CA ASN C 51 -14.85 43.25 17.42
C ASN C 51 -14.64 44.32 18.50
N ASN C 52 -13.39 44.56 18.88
CA ASN C 52 -13.08 45.49 19.95
C ASN C 52 -13.97 45.26 21.17
N HIS C 53 -14.12 44.00 21.55
CA HIS C 53 -14.92 43.53 22.68
C HIS C 53 -16.42 43.73 22.50
N LEU C 54 -16.91 43.87 21.28
CA LEU C 54 -18.30 44.25 21.05
C LEU C 54 -19.08 43.13 20.35
N TYR C 55 -20.40 43.20 20.48
CA TYR C 55 -21.29 42.35 19.70
C TYR C 55 -21.96 43.18 18.62
N LYS C 56 -21.60 42.93 17.37
CA LYS C 56 -22.11 43.75 16.29
C LYS C 56 -23.09 42.96 15.44
N GLN C 57 -24.28 43.53 15.24
CA GLN C 57 -25.23 43.02 14.26
C GLN C 57 -24.56 42.90 12.90
N ILE C 58 -24.84 41.83 12.18
CA ILE C 58 -24.34 41.64 10.84
C ILE C 58 -25.49 41.16 9.97
N SER C 59 -25.48 41.57 8.71
CA SER C 59 -26.48 41.16 7.75
C SER C 59 -25.89 41.28 6.36
N ASN C 60 -26.58 40.69 5.40
CA ASN C 60 -26.15 40.80 4.01
C ASN C 60 -26.07 42.25 3.56
N SER C 61 -26.95 43.10 4.08
CA SER C 61 -27.02 44.47 3.59
C SER C 61 -25.89 45.33 4.15
N THR C 62 -25.23 44.85 5.19
CA THR C 62 -23.97 45.47 5.59
C THR C 62 -22.89 45.15 4.56
N SER C 63 -23.07 44.06 3.82
CA SER C 63 -22.25 43.75 2.65
C SER C 63 -22.91 44.14 1.34
N GLY C 64 -24.14 44.66 1.38
CA GLY C 64 -24.89 45.02 0.20
C GLY C 64 -25.99 44.07 -0.19
N GLY C 65 -25.91 42.80 0.24
CA GLY C 65 -26.99 41.86 0.04
C GLY C 65 -27.44 41.68 -1.40
N SER C 66 -26.52 41.27 -2.26
CA SER C 66 -26.79 41.27 -3.70
C SER C 66 -28.01 40.42 -4.05
N SER C 67 -28.23 39.32 -3.34
CA SER C 67 -29.18 38.32 -3.80
C SER C 67 -30.10 37.84 -2.67
N ASN C 68 -31.31 37.46 -3.06
CA ASN C 68 -32.25 36.86 -2.13
C ASN C 68 -31.69 35.58 -1.53
N ASP C 69 -31.12 34.72 -2.37
CA ASP C 69 -30.59 33.45 -1.89
C ASP C 69 -29.46 33.65 -0.88
N ASN C 70 -28.76 34.78 -0.99
CA ASN C 70 -27.61 35.03 -0.14
C ASN C 70 -27.96 35.89 1.06
N ALA C 71 -29.24 36.18 1.26
CA ALA C 71 -29.66 37.04 2.34
C ALA C 71 -29.47 36.36 3.69
N TYR C 72 -28.93 37.09 4.66
CA TYR C 72 -28.76 36.53 5.99
C TYR C 72 -28.80 37.65 7.02
N PHE C 73 -29.14 37.27 8.26
CA PHE C 73 -29.10 38.17 9.40
C PHE C 73 -28.52 37.41 10.59
N GLY C 74 -27.67 38.07 11.37
CA GLY C 74 -27.09 37.44 12.53
C GLY C 74 -26.22 38.40 13.32
N TYR C 75 -25.36 37.82 14.16
CA TYR C 75 -24.48 38.60 15.00
C TYR C 75 -23.08 38.03 15.02
N SER C 76 -22.09 38.90 15.10
CA SER C 76 -20.70 38.51 15.30
C SER C 76 -20.27 38.87 16.71
N THR C 77 -19.58 37.93 17.37
CA THR C 77 -19.25 38.02 18.78
C THR C 77 -17.74 38.17 18.95
N PRO C 78 -17.31 38.77 20.07
CA PRO C 78 -15.87 38.91 20.32
C PRO C 78 -15.16 37.59 20.63
N TRP C 79 -15.91 36.53 20.92
CA TRP C 79 -15.32 35.26 21.30
C TRP C 79 -14.73 34.51 20.12
N GLY C 80 -13.63 33.78 20.39
CA GLY C 80 -13.10 32.80 19.49
C GLY C 80 -13.41 31.38 19.96
N TYR C 81 -13.12 30.42 19.10
CA TYR C 81 -13.48 29.03 19.40
C TYR C 81 -12.47 28.08 18.76
N PHE C 82 -12.29 26.92 19.39
CA PHE C 82 -11.35 25.92 18.92
C PHE C 82 -12.03 24.86 18.09
N ASP C 83 -11.52 24.63 16.88
CA ASP C 83 -12.11 23.66 15.95
C ASP C 83 -11.09 22.59 15.61
N PHE C 84 -11.25 21.40 16.17
CA PHE C 84 -10.48 20.20 15.80
C PHE C 84 -11.25 19.22 14.93
N ASN C 85 -12.32 19.63 14.27
CA ASN C 85 -13.28 18.77 13.59
C ASN C 85 -12.80 18.24 12.22
N ARG C 86 -11.51 18.33 11.87
CA ARG C 86 -11.02 17.65 10.68
C ARG C 86 -10.06 16.54 11.08
N PHE C 87 -9.90 15.54 10.20
CA PHE C 87 -9.06 14.41 10.55
C PHE C 87 -7.58 14.77 10.57
N HIS C 88 -7.12 15.66 9.70
CA HIS C 88 -5.70 15.94 9.74
C HIS C 88 -5.27 16.65 11.01
N CYS C 89 -6.22 17.07 11.84
CA CYS C 89 -5.86 17.54 13.16
C CYS C 89 -5.28 16.40 13.99
N HIS C 90 -5.89 15.22 13.92
CA HIS C 90 -5.57 14.10 14.80
C HIS C 90 -4.70 13.02 14.18
N PHE C 91 -4.51 13.00 12.87
CA PHE C 91 -3.81 11.90 12.21
C PHE C 91 -2.70 12.43 11.32
N SER C 92 -1.48 12.02 11.61
CA SER C 92 -0.41 12.16 10.65
C SER C 92 -0.73 11.33 9.42
N PRO C 93 -0.19 11.70 8.26
CA PRO C 93 -0.41 10.88 7.06
C PRO C 93 0.07 9.46 7.21
N ARG C 94 1.05 9.21 8.07
CA ARG C 94 1.43 7.83 8.35
C ARG C 94 0.38 7.13 9.21
N ASP C 95 -0.12 7.83 10.24
CA ASP C 95 -1.17 7.25 11.07
C ASP C 95 -2.41 6.94 10.25
N TRP C 96 -2.76 7.84 9.34
CA TRP C 96 -3.95 7.63 8.51
C TRP C 96 -3.77 6.43 7.61
N GLN C 97 -2.57 6.27 7.04
CA GLN C 97 -2.27 5.10 6.22
C GLN C 97 -2.37 3.84 7.04
N ARG C 98 -1.67 3.79 8.17
CA ARG C 98 -1.70 2.64 9.06
C ARG C 98 -3.13 2.26 9.40
N LEU C 99 -4.03 3.24 9.42
CA LEU C 99 -5.43 2.99 9.70
C LEU C 99 -6.16 2.41 8.50
N ILE C 100 -6.26 3.19 7.43
CA ILE C 100 -7.11 2.82 6.30
C ILE C 100 -6.64 1.56 5.58
N ASN C 101 -5.37 1.19 5.69
CA ASN C 101 -4.92 -0.03 5.07
C ASN C 101 -5.26 -1.26 5.90
N ASN C 102 -5.37 -1.13 7.20
CA ASN C 102 -5.50 -2.28 8.08
C ASN C 102 -6.89 -2.53 8.63
N ASN C 103 -7.88 -1.69 8.34
CA ASN C 103 -9.11 -1.74 9.11
C ASN C 103 -10.34 -1.61 8.23
N TRP C 104 -11.41 -2.30 8.63
CA TRP C 104 -12.71 -2.17 8.00
C TRP C 104 -13.55 -1.02 8.56
N GLY C 105 -13.17 -0.45 9.69
CA GLY C 105 -13.98 0.62 10.23
C GLY C 105 -13.37 1.21 11.48
N PHE C 106 -13.84 2.40 11.82
CA PHE C 106 -13.32 3.12 12.97
C PHE C 106 -14.37 4.10 13.43
N ARG C 107 -14.18 4.63 14.62
CA ARG C 107 -15.13 5.58 15.19
C ARG C 107 -14.57 6.14 16.49
N PRO C 108 -14.87 7.40 16.80
CA PRO C 108 -14.35 8.01 18.01
C PRO C 108 -15.05 7.48 19.25
N LYS C 109 -14.34 7.56 20.37
CA LYS C 109 -14.86 7.11 21.66
C LYS C 109 -14.81 8.21 22.70
N ARG C 110 -13.61 8.63 23.10
CA ARG C 110 -13.42 9.56 24.20
C ARG C 110 -12.57 10.73 23.75
N LEU C 111 -12.77 11.86 24.40
CA LEU C 111 -12.11 13.11 24.07
C LEU C 111 -11.62 13.76 25.34
N ASN C 112 -10.34 14.13 25.36
CA ASN C 112 -9.76 14.78 26.52
C ASN C 112 -9.01 16.01 26.04
N PHE C 113 -9.46 17.18 26.47
CA PHE C 113 -9.03 18.47 25.94
C PHE C 113 -8.32 19.23 27.04
N LYS C 114 -7.27 19.97 26.69
CA LYS C 114 -6.52 20.74 27.66
C LYS C 114 -6.05 22.06 27.07
N LEU C 115 -6.11 23.10 27.89
CA LEU C 115 -5.63 24.42 27.55
C LEU C 115 -4.69 24.87 28.65
N PHE C 116 -3.51 25.36 28.29
CA PHE C 116 -2.48 25.63 29.28
C PHE C 116 -1.43 26.54 28.69
N ASN C 117 -0.42 26.86 29.51
CA ASN C 117 0.65 27.78 29.14
C ASN C 117 0.09 29.08 28.57
N ILE C 118 -0.90 29.63 29.26
CA ILE C 118 -1.56 30.86 28.83
C ILE C 118 -0.59 32.03 28.96
N GLN C 119 -0.51 32.84 27.91
CA GLN C 119 0.40 33.98 27.85
C GLN C 119 -0.33 35.16 27.24
N VAL C 120 -0.51 36.23 28.01
CA VAL C 120 -1.23 37.41 27.54
C VAL C 120 -0.22 38.51 27.26
N LYS C 121 -0.31 39.07 26.05
CA LYS C 121 0.61 40.09 25.59
C LYS C 121 -0.14 41.39 25.33
N GLU C 122 0.29 42.46 25.98
CA GLU C 122 -0.28 43.78 25.78
C GLU C 122 0.61 44.58 24.85
N VAL C 123 -0.01 45.28 23.90
CA VAL C 123 0.71 45.91 22.79
C VAL C 123 0.60 47.41 22.95
N THR C 124 1.71 48.11 22.78
CA THR C 124 1.74 49.57 22.83
C THR C 124 2.33 50.10 21.55
N ASP C 125 1.51 50.77 20.74
CA ASP C 125 1.95 51.33 19.47
C ASP C 125 2.23 52.80 19.67
N ASN C 126 3.47 53.21 19.39
CA ASN C 126 3.87 54.60 19.45
C ASN C 126 4.67 54.90 18.19
N ASN C 127 4.13 55.77 17.34
CA ASN C 127 4.73 56.13 16.04
C ASN C 127 4.93 54.84 15.24
N GLY C 128 6.05 54.66 14.54
CA GLY C 128 6.21 53.48 13.72
C GLY C 128 6.48 52.23 14.53
N VAL C 129 7.17 52.37 15.67
CA VAL C 129 7.51 51.22 16.48
C VAL C 129 6.31 50.79 17.32
N LYS C 130 6.31 49.52 17.70
CA LYS C 130 5.32 48.97 18.61
C LYS C 130 6.02 48.09 19.62
N THR C 131 5.65 48.21 20.88
CA THR C 131 6.23 47.41 21.95
C THR C 131 5.22 46.38 22.41
N ILE C 132 5.71 45.15 22.61
CA ILE C 132 4.90 44.04 23.09
C ILE C 132 5.52 43.54 24.37
N ALA C 133 4.76 43.58 25.46
CA ALA C 133 5.25 43.14 26.75
C ALA C 133 4.17 42.31 27.45
N ASN C 134 4.63 41.49 28.40
CA ASN C 134 3.71 40.66 29.15
C ASN C 134 2.76 41.51 29.97
N ASN C 135 1.50 41.10 30.01
CA ASN C 135 0.55 41.63 30.97
C ASN C 135 0.23 40.48 31.93
N LEU C 136 0.77 40.56 33.14
CA LEU C 136 0.81 39.39 34.01
C LEU C 136 -0.52 39.12 34.70
N THR C 137 -1.28 40.15 35.04
CA THR C 137 -2.51 39.96 35.78
C THR C 137 -3.70 39.65 34.88
N SER C 138 -3.50 39.66 33.57
CA SER C 138 -4.61 39.53 32.65
C SER C 138 -5.20 38.13 32.68
N THR C 139 -6.45 38.03 32.25
CA THR C 139 -7.17 36.78 32.24
C THR C 139 -7.63 36.43 30.84
N VAL C 140 -7.95 35.16 30.67
CA VAL C 140 -8.61 34.64 29.48
C VAL C 140 -9.87 33.93 29.95
N GLN C 141 -10.96 34.14 29.23
CA GLN C 141 -12.21 33.44 29.48
C GLN C 141 -12.34 32.27 28.52
N VAL C 142 -12.64 31.10 29.07
CA VAL C 142 -12.89 29.90 28.26
C VAL C 142 -13.98 29.08 28.91
N PHE C 143 -14.97 28.68 28.12
CA PHE C 143 -15.97 27.73 28.61
C PHE C 143 -16.41 26.86 27.45
N THR C 144 -17.00 25.74 27.81
CA THR C 144 -17.59 24.83 26.85
C THR C 144 -19.11 24.88 26.97
N ASP C 145 -19.79 24.71 25.85
CA ASP C 145 -21.26 24.66 25.89
C ASP C 145 -21.62 23.19 25.87
N SER C 146 -21.94 22.67 27.06
CA SER C 146 -22.26 21.26 27.21
C SER C 146 -23.75 20.99 27.24
N ASP C 147 -24.58 22.03 27.24
CA ASP C 147 -26.01 21.90 27.07
C ASP C 147 -26.44 22.17 25.64
N TYR C 148 -25.49 22.46 24.74
CA TYR C 148 -25.78 22.71 23.33
C TYR C 148 -26.78 23.85 23.19
N GLN C 149 -26.65 24.86 24.05
CA GLN C 149 -27.56 26.00 24.02
C GLN C 149 -27.16 27.06 23.02
N LEU C 150 -25.91 27.11 22.62
CA LEU C 150 -25.51 28.04 21.59
C LEU C 150 -25.70 27.44 20.22
N PRO C 151 -25.88 28.26 19.19
CA PRO C 151 -25.88 27.76 17.82
C PRO C 151 -24.56 27.05 17.52
N TYR C 152 -24.67 25.87 16.94
CA TYR C 152 -23.52 25.00 16.72
C TYR C 152 -23.02 25.23 15.30
N VAL C 153 -21.85 25.85 15.18
CA VAL C 153 -21.29 26.19 13.88
C VAL C 153 -20.22 25.21 13.40
N LEU C 154 -19.84 24.23 14.23
CA LEU C 154 -18.69 23.39 13.88
C LEU C 154 -19.01 22.34 12.82
N GLY C 155 -20.27 22.16 12.47
CA GLY C 155 -20.61 21.14 11.50
C GLY C 155 -20.81 21.69 10.10
N SER C 156 -20.38 22.92 9.88
CA SER C 156 -20.52 23.59 8.60
C SER C 156 -19.25 23.55 7.77
N ALA C 157 -18.23 22.84 8.23
CA ALA C 157 -16.99 22.63 7.49
C ALA C 157 -16.28 23.95 7.20
N HIS C 158 -16.28 24.84 8.18
CA HIS C 158 -15.55 26.09 8.05
C HIS C 158 -14.07 25.90 8.29
N GLU C 159 -13.30 26.86 7.81
CA GLU C 159 -11.88 26.95 8.06
C GLU C 159 -11.65 27.32 9.51
N GLY C 160 -10.39 27.50 9.89
CA GLY C 160 -10.04 27.83 11.25
C GLY C 160 -9.78 26.66 12.16
N CYS C 161 -9.28 25.55 11.64
CA CYS C 161 -9.01 24.38 12.47
C CYS C 161 -7.56 24.38 12.97
N LEU C 162 -7.25 23.41 13.80
CA LEU C 162 -5.86 23.17 14.15
C LEU C 162 -5.07 22.84 12.88
N PRO C 163 -3.80 23.25 12.81
CA PRO C 163 -3.03 22.97 11.60
C PRO C 163 -2.70 21.51 11.50
N PRO C 164 -2.65 20.95 10.29
CA PRO C 164 -2.26 19.54 10.17
C PRO C 164 -0.89 19.27 10.75
N PHE C 165 0.03 20.17 10.52
CA PHE C 165 1.43 19.95 10.85
C PHE C 165 1.74 20.58 12.21
N PRO C 166 2.32 19.82 13.15
CA PRO C 166 2.34 20.30 14.54
C PRO C 166 3.13 21.57 14.75
N ALA C 167 3.99 21.95 13.82
CA ALA C 167 4.89 23.07 14.07
C ALA C 167 4.28 24.40 13.69
N ASP C 168 3.05 24.38 13.15
CA ASP C 168 2.45 25.63 12.73
C ASP C 168 1.69 26.28 13.87
N VAL C 169 1.74 27.60 13.92
CA VAL C 169 0.98 28.41 14.87
C VAL C 169 -0.25 28.93 14.15
N PHE C 170 -1.43 28.68 14.72
CA PHE C 170 -2.67 29.02 14.06
C PHE C 170 -3.39 30.09 14.86
N MET C 171 -4.22 30.82 14.14
CA MET C 171 -5.04 31.88 14.69
C MET C 171 -6.42 31.34 15.02
N ILE C 172 -6.92 31.70 16.19
CA ILE C 172 -8.25 31.22 16.61
C ILE C 172 -9.32 31.96 15.82
N PRO C 173 -10.26 31.26 15.20
CA PRO C 173 -11.31 31.93 14.43
C PRO C 173 -12.33 32.63 15.30
N GLN C 174 -13.01 33.60 14.71
CA GLN C 174 -14.03 34.37 15.41
C GLN C 174 -15.36 33.64 15.39
N TYR C 175 -16.08 33.72 16.50
CA TYR C 175 -17.39 33.10 16.59
C TYR C 175 -18.47 34.08 16.13
N GLY C 176 -19.48 33.53 15.48
CA GLY C 176 -20.65 34.28 15.07
C GLY C 176 -21.74 33.29 14.74
N TYR C 177 -22.95 33.82 14.54
CA TYR C 177 -24.09 32.94 14.33
C TYR C 177 -25.17 33.67 13.56
N LEU C 178 -26.08 32.90 12.99
CA LEU C 178 -27.17 33.42 12.19
C LEU C 178 -28.50 32.97 12.79
N THR C 179 -29.50 33.83 12.68
CA THR C 179 -30.83 33.48 13.16
C THR C 179 -31.83 33.69 12.04
N LEU C 180 -33.12 33.55 12.34
CA LEU C 180 -34.15 33.77 11.35
C LEU C 180 -34.01 35.16 10.73
N ASN C 181 -34.39 35.26 9.47
CA ASN C 181 -34.33 36.52 8.75
C ASN C 181 -35.44 36.56 7.71
N ASP C 182 -35.70 37.78 7.24
CA ASP C 182 -36.39 37.98 5.97
C ASP C 182 -35.61 39.05 5.22
N GLY C 183 -35.14 38.72 4.03
CA GLY C 183 -34.19 39.61 3.40
C GLY C 183 -33.04 39.80 4.36
N SER C 184 -32.61 41.05 4.52
CA SER C 184 -31.65 41.37 5.57
C SER C 184 -32.32 41.65 6.90
N GLN C 185 -33.63 41.81 6.93
CA GLN C 185 -34.29 42.19 8.17
C GLN C 185 -34.45 40.99 9.10
N ALA C 186 -34.38 41.28 10.39
CA ALA C 186 -34.73 40.29 11.39
C ALA C 186 -36.25 40.14 11.43
N VAL C 187 -36.70 39.20 12.25
CA VAL C 187 -38.12 38.99 12.49
C VAL C 187 -38.31 38.80 13.98
N GLY C 188 -39.58 38.87 14.40
CA GLY C 188 -39.87 38.79 15.82
C GLY C 188 -39.35 37.53 16.48
N ARG C 189 -39.38 36.40 15.77
CA ARG C 189 -39.02 35.12 16.38
C ARG C 189 -37.51 34.91 16.45
N SER C 190 -36.73 35.78 15.82
CA SER C 190 -35.27 35.67 15.87
C SER C 190 -34.78 35.70 17.30
N SER C 191 -33.64 35.06 17.52
CA SER C 191 -33.04 34.96 18.84
C SER C 191 -31.76 35.77 18.87
N PHE C 192 -31.38 36.22 20.06
CA PHE C 192 -30.08 36.82 20.31
C PHE C 192 -29.46 36.17 21.53
N TYR C 193 -28.19 35.80 21.42
CA TYR C 193 -27.50 35.08 22.48
C TYR C 193 -26.30 35.88 22.93
N CYS C 194 -26.26 36.21 24.21
CA CYS C 194 -25.09 36.80 24.85
C CYS C 194 -24.21 35.68 25.36
N LEU C 195 -22.93 35.74 25.06
CA LEU C 195 -22.02 34.71 25.51
C LEU C 195 -21.36 35.07 26.84
N GLU C 196 -21.73 36.20 27.42
CA GLU C 196 -21.36 36.50 28.81
C GLU C 196 -22.36 35.93 29.79
N TYR C 197 -23.50 35.44 29.31
CA TYR C 197 -24.60 34.97 30.12
C TYR C 197 -24.40 33.53 30.58
N PHE C 198 -23.34 32.97 30.26
CA PHE C 198 -22.81 31.65 30.53
C PHE C 198 -21.76 31.68 31.63
N PRO C 199 -21.91 30.85 32.65
CA PRO C 199 -20.80 30.63 33.58
C PRO C 199 -19.58 30.13 32.82
N SER C 200 -18.44 30.78 33.06
CA SER C 200 -17.21 30.48 32.36
C SER C 200 -16.05 30.53 33.34
N GLN C 201 -14.92 30.04 32.89
CA GLN C 201 -13.74 29.91 33.73
C GLN C 201 -12.65 30.87 33.26
N MET C 202 -12.24 31.76 34.16
CA MET C 202 -11.25 32.79 33.85
C MET C 202 -9.88 32.31 34.28
N LEU C 203 -8.88 32.56 33.45
CA LEU C 203 -7.54 32.01 33.63
C LEU C 203 -6.51 33.12 33.53
N ARG C 204 -5.62 33.20 34.51
CA ARG C 204 -4.41 34.00 34.39
C ARG C 204 -3.29 33.13 33.83
N THR C 205 -2.07 33.66 33.85
CA THR C 205 -0.96 32.99 33.19
C THR C 205 -0.56 31.68 33.87
N GLY C 206 -0.97 31.47 35.11
CA GLY C 206 -0.63 30.23 35.78
C GLY C 206 -1.71 29.18 35.77
N ASN C 207 -2.92 29.55 35.41
CA ASN C 207 -4.04 28.62 35.35
C ASN C 207 -4.04 27.83 34.06
N ASN C 208 -4.73 26.68 34.09
CA ASN C 208 -4.96 25.86 32.90
C ASN C 208 -6.38 25.34 32.90
N PHE C 209 -6.77 24.74 31.78
CA PHE C 209 -8.15 24.32 31.53
C PHE C 209 -8.14 22.90 30.99
N GLN C 210 -9.11 22.08 31.40
CA GLN C 210 -9.27 20.77 30.80
C GLN C 210 -10.70 20.27 31.02
N PHE C 211 -11.11 19.34 30.15
CA PHE C 211 -12.34 18.60 30.35
C PHE C 211 -12.26 17.32 29.54
N SER C 212 -13.14 16.37 29.87
CA SER C 212 -13.25 15.14 29.11
C SER C 212 -14.61 15.10 28.44
N TYR C 213 -14.70 14.36 27.35
CA TYR C 213 -15.92 14.20 26.59
C TYR C 213 -16.06 12.76 26.16
N GLU C 214 -17.31 12.29 26.12
CA GLU C 214 -17.62 10.93 25.72
C GLU C 214 -18.47 10.97 24.46
N PHE C 215 -17.92 10.46 23.36
CA PHE C 215 -18.70 10.32 22.14
C PHE C 215 -19.88 9.39 22.35
N GLU C 216 -21.04 9.80 21.86
CA GLU C 216 -22.18 8.91 21.92
C GLU C 216 -22.06 7.85 20.84
N ASN C 217 -22.73 6.74 21.07
CA ASN C 217 -22.56 5.57 20.23
C ASN C 217 -22.99 5.88 18.79
N VAL C 218 -22.06 5.69 17.85
CA VAL C 218 -22.31 5.85 16.43
C VAL C 218 -21.79 4.60 15.74
N PRO C 219 -22.28 4.30 14.53
CA PRO C 219 -21.77 3.14 13.81
C PRO C 219 -20.35 3.37 13.33
N PHE C 220 -19.67 2.27 13.03
CA PHE C 220 -18.36 2.39 12.40
C PHE C 220 -18.50 2.95 11.01
N HIS C 221 -17.63 3.89 10.66
CA HIS C 221 -17.63 4.41 9.31
C HIS C 221 -17.08 3.25 8.48
N SER C 222 -17.66 2.99 7.33
CA SER C 222 -17.20 1.86 6.54
C SER C 222 -16.02 2.22 5.66
N SER C 223 -14.82 1.94 6.12
CA SER C 223 -13.62 2.22 5.33
C SER C 223 -13.24 1.02 4.48
N TYR C 224 -14.10 0.66 3.55
CA TYR C 224 -13.85 -0.45 2.65
C TYR C 224 -14.71 -0.28 1.40
N ALA C 225 -14.33 -0.98 0.34
CA ALA C 225 -15.06 -0.93 -0.91
C ALA C 225 -15.60 -2.32 -1.16
N HIS C 226 -16.86 -2.43 -1.54
CA HIS C 226 -17.45 -3.73 -1.80
C HIS C 226 -16.78 -4.43 -2.97
N SER C 227 -16.57 -5.73 -2.84
CA SER C 227 -15.95 -6.53 -3.89
C SER C 227 -16.99 -7.12 -4.83
N GLN C 228 -18.26 -6.86 -4.53
CA GLN C 228 -19.37 -7.32 -5.35
C GLN C 228 -20.31 -6.16 -5.59
N SER C 229 -21.12 -6.28 -6.63
CA SER C 229 -22.08 -5.25 -6.97
C SER C 229 -23.49 -5.78 -6.75
N LEU C 230 -24.42 -4.85 -6.48
CA LEU C 230 -25.74 -5.22 -6.00
C LEU C 230 -26.49 -6.11 -6.97
N ASP C 231 -26.23 -5.94 -8.26
CA ASP C 231 -26.96 -6.68 -9.29
C ASP C 231 -26.33 -8.01 -9.65
N ARG C 232 -25.14 -8.30 -9.14
CA ARG C 232 -24.41 -9.53 -9.45
C ARG C 232 -24.40 -10.57 -8.33
N LEU C 233 -25.20 -10.41 -7.28
CA LEU C 233 -25.11 -11.27 -6.11
C LEU C 233 -25.48 -12.73 -6.36
N MET C 234 -26.02 -13.07 -7.52
CA MET C 234 -26.52 -14.40 -7.83
C MET C 234 -25.40 -15.44 -7.95
N ASN C 235 -25.79 -16.70 -7.83
CA ASN C 235 -24.93 -17.81 -8.24
C ASN C 235 -24.91 -17.90 -9.76
N PRO C 236 -23.78 -17.64 -10.40
CA PRO C 236 -23.74 -17.54 -11.87
C PRO C 236 -23.97 -18.86 -12.58
N LEU C 237 -23.91 -19.99 -11.90
CA LEU C 237 -23.99 -21.29 -12.55
C LEU C 237 -25.40 -21.84 -12.67
N ILE C 238 -26.39 -21.26 -11.99
CA ILE C 238 -27.69 -21.91 -11.81
C ILE C 238 -28.81 -20.97 -12.25
N ASP C 239 -29.78 -21.52 -12.97
CA ASP C 239 -31.01 -20.82 -13.28
C ASP C 239 -31.80 -20.49 -12.02
N GLN C 240 -32.57 -19.42 -12.11
CA GLN C 240 -33.65 -19.21 -11.15
C GLN C 240 -34.84 -20.07 -11.52
N TYR C 241 -35.70 -20.33 -10.55
CA TYR C 241 -36.99 -20.95 -10.83
C TYR C 241 -38.06 -19.94 -11.21
N LEU C 242 -37.74 -18.65 -11.20
CA LEU C 242 -38.69 -17.65 -11.65
C LEU C 242 -38.69 -17.57 -13.17
N TYR C 243 -39.81 -17.13 -13.72
CA TYR C 243 -39.96 -16.89 -15.15
C TYR C 243 -40.20 -15.41 -15.38
N TYR C 244 -39.86 -14.97 -16.59
CA TYR C 244 -40.09 -13.59 -17.01
C TYR C 244 -40.66 -13.63 -18.42
N LEU C 245 -41.17 -12.50 -18.88
CA LEU C 245 -41.91 -12.45 -20.13
C LEU C 245 -40.95 -12.12 -21.27
N SER C 246 -40.68 -13.12 -22.13
CA SER C 246 -39.72 -12.95 -23.20
C SER C 246 -40.30 -12.32 -24.47
N LYS C 247 -41.50 -12.71 -24.89
CA LYS C 247 -42.03 -12.25 -26.17
C LYS C 247 -43.49 -11.85 -26.04
N THR C 248 -43.85 -10.69 -26.56
CA THR C 248 -45.23 -10.27 -26.68
C THR C 248 -45.81 -10.44 -28.08
N ILE C 249 -45.02 -10.89 -29.06
CA ILE C 249 -45.53 -11.17 -30.40
C ILE C 249 -44.86 -12.43 -30.93
N ASN C 250 -45.57 -13.10 -31.85
CA ASN C 250 -45.02 -14.30 -32.49
C ASN C 250 -44.07 -13.94 -33.61
N GLY C 251 -44.43 -12.94 -34.40
CA GLY C 251 -43.64 -12.55 -35.55
C GLY C 251 -44.22 -11.28 -36.15
N SER C 252 -43.82 -11.01 -37.38
CA SER C 252 -44.27 -9.79 -38.04
C SER C 252 -45.60 -9.98 -38.75
N GLY C 253 -46.56 -9.14 -38.42
CA GLY C 253 -47.83 -9.13 -39.09
C GLY C 253 -48.93 -8.69 -38.13
N GLN C 254 -50.15 -8.71 -38.63
CA GLN C 254 -51.33 -8.38 -37.85
C GLN C 254 -51.62 -9.48 -36.83
N ASN C 255 -52.16 -9.07 -35.68
CA ASN C 255 -52.72 -10.01 -34.70
C ASN C 255 -51.72 -11.10 -34.28
N GLN C 256 -50.50 -10.69 -33.97
CA GLN C 256 -49.47 -11.62 -33.53
C GLN C 256 -49.33 -11.70 -32.02
N GLN C 257 -50.23 -11.07 -31.27
CA GLN C 257 -50.11 -11.03 -29.81
C GLN C 257 -49.96 -12.42 -29.21
N THR C 258 -49.04 -12.51 -28.25
CA THR C 258 -48.77 -13.75 -27.54
C THR C 258 -48.17 -13.38 -26.19
N LEU C 259 -48.11 -14.37 -25.31
CA LEU C 259 -47.37 -14.24 -24.06
C LEU C 259 -46.44 -15.43 -23.93
N LYS C 260 -45.14 -15.16 -24.00
CA LYS C 260 -44.11 -16.18 -23.88
C LYS C 260 -43.32 -15.91 -22.61
N PHE C 261 -42.84 -16.97 -21.97
CA PHE C 261 -42.10 -16.83 -20.72
C PHE C 261 -40.83 -17.67 -20.74
N SER C 262 -39.68 -17.02 -20.79
CA SER C 262 -38.40 -17.67 -20.53
C SER C 262 -38.11 -17.71 -19.03
N VAL C 263 -37.26 -18.66 -18.65
CA VAL C 263 -36.74 -18.69 -17.28
C VAL C 263 -35.51 -17.81 -17.20
N ALA C 264 -35.34 -17.13 -16.06
CA ALA C 264 -34.21 -16.25 -15.84
C ALA C 264 -32.99 -17.07 -15.42
N GLY C 265 -31.87 -16.88 -16.12
CA GLY C 265 -30.72 -17.70 -15.91
C GLY C 265 -29.43 -16.97 -16.21
N PRO C 266 -28.31 -17.66 -16.10
CA PRO C 266 -27.00 -17.00 -16.24
C PRO C 266 -26.83 -16.24 -17.54
N SER C 267 -27.48 -16.68 -18.62
CA SER C 267 -27.26 -16.03 -19.91
C SER C 267 -27.90 -14.65 -19.92
N ASN C 268 -29.07 -14.49 -19.30
CA ASN C 268 -29.74 -13.21 -19.24
C ASN C 268 -29.83 -12.82 -17.76
N MET C 269 -28.90 -11.98 -17.31
CA MET C 269 -28.84 -11.70 -15.88
C MET C 269 -29.61 -10.43 -15.54
N ALA C 270 -30.00 -9.66 -16.54
CA ALA C 270 -30.63 -8.39 -16.25
C ALA C 270 -32.07 -8.61 -15.83
N VAL C 271 -32.63 -9.76 -16.18
CA VAL C 271 -34.04 -10.04 -15.94
C VAL C 271 -34.27 -10.88 -14.69
N GLN C 272 -33.23 -11.33 -14.01
CA GLN C 272 -33.45 -12.12 -12.82
C GLN C 272 -34.08 -11.29 -11.72
N GLY C 273 -34.80 -11.96 -10.83
CA GLY C 273 -35.41 -11.26 -9.71
C GLY C 273 -34.42 -11.08 -8.57
N ARG C 274 -34.51 -9.94 -7.90
CA ARG C 274 -33.55 -9.57 -6.89
C ARG C 274 -34.26 -9.12 -5.62
N ASN C 275 -33.62 -9.35 -4.49
CA ASN C 275 -34.19 -8.99 -3.20
C ASN C 275 -33.90 -7.56 -2.78
N TYR C 276 -32.93 -6.88 -3.39
CA TYR C 276 -32.55 -5.56 -2.92
C TYR C 276 -32.09 -4.72 -4.11
N ILE C 277 -32.36 -3.42 -4.01
CA ILE C 277 -32.19 -2.48 -5.14
C ILE C 277 -31.36 -1.31 -4.67
N PRO C 278 -30.73 -0.58 -5.60
CA PRO C 278 -29.80 0.48 -5.20
C PRO C 278 -30.47 1.64 -4.48
N GLY C 279 -29.67 2.34 -3.68
CA GLY C 279 -30.14 3.42 -2.85
C GLY C 279 -30.60 4.63 -3.64
N PRO C 280 -31.03 5.68 -2.95
CA PRO C 280 -31.73 6.77 -3.63
C PRO C 280 -30.81 7.62 -4.47
N SER C 281 -31.40 8.38 -5.38
CA SER C 281 -30.67 9.21 -6.33
C SER C 281 -31.34 10.55 -6.43
N TYR C 282 -30.53 11.60 -6.58
CA TYR C 282 -31.02 12.92 -6.96
C TYR C 282 -30.07 13.41 -8.05
N ARG C 283 -30.54 13.50 -9.29
CA ARG C 283 -29.58 13.57 -10.38
C ARG C 283 -28.81 14.88 -10.35
N GLN C 284 -27.53 14.78 -10.74
CA GLN C 284 -26.59 15.88 -10.88
C GLN C 284 -26.21 16.05 -12.34
N GLN C 285 -25.80 17.24 -12.71
CA GLN C 285 -25.24 17.48 -14.03
C GLN C 285 -23.78 17.10 -14.03
N ARG C 286 -23.32 16.43 -15.09
CA ARG C 286 -21.92 16.04 -15.16
C ARG C 286 -21.10 17.05 -15.94
N VAL C 287 -19.96 17.39 -15.37
CA VAL C 287 -18.97 18.28 -15.96
C VAL C 287 -17.75 17.44 -16.31
N SER C 288 -17.26 17.58 -17.53
CA SER C 288 -16.08 16.86 -17.96
C SER C 288 -14.83 17.59 -17.50
N THR C 289 -13.78 16.83 -17.21
CA THR C 289 -12.50 17.47 -16.93
C THR C 289 -11.81 17.86 -18.22
N THR C 290 -12.23 17.31 -19.35
CA THR C 290 -11.77 17.81 -20.63
C THR C 290 -12.74 18.90 -21.08
N VAL C 291 -12.28 20.15 -21.04
CA VAL C 291 -13.20 21.27 -21.07
C VAL C 291 -13.89 21.37 -22.41
N THR C 292 -13.22 20.92 -23.47
CA THR C 292 -13.80 21.00 -24.79
C THR C 292 -15.01 20.09 -24.92
N GLN C 293 -15.14 19.10 -24.05
CA GLN C 293 -16.32 18.23 -24.07
C GLN C 293 -17.50 18.89 -23.37
N ASN C 294 -17.25 19.93 -22.60
CA ASN C 294 -18.32 20.64 -21.92
C ASN C 294 -18.98 21.65 -22.85
N ASN C 295 -20.19 22.05 -22.51
CA ASN C 295 -20.95 22.99 -23.31
C ASN C 295 -20.41 24.42 -23.18
N ASN C 296 -20.40 25.15 -24.27
CA ASN C 296 -19.90 26.51 -24.27
C ASN C 296 -20.98 27.50 -23.82
N SER C 297 -21.28 27.47 -22.53
CA SER C 297 -22.28 28.34 -21.94
C SER C 297 -22.05 28.44 -20.45
N GLU C 298 -22.68 29.41 -19.80
CA GLU C 298 -22.51 29.52 -18.36
C GLU C 298 -23.61 28.72 -17.67
N PHE C 299 -23.25 27.55 -17.17
CA PHE C 299 -24.21 26.69 -16.48
C PHE C 299 -23.85 26.32 -15.04
N ALA C 300 -22.91 27.01 -14.42
CA ALA C 300 -22.53 26.69 -13.05
C ALA C 300 -23.74 26.77 -12.13
N TRP C 301 -24.42 27.91 -12.15
CA TRP C 301 -25.63 28.08 -11.35
C TRP C 301 -26.88 27.60 -12.09
N PRO C 302 -27.11 28.02 -13.34
CA PRO C 302 -28.39 27.66 -13.98
C PRO C 302 -28.59 26.16 -14.22
N GLY C 303 -27.51 25.39 -14.28
CA GLY C 303 -27.66 23.97 -14.54
C GLY C 303 -27.55 23.11 -13.30
N ALA C 304 -27.47 23.74 -12.13
CA ALA C 304 -27.21 23.02 -10.89
C ALA C 304 -28.47 22.38 -10.33
N SER C 305 -28.27 21.34 -9.53
CA SER C 305 -29.32 20.78 -8.71
C SER C 305 -29.46 21.60 -7.44
N SER C 306 -30.70 21.87 -7.05
CA SER C 306 -30.90 22.75 -5.90
C SER C 306 -32.14 22.33 -5.15
N TRP C 307 -32.22 22.77 -3.90
CA TRP C 307 -33.42 22.62 -3.09
C TRP C 307 -33.86 23.98 -2.55
N ALA C 308 -35.14 24.28 -2.74
CA ALA C 308 -35.73 25.54 -2.29
C ALA C 308 -36.25 25.38 -0.87
N LEU C 309 -35.98 26.39 -0.04
CA LEU C 309 -36.49 26.43 1.33
C LEU C 309 -36.94 27.84 1.62
N ASN C 310 -38.18 27.99 2.08
CA ASN C 310 -38.77 29.29 2.44
C ASN C 310 -38.58 30.31 1.33
N GLY C 311 -38.61 29.84 0.09
CA GLY C 311 -38.47 30.72 -1.05
C GLY C 311 -37.05 30.97 -1.51
N ARG C 312 -36.04 30.58 -0.75
CA ARG C 312 -34.65 30.70 -1.17
C ARG C 312 -34.16 29.38 -1.73
N ASN C 313 -33.39 29.48 -2.80
CA ASN C 313 -32.80 28.31 -3.46
C ASN C 313 -31.39 28.09 -2.94
N SER C 314 -31.11 26.86 -2.53
CA SER C 314 -29.77 26.47 -2.11
C SER C 314 -29.29 25.35 -3.03
N LEU C 315 -28.04 25.43 -3.44
CA LEU C 315 -27.41 24.37 -4.20
C LEU C 315 -27.43 23.08 -3.41
N MET C 316 -27.59 21.95 -4.11
CA MET C 316 -27.53 20.65 -3.45
C MET C 316 -26.07 20.25 -3.46
N ASN C 317 -25.43 20.38 -2.32
CA ASN C 317 -24.02 20.13 -2.20
C ASN C 317 -23.74 19.49 -0.86
N PRO C 318 -22.98 18.40 -0.86
CA PRO C 318 -22.75 17.53 -2.02
C PRO C 318 -23.97 16.68 -2.37
N GLY C 319 -24.88 16.53 -1.40
CA GLY C 319 -26.12 15.81 -1.60
C GLY C 319 -26.07 14.38 -1.12
N PRO C 320 -27.01 13.55 -1.59
CA PRO C 320 -26.97 12.13 -1.26
C PRO C 320 -25.72 11.47 -1.82
N ALA C 321 -25.34 10.36 -1.21
CA ALA C 321 -24.12 9.67 -1.60
C ALA C 321 -24.38 8.87 -2.86
N MET C 322 -23.66 9.19 -3.93
CA MET C 322 -23.79 8.50 -5.20
C MET C 322 -22.42 8.44 -5.86
N ALA C 323 -22.21 7.42 -6.68
CA ALA C 323 -20.96 7.25 -7.39
C ALA C 323 -20.74 8.47 -8.24
N SER C 324 -19.53 9.01 -8.21
CA SER C 324 -19.23 10.22 -8.95
C SER C 324 -19.40 10.04 -10.45
N HIS C 325 -18.99 8.89 -10.96
CA HIS C 325 -19.11 8.63 -12.38
C HIS C 325 -19.32 7.16 -12.67
N LYS C 326 -19.83 6.87 -13.87
CA LYS C 326 -20.04 5.50 -14.32
C LYS C 326 -18.66 4.96 -14.69
N GLU C 327 -18.41 3.68 -14.47
CA GLU C 327 -17.10 3.08 -14.74
C GLU C 327 -16.50 3.40 -16.12
N GLY C 328 -15.18 3.61 -16.17
CA GLY C 328 -14.54 3.95 -17.42
C GLY C 328 -14.69 5.41 -17.74
N GLU C 329 -15.30 6.16 -16.83
CA GLU C 329 -15.49 7.59 -17.08
C GLU C 329 -15.05 8.44 -15.90
N ASP C 330 -13.75 8.40 -15.62
CA ASP C 330 -13.15 9.18 -14.54
C ASP C 330 -13.26 10.67 -14.81
N ARG C 331 -13.11 11.05 -16.07
CA ARG C 331 -13.15 12.45 -16.47
C ARG C 331 -14.34 13.27 -15.97
N PHE C 332 -15.52 12.67 -15.88
CA PHE C 332 -16.70 13.39 -15.42
C PHE C 332 -16.78 13.40 -13.90
N PHE C 333 -17.25 14.51 -13.35
CA PHE C 333 -17.64 14.60 -11.96
C PHE C 333 -18.96 15.33 -11.85
N PRO C 334 -19.78 15.01 -10.86
CA PRO C 334 -21.02 15.76 -10.67
C PRO C 334 -20.73 17.18 -10.23
N LEU C 335 -21.56 18.10 -10.72
CA LEU C 335 -21.30 19.54 -10.53
C LEU C 335 -21.03 19.86 -9.06
N SER C 336 -22.05 19.71 -8.23
CA SER C 336 -21.92 19.90 -6.78
C SER C 336 -21.81 18.57 -6.03
N GLY C 337 -21.77 17.44 -6.72
CA GLY C 337 -21.94 16.17 -6.03
C GLY C 337 -20.71 15.72 -5.26
N SER C 338 -19.60 16.42 -5.40
CA SER C 338 -18.37 16.01 -4.75
C SER C 338 -17.91 17.03 -3.71
N LEU C 339 -16.87 16.65 -2.99
CA LEU C 339 -16.17 17.57 -2.11
C LEU C 339 -14.88 18.00 -2.81
N ILE C 340 -14.61 19.29 -2.82
CA ILE C 340 -13.49 19.85 -3.54
C ILE C 340 -12.64 20.63 -2.56
N PHE C 341 -11.41 20.17 -2.34
CA PHE C 341 -10.50 20.85 -1.44
C PHE C 341 -9.57 21.75 -2.25
N GLY C 342 -8.82 22.59 -1.55
CA GLY C 342 -7.79 23.41 -2.15
C GLY C 342 -6.41 22.81 -1.95
N LYS C 343 -5.51 23.06 -2.90
CA LYS C 343 -4.11 22.78 -2.66
C LYS C 343 -3.50 23.90 -1.82
N GLN C 344 -2.39 23.59 -1.18
CA GLN C 344 -1.70 24.56 -0.34
C GLN C 344 -1.38 25.81 -1.14
N GLY C 345 -1.82 26.96 -0.65
CA GLY C 345 -1.57 28.22 -1.30
C GLY C 345 -2.51 28.56 -2.42
N THR C 346 -3.66 27.90 -2.52
CA THR C 346 -4.59 28.15 -3.61
C THR C 346 -5.38 29.43 -3.35
N GLY C 347 -5.74 30.13 -4.42
CA GLY C 347 -6.46 31.37 -4.29
C GLY C 347 -7.89 31.16 -3.84
N ARG C 348 -8.56 32.27 -3.53
CA ARG C 348 -9.93 32.20 -3.04
C ARG C 348 -10.95 32.17 -4.18
N ASP C 349 -10.63 32.78 -5.33
CA ASP C 349 -11.62 33.11 -6.33
C ASP C 349 -11.18 32.70 -7.73
N ASN C 350 -11.97 31.85 -8.39
CA ASN C 350 -11.82 31.52 -9.80
C ASN C 350 -10.48 30.84 -10.10
N VAL C 351 -10.10 29.89 -9.26
CA VAL C 351 -8.86 29.15 -9.49
C VAL C 351 -9.07 28.04 -10.51
N ASP C 352 -8.00 27.67 -11.18
CA ASP C 352 -8.02 26.62 -12.19
C ASP C 352 -8.14 25.24 -11.55
N ALA C 353 -8.50 24.26 -12.36
CA ALA C 353 -8.78 22.92 -11.87
C ALA C 353 -7.53 22.23 -11.34
N ASP C 354 -6.35 22.73 -11.69
CA ASP C 354 -5.14 22.16 -11.11
C ASP C 354 -4.89 22.73 -9.71
N LYS C 355 -5.61 23.77 -9.36
CA LYS C 355 -5.44 24.41 -8.06
C LYS C 355 -6.30 23.79 -6.97
N VAL C 356 -7.17 22.86 -7.34
CA VAL C 356 -8.07 22.25 -6.39
C VAL C 356 -7.92 20.73 -6.45
N MET C 357 -8.41 20.06 -5.42
CA MET C 357 -8.41 18.61 -5.33
C MET C 357 -9.86 18.14 -5.26
N ILE C 358 -10.31 17.48 -6.31
CA ILE C 358 -11.69 17.02 -6.41
C ILE C 358 -11.74 15.58 -5.94
N THR C 359 -12.56 15.30 -4.92
CA THR C 359 -12.67 13.94 -4.43
C THR C 359 -13.46 13.09 -5.41
N ASN C 360 -13.21 11.79 -5.34
CA ASN C 360 -13.85 10.82 -6.19
C ASN C 360 -14.52 9.78 -5.31
N GLU C 361 -15.79 9.56 -5.55
CA GLU C 361 -16.61 8.65 -4.76
C GLU C 361 -16.97 7.39 -5.53
N GLU C 362 -16.14 7.00 -6.48
CA GLU C 362 -16.41 5.83 -7.33
C GLU C 362 -16.49 4.48 -6.63
N GLU C 363 -16.00 4.38 -5.40
CA GLU C 363 -16.03 3.11 -4.67
C GLU C 363 -17.44 2.69 -4.28
N ILE C 364 -18.39 3.60 -4.37
CA ILE C 364 -19.77 3.30 -3.97
C ILE C 364 -20.67 2.94 -5.14
N LYS C 365 -20.08 2.69 -6.30
CA LYS C 365 -20.82 2.31 -7.51
C LYS C 365 -21.56 0.99 -7.31
N THR C 366 -20.95 0.05 -6.58
CA THR C 366 -21.53 -1.24 -6.29
C THR C 366 -22.93 -1.21 -5.69
N THR C 367 -23.25 -0.21 -4.85
CA THR C 367 -24.61 -0.16 -4.32
C THR C 367 -25.34 1.15 -4.53
N ASN C 368 -24.63 2.16 -5.01
CA ASN C 368 -25.23 3.48 -5.20
C ASN C 368 -25.32 3.85 -6.68
N PRO C 369 -26.46 4.37 -7.11
CA PRO C 369 -26.63 4.79 -8.51
C PRO C 369 -25.67 5.91 -8.88
N VAL C 370 -25.23 5.95 -10.13
CA VAL C 370 -24.32 6.99 -10.55
C VAL C 370 -25.03 8.33 -10.48
N ALA C 371 -24.33 9.33 -9.94
CA ALA C 371 -24.97 10.60 -9.57
C ALA C 371 -25.44 11.38 -10.79
N THR C 372 -24.83 11.17 -11.94
CA THR C 372 -25.14 11.92 -13.14
C THR C 372 -26.09 11.18 -14.07
N GLU C 373 -26.61 10.04 -13.62
CA GLU C 373 -27.49 9.19 -14.40
C GLU C 373 -28.89 9.16 -13.77
N SER C 374 -29.88 8.80 -14.56
CA SER C 374 -31.21 8.59 -13.99
C SER C 374 -31.22 7.35 -13.11
N TYR C 375 -32.18 7.30 -12.18
CA TYR C 375 -32.32 6.12 -11.34
C TYR C 375 -32.78 4.92 -12.16
N GLY C 376 -33.66 5.16 -13.12
CA GLY C 376 -34.21 4.06 -13.90
C GLY C 376 -35.37 4.54 -14.76
N GLN C 377 -36.22 3.60 -15.17
CA GLN C 377 -37.41 3.90 -15.95
C GLN C 377 -38.65 3.33 -15.28
N VAL C 378 -39.78 3.99 -15.55
CA VAL C 378 -41.11 3.54 -15.13
C VAL C 378 -42.04 3.61 -16.33
N ALA C 379 -43.17 2.90 -16.21
CA ALA C 379 -44.20 2.93 -17.23
C ALA C 379 -45.06 4.18 -17.05
N THR C 380 -45.36 4.86 -18.14
CA THR C 380 -46.13 6.09 -18.05
C THR C 380 -47.60 5.94 -18.43
N ASN C 381 -48.06 4.75 -18.85
CA ASN C 381 -49.42 4.66 -19.33
C ASN C 381 -49.91 3.22 -19.21
N HIS C 382 -51.09 2.97 -19.76
CA HIS C 382 -51.65 1.64 -19.93
C HIS C 382 -51.61 1.29 -21.41
N GLN C 383 -50.78 0.32 -21.77
CA GLN C 383 -50.82 -0.14 -23.14
C GLN C 383 -52.18 -0.77 -23.44
N SER C 384 -52.51 -0.80 -24.71
CA SER C 384 -53.77 -1.36 -25.18
C SER C 384 -53.60 -1.58 -26.66
N ALA C 385 -54.64 -2.14 -27.29
CA ALA C 385 -54.57 -2.44 -28.71
C ALA C 385 -54.10 -1.23 -29.51
N GLN C 386 -54.56 -0.03 -29.17
CA GLN C 386 -54.21 1.18 -29.90
C GLN C 386 -52.98 1.90 -29.38
N ALA C 387 -52.49 1.60 -28.18
CA ALA C 387 -51.45 2.40 -27.55
C ALA C 387 -50.22 1.56 -27.24
N GLN C 388 -49.05 2.06 -27.59
CA GLN C 388 -47.81 1.40 -27.22
C GLN C 388 -47.43 1.73 -25.78
N ALA C 389 -46.71 0.81 -25.15
CA ALA C 389 -46.19 1.06 -23.82
C ALA C 389 -45.23 2.24 -23.82
N GLN C 390 -45.28 3.05 -22.77
CA GLN C 390 -44.48 4.26 -22.72
C GLN C 390 -43.74 4.37 -21.40
N THR C 391 -42.47 4.75 -21.47
CA THR C 391 -41.60 4.83 -20.31
C THR C 391 -41.06 6.25 -20.12
N GLY C 392 -41.03 6.70 -18.88
CA GLY C 392 -40.35 7.93 -18.52
C GLY C 392 -39.07 7.64 -17.79
N TRP C 393 -38.22 8.65 -17.62
CA TRP C 393 -37.02 8.50 -16.81
C TRP C 393 -37.27 9.01 -15.41
N VAL C 394 -36.71 8.32 -14.43
CA VAL C 394 -36.79 8.77 -13.05
C VAL C 394 -35.53 9.59 -12.79
N GLN C 395 -35.72 10.91 -12.65
CA GLN C 395 -34.58 11.78 -12.41
C GLN C 395 -34.18 11.77 -10.94
N ASN C 396 -35.16 11.70 -10.06
CA ASN C 396 -34.92 11.63 -8.64
C ASN C 396 -35.76 10.50 -8.06
N GLN C 397 -35.22 9.79 -7.08
CA GLN C 397 -35.92 8.73 -6.42
C GLN C 397 -35.64 8.78 -4.93
N GLY C 398 -36.69 8.88 -4.13
CA GLY C 398 -36.54 8.78 -2.70
C GLY C 398 -36.64 7.35 -2.23
N ILE C 399 -36.41 7.17 -0.93
CA ILE C 399 -36.29 5.85 -0.34
C ILE C 399 -37.48 4.97 -0.69
N LEU C 400 -37.18 3.76 -1.13
CA LEU C 400 -38.10 2.66 -1.34
C LEU C 400 -37.71 1.49 -0.45
N PRO C 401 -38.65 0.66 -0.02
CA PRO C 401 -38.29 -0.51 0.78
C PRO C 401 -37.37 -1.41 -0.03
N GLY C 402 -36.40 -2.01 0.64
CA GLY C 402 -35.45 -2.86 -0.02
C GLY C 402 -34.27 -2.17 -0.63
N MET C 403 -34.06 -0.89 -0.35
CA MET C 403 -32.87 -0.21 -0.79
C MET C 403 -31.72 -0.44 0.18
N VAL C 404 -30.52 -0.58 -0.37
CA VAL C 404 -29.30 -0.52 0.42
C VAL C 404 -28.37 0.50 -0.24
N TRP C 405 -27.54 1.13 0.58
CA TRP C 405 -26.66 2.17 0.06
C TRP C 405 -25.47 2.31 1.00
N GLN C 406 -24.43 2.95 0.48
CA GLN C 406 -23.24 3.34 1.23
C GLN C 406 -23.28 4.84 1.50
N ASP C 407 -22.82 5.24 2.67
CA ASP C 407 -22.62 6.65 2.97
C ASP C 407 -21.34 7.17 2.31
N ARG C 408 -21.26 8.49 2.23
CA ARG C 408 -20.12 9.14 1.61
C ARG C 408 -18.83 8.91 2.41
N ASP C 409 -17.70 8.88 1.69
CA ASP C 409 -16.42 8.57 2.31
C ASP C 409 -15.91 9.75 3.13
N VAL C 410 -14.98 9.46 4.03
CA VAL C 410 -14.33 10.48 4.84
C VAL C 410 -12.89 10.61 4.40
N TYR C 411 -12.32 11.80 4.60
CA TYR C 411 -11.02 12.14 4.06
C TYR C 411 -10.12 12.70 5.15
N LEU C 412 -8.81 12.55 4.95
CA LEU C 412 -7.84 13.12 5.88
C LEU C 412 -8.01 14.62 5.98
N GLN C 413 -8.42 15.27 4.89
CA GLN C 413 -8.68 16.70 4.92
C GLN C 413 -10.12 16.99 5.35
N GLY C 414 -10.96 15.97 5.43
CA GLY C 414 -12.38 16.17 5.59
C GLY C 414 -12.82 16.33 7.03
N PRO C 415 -14.10 16.65 7.23
CA PRO C 415 -14.64 16.78 8.59
C PRO C 415 -14.85 15.44 9.26
N ILE C 416 -14.95 15.49 10.58
CA ILE C 416 -15.10 14.28 11.39
C ILE C 416 -16.57 14.07 11.75
N TRP C 417 -17.15 15.03 12.46
CA TRP C 417 -18.50 14.90 12.95
C TRP C 417 -19.34 16.08 12.49
N ALA C 418 -20.64 15.93 12.65
CA ALA C 418 -21.58 17.04 12.54
C ALA C 418 -22.64 16.87 13.62
N LYS C 419 -23.44 17.91 13.82
CA LYS C 419 -24.51 17.88 14.81
C LYS C 419 -25.84 17.69 14.11
N ILE C 420 -26.57 16.66 14.51
CA ILE C 420 -27.87 16.39 13.90
C ILE C 420 -28.84 17.47 14.34
N PRO C 421 -29.53 18.15 13.42
CA PRO C 421 -30.47 19.18 13.84
C PRO C 421 -31.51 18.59 14.76
N HIS C 422 -31.85 19.33 15.82
CA HIS C 422 -32.85 18.86 16.77
C HIS C 422 -34.22 19.09 16.16
N THR C 423 -34.94 18.00 15.88
CA THR C 423 -36.13 18.03 15.04
C THR C 423 -37.06 16.89 15.43
N ASP C 424 -38.30 16.97 14.94
CA ASP C 424 -39.26 15.89 15.12
C ASP C 424 -38.74 14.59 14.53
N GLY C 425 -38.28 14.63 13.28
CA GLY C 425 -37.86 13.42 12.62
C GLY C 425 -36.76 13.69 11.62
N ASN C 426 -36.01 12.63 11.34
CA ASN C 426 -34.89 12.67 10.42
C ASN C 426 -34.69 11.25 9.91
N PHE C 427 -34.01 11.14 8.78
CA PHE C 427 -33.73 9.82 8.25
C PHE C 427 -32.26 9.68 7.95
N HIS C 428 -31.67 8.61 8.45
CA HIS C 428 -30.29 8.19 8.27
C HIS C 428 -29.40 9.40 8.57
N PRO C 429 -29.34 9.78 9.83
CA PRO C 429 -28.84 11.11 10.21
C PRO C 429 -27.41 11.43 9.81
N SER C 430 -26.69 10.46 9.27
CA SER C 430 -25.31 10.64 8.86
C SER C 430 -25.13 11.93 8.05
N PRO C 431 -24.17 12.77 8.39
CA PRO C 431 -24.01 14.05 7.69
C PRO C 431 -23.60 13.86 6.23
N LEU C 432 -24.17 14.69 5.37
CA LEU C 432 -24.01 14.51 3.93
C LEU C 432 -22.64 14.93 3.42
N MET C 433 -21.81 15.55 4.24
CA MET C 433 -20.44 15.76 3.81
C MET C 433 -19.52 14.65 4.25
N GLY C 434 -20.03 13.68 4.99
CA GLY C 434 -19.23 12.59 5.51
C GLY C 434 -19.02 12.72 7.00
N GLY C 435 -18.63 11.61 7.61
CA GLY C 435 -18.38 11.59 9.02
C GLY C 435 -19.51 11.01 9.84
N PHE C 436 -19.49 11.36 11.12
CA PHE C 436 -20.34 10.76 12.13
C PHE C 436 -21.33 11.79 12.64
N GLY C 437 -22.62 11.55 12.41
CA GLY C 437 -23.63 12.45 12.93
C GLY C 437 -23.94 12.15 14.38
N MET C 438 -24.15 13.19 15.15
CA MET C 438 -24.34 13.05 16.57
C MET C 438 -25.37 14.06 17.05
N LYS C 439 -26.28 13.60 17.90
CA LYS C 439 -27.17 14.55 18.56
C LYS C 439 -26.48 15.28 19.69
N HIS C 440 -25.40 14.71 20.23
CA HIS C 440 -24.58 15.36 21.25
C HIS C 440 -23.12 15.26 20.83
N PRO C 441 -22.70 16.05 19.85
CA PRO C 441 -21.30 16.00 19.38
C PRO C 441 -20.38 16.71 20.36
N PRO C 442 -19.07 16.69 20.13
CA PRO C 442 -18.16 17.42 21.00
C PRO C 442 -18.55 18.87 21.12
N PRO C 443 -18.67 19.37 22.35
CA PRO C 443 -19.22 20.72 22.54
C PRO C 443 -18.31 21.78 21.96
N GLN C 444 -18.91 22.94 21.70
CA GLN C 444 -18.12 24.10 21.33
C GLN C 444 -17.33 24.60 22.53
N ILE C 445 -16.14 25.10 22.27
CA ILE C 445 -15.25 25.62 23.28
C ILE C 445 -14.99 27.07 22.93
N LEU C 446 -15.49 27.97 23.76
CA LEU C 446 -15.46 29.40 23.47
C LEU C 446 -14.35 30.03 24.30
N ILE C 447 -13.64 30.99 23.70
CA ILE C 447 -12.53 31.64 24.38
C ILE C 447 -12.46 33.09 23.93
N LYS C 448 -12.14 33.99 24.86
CA LYS C 448 -11.89 35.38 24.55
C LYS C 448 -10.98 35.99 25.59
N ASN C 449 -10.39 37.12 25.24
CA ASN C 449 -9.58 37.90 26.17
C ASN C 449 -10.49 38.84 26.96
N THR C 450 -10.41 38.75 28.29
CA THR C 450 -11.26 39.60 29.12
C THR C 450 -10.83 41.05 28.94
N PRO C 451 -11.76 41.97 28.66
CA PRO C 451 -11.36 43.34 28.32
C PRO C 451 -10.75 44.08 29.50
N VAL C 452 -9.86 45.02 29.18
CA VAL C 452 -9.18 45.84 30.15
C VAL C 452 -9.28 47.31 29.76
N PHE C 468 -9.72 50.74 25.18
CA PHE C 468 -9.16 49.58 25.87
C PHE C 468 -7.69 49.39 25.53
N ILE C 469 -6.94 48.87 26.49
CA ILE C 469 -5.57 48.43 26.25
C ILE C 469 -5.55 47.40 25.14
N THR C 470 -4.64 47.56 24.18
CA THR C 470 -4.48 46.56 23.14
C THR C 470 -3.80 45.34 23.71
N GLN C 471 -4.39 44.17 23.46
CA GLN C 471 -4.02 42.99 24.21
C GLN C 471 -4.31 41.76 23.36
N TYR C 472 -3.49 40.73 23.54
CA TYR C 472 -3.75 39.46 22.86
C TYR C 472 -3.09 38.36 23.67
N SER C 473 -3.47 37.13 23.38
CA SER C 473 -3.01 35.98 24.14
C SER C 473 -2.47 34.90 23.21
N THR C 474 -1.74 33.97 23.79
CA THR C 474 -1.19 32.81 23.10
C THR C 474 -0.97 31.71 24.11
N GLY C 475 -0.77 30.50 23.61
CA GLY C 475 -0.70 29.36 24.51
C GLY C 475 -0.65 28.05 23.76
N GLN C 476 -1.09 27.01 24.44
CA GLN C 476 -1.01 25.64 23.94
C GLN C 476 -2.34 24.95 24.12
N VAL C 477 -2.72 24.13 23.14
CA VAL C 477 -3.89 23.27 23.24
C VAL C 477 -3.47 21.85 22.92
N SER C 478 -3.91 20.90 23.74
CA SER C 478 -3.78 19.49 23.43
C SER C 478 -5.17 18.89 23.30
N VAL C 479 -5.33 17.99 22.34
CA VAL C 479 -6.57 17.28 22.13
C VAL C 479 -6.26 15.80 21.92
N GLU C 480 -6.95 14.96 22.67
CA GLU C 480 -6.65 13.53 22.69
C GLU C 480 -7.94 12.76 22.46
N ILE C 481 -7.96 11.95 21.41
CA ILE C 481 -9.15 11.19 21.04
C ILE C 481 -8.81 9.72 21.03
N GLU C 482 -9.61 8.93 21.74
CA GLU C 482 -9.56 7.48 21.62
C GLU C 482 -10.45 7.08 20.45
N TRP C 483 -9.94 6.20 19.61
CA TRP C 483 -10.70 5.69 18.47
C TRP C 483 -10.82 4.18 18.64
N GLU C 484 -11.92 3.63 18.14
CA GLU C 484 -12.16 2.19 18.18
C GLU C 484 -12.09 1.65 16.76
N LEU C 485 -11.43 0.51 16.60
CA LEU C 485 -11.14 -0.04 15.29
C LEU C 485 -11.91 -1.32 15.05
N GLN C 486 -12.30 -1.53 13.80
CA GLN C 486 -12.89 -2.77 13.35
C GLN C 486 -11.94 -3.44 12.37
N LYS C 487 -11.32 -4.54 12.80
CA LYS C 487 -10.36 -5.27 11.98
C LYS C 487 -11.06 -6.06 10.88
N GLU C 488 -10.30 -6.45 9.87
CA GLU C 488 -10.79 -7.35 8.84
C GLU C 488 -10.32 -8.76 9.10
N ASN C 489 -11.24 -9.71 8.96
CA ASN C 489 -10.94 -11.15 8.98
C ASN C 489 -10.88 -11.75 7.57
N SER C 490 -10.87 -10.90 6.53
CA SER C 490 -11.19 -11.31 5.16
C SER C 490 -10.43 -12.56 4.71
N LYS C 491 -11.10 -13.39 3.91
CA LYS C 491 -10.55 -14.61 3.34
C LYS C 491 -10.08 -14.44 1.90
N ARG C 492 -10.14 -13.24 1.36
CA ARG C 492 -9.68 -12.98 -0.01
C ARG C 492 -8.27 -13.50 -0.23
N TRP C 493 -8.08 -14.21 -1.34
CA TRP C 493 -6.80 -14.83 -1.61
C TRP C 493 -5.79 -13.84 -2.18
N ASN C 494 -6.19 -13.07 -3.18
CA ASN C 494 -5.27 -12.14 -3.82
C ASN C 494 -5.09 -10.88 -2.99
N PRO C 495 -3.95 -10.22 -3.12
CA PRO C 495 -3.68 -9.03 -2.31
C PRO C 495 -4.61 -7.87 -2.63
N GLU C 496 -4.82 -7.03 -1.61
CA GLU C 496 -5.73 -5.89 -1.68
C GLU C 496 -5.10 -4.73 -2.44
N ILE C 497 -5.88 -3.68 -2.58
CA ILE C 497 -5.36 -2.36 -2.90
C ILE C 497 -5.06 -1.66 -1.59
N GLN C 498 -3.87 -1.09 -1.49
CA GLN C 498 -3.46 -0.39 -0.29
C GLN C 498 -3.18 1.04 -0.68
N TYR C 499 -3.19 1.93 0.31
CA TYR C 499 -2.72 3.27 0.04
C TYR C 499 -1.21 3.31 0.19
N THR C 500 -0.53 3.86 -0.80
CA THR C 500 0.92 3.80 -0.80
C THR C 500 1.49 5.05 -1.44
N SER C 501 2.66 5.44 -0.97
CA SER C 501 3.51 6.38 -1.68
C SER C 501 4.17 5.65 -2.83
N ASN C 502 4.24 6.30 -3.98
CA ASN C 502 4.98 5.77 -5.10
C ASN C 502 6.48 5.84 -4.80
N TYR C 503 7.28 5.12 -5.55
CA TYR C 503 8.70 5.28 -5.39
C TYR C 503 8.90 6.32 -6.47
N TYR C 504 9.20 7.55 -6.08
CA TYR C 504 9.35 8.62 -7.04
C TYR C 504 10.57 9.43 -6.79
N LYS C 505 11.07 10.09 -7.84
CA LYS C 505 12.23 10.94 -7.73
C LYS C 505 11.71 12.35 -7.91
N SER C 506 11.65 13.11 -6.81
CA SER C 506 11.06 14.44 -6.84
C SER C 506 11.88 15.44 -6.04
N ASN C 507 11.67 16.72 -6.33
CA ASN C 507 12.38 17.77 -5.61
C ASN C 507 11.99 17.82 -4.14
N ASN C 508 10.73 17.52 -3.87
CA ASN C 508 10.20 17.52 -2.52
C ASN C 508 9.64 16.14 -2.22
N VAL C 509 9.47 15.85 -0.95
CA VAL C 509 8.77 14.62 -0.61
C VAL C 509 7.34 14.95 -0.20
N GLU C 510 6.43 14.06 -0.56
CA GLU C 510 5.01 14.28 -0.35
C GLU C 510 4.66 14.28 1.13
N PHE C 511 3.79 15.21 1.52
CA PHE C 511 3.39 15.40 2.91
C PHE C 511 4.57 15.80 3.78
N ALA C 512 5.29 16.82 3.36
CA ALA C 512 6.42 17.34 4.11
C ALA C 512 6.67 18.78 3.72
N VAL C 513 7.48 19.46 4.53
CA VAL C 513 7.80 20.85 4.26
C VAL C 513 8.66 20.97 3.01
N ASN C 514 8.58 22.12 2.36
CA ASN C 514 9.42 22.43 1.22
C ASN C 514 10.68 23.16 1.70
N THR C 515 11.44 23.74 0.78
CA THR C 515 12.65 24.46 1.17
C THR C 515 12.30 25.76 1.88
N GLU C 516 11.06 26.21 1.78
CA GLU C 516 10.66 27.40 2.50
C GLU C 516 9.95 27.12 3.81
N GLY C 517 9.78 25.86 4.17
CA GLY C 517 9.12 25.52 5.40
C GLY C 517 7.61 25.46 5.32
N VAL C 518 7.04 25.34 4.13
CA VAL C 518 5.59 25.30 3.97
C VAL C 518 5.14 23.86 3.79
N TYR C 519 4.28 23.40 4.69
CA TYR C 519 3.73 22.05 4.68
C TYR C 519 2.61 21.98 3.65
N SER C 520 2.48 20.84 2.99
CA SER C 520 1.42 20.69 2.01
C SER C 520 0.85 19.28 2.05
N GLU C 521 -0.39 19.16 1.60
CA GLU C 521 -1.10 17.89 1.48
C GLU C 521 -1.39 17.82 0.00
N PRO C 522 -0.60 17.03 -0.73
CA PRO C 522 -0.65 16.87 -2.19
C PRO C 522 -1.95 16.34 -2.75
N ARG C 523 -2.58 15.38 -2.09
CA ARG C 523 -3.83 14.81 -2.59
C ARG C 523 -4.80 14.49 -1.46
N PRO C 524 -6.09 14.39 -1.80
CA PRO C 524 -7.08 14.03 -0.77
C PRO C 524 -7.04 12.53 -0.57
N ILE C 525 -6.93 12.08 0.66
CA ILE C 525 -6.86 10.64 0.92
C ILE C 525 -8.15 10.10 1.51
N GLY C 526 -8.80 9.19 0.80
CA GLY C 526 -10.01 8.57 1.27
C GLY C 526 -9.72 7.41 2.17
N THR C 527 -10.79 6.80 2.66
CA THR C 527 -10.68 5.73 3.62
C THR C 527 -10.88 4.34 3.01
N ARG C 528 -11.19 4.23 1.73
CA ARG C 528 -11.69 2.97 1.18
C ARG C 528 -10.67 2.30 0.28
N TYR C 529 -10.05 1.25 0.82
CA TYR C 529 -9.01 0.49 0.13
C TYR C 529 -9.25 -1.00 0.25
N LEU C 530 -9.32 -1.51 1.48
CA LEU C 530 -9.71 -2.88 1.73
C LEU C 530 -11.12 -3.13 1.21
N THR C 531 -11.45 -4.40 0.98
CA THR C 531 -12.74 -4.75 0.40
C THR C 531 -13.45 -5.80 1.23
N ARG C 532 -14.75 -5.94 0.95
CA ARG C 532 -15.63 -6.90 1.60
C ARG C 532 -16.59 -7.48 0.60
N ASN C 533 -17.17 -8.61 0.97
CA ASN C 533 -18.28 -9.18 0.22
C ASN C 533 -19.55 -8.42 0.54
N LEU C 534 -20.45 -8.38 -0.42
CA LEU C 534 -21.65 -7.59 -0.29
C LEU C 534 -22.73 -8.37 0.45
N GLY D 18 9.98 28.40 41.45
CA GLY D 18 9.61 29.80 41.61
C GLY D 18 10.32 30.73 40.64
N VAL D 19 9.83 31.97 40.57
CA VAL D 19 10.40 32.94 39.66
C VAL D 19 11.74 33.46 40.19
N GLY D 20 11.87 33.55 41.51
CA GLY D 20 13.05 34.09 42.15
C GLY D 20 13.94 33.10 42.87
N SER D 21 13.67 31.81 42.79
CA SER D 21 14.47 30.79 43.46
C SER D 21 15.22 29.96 42.45
N SER D 22 16.40 29.49 42.83
CA SER D 22 17.20 28.63 41.98
C SER D 22 16.61 27.23 41.93
N SER D 23 16.67 26.61 40.76
CA SER D 23 16.26 25.22 40.59
C SER D 23 17.42 24.23 40.59
N GLY D 24 18.65 24.72 40.71
CA GLY D 24 19.80 23.83 40.79
C GLY D 24 21.05 24.61 41.15
N ASN D 25 22.12 23.87 41.40
CA ASN D 25 23.37 24.48 41.79
C ASN D 25 24.47 24.11 40.80
N TRP D 26 25.71 24.42 41.15
CA TRP D 26 26.82 24.14 40.26
C TRP D 26 27.72 23.03 40.80
N HIS D 27 27.84 21.93 40.05
CA HIS D 27 28.72 20.85 40.45
C HIS D 27 29.74 20.63 39.35
N CYS D 28 31.02 20.79 39.67
CA CYS D 28 32.03 20.59 38.66
C CYS D 28 33.28 19.94 39.23
N ASP D 29 33.18 18.69 39.66
CA ASP D 29 34.33 18.00 40.24
C ASP D 29 34.45 16.56 39.78
N SER D 30 35.68 16.07 39.73
CA SER D 30 35.92 14.69 39.33
C SER D 30 36.40 13.93 40.54
N GLN D 31 35.74 12.81 40.81
CA GLN D 31 36.06 11.99 41.96
C GLN D 31 36.77 10.70 41.55
N VAL D 37 35.28 6.31 39.67
CA VAL D 37 35.61 7.58 39.06
C VAL D 37 34.36 8.25 38.54
N ILE D 38 33.91 9.30 39.23
CA ILE D 38 32.71 10.01 38.86
C ILE D 38 33.12 11.42 38.43
N THR D 39 33.09 11.67 37.13
CA THR D 39 33.25 13.01 36.62
C THR D 39 31.92 13.73 36.70
N THR D 40 31.97 15.04 36.94
CA THR D 40 30.79 15.88 36.89
C THR D 40 31.18 17.19 36.22
N SER D 41 30.44 17.57 35.20
CA SER D 41 30.65 18.83 34.50
C SER D 41 29.44 19.72 34.71
N THR D 42 29.62 21.02 34.58
CA THR D 42 28.52 21.97 34.50
C THR D 42 28.93 23.16 33.66
N ARG D 43 28.03 23.63 32.81
CA ARG D 43 28.33 24.70 31.87
C ARG D 43 27.13 25.63 31.77
N THR D 44 27.32 26.76 31.11
CA THR D 44 26.23 27.68 30.77
C THR D 44 26.08 27.74 29.27
N TRP D 45 24.84 27.63 28.79
CA TRP D 45 24.53 27.53 27.37
C TRP D 45 23.60 28.64 26.93
N ALA D 46 23.57 28.90 25.63
CA ALA D 46 22.63 29.84 25.02
C ALA D 46 21.97 29.19 23.83
N LEU D 47 20.65 29.27 23.77
CA LEU D 47 19.85 28.65 22.70
C LEU D 47 19.16 29.73 21.89
N PRO D 48 19.49 29.92 20.63
CA PRO D 48 18.82 30.93 19.82
C PRO D 48 17.53 30.40 19.19
N THR D 49 16.94 31.18 18.31
CA THR D 49 15.82 30.71 17.50
C THR D 49 16.32 30.30 16.12
N TYR D 50 16.13 29.04 15.79
CA TYR D 50 16.60 28.49 14.53
C TYR D 50 15.47 28.48 13.51
N ASN D 51 15.83 28.93 12.31
CA ASN D 51 14.93 28.99 11.16
C ASN D 51 13.62 29.71 11.42
N ASN D 52 13.58 30.57 12.44
CA ASN D 52 12.35 31.28 12.78
C ASN D 52 11.18 30.31 12.96
N HIS D 53 11.43 29.27 13.76
CA HIS D 53 10.48 28.21 14.12
C HIS D 53 9.96 27.42 12.91
N LEU D 54 10.84 27.12 11.97
CA LEU D 54 10.48 26.43 10.74
C LEU D 54 11.34 25.19 10.52
N TYR D 55 10.72 24.21 9.87
CA TYR D 55 11.40 23.00 9.44
C TYR D 55 11.60 23.30 7.97
N LYS D 56 12.83 23.46 7.53
CA LYS D 56 13.07 23.77 6.12
C LYS D 56 13.84 22.69 5.40
N GLN D 57 13.35 22.30 4.23
CA GLN D 57 14.03 21.29 3.44
C GLN D 57 15.34 21.85 2.91
N ILE D 58 16.41 21.09 3.10
CA ILE D 58 17.74 21.47 2.69
C ILE D 58 18.28 20.36 1.78
N SER D 59 19.14 20.73 0.83
CA SER D 59 19.72 19.78 -0.10
C SER D 59 21.01 20.36 -0.66
N ASN D 60 21.77 19.56 -1.40
CA ASN D 60 23.03 20.07 -1.97
C ASN D 60 22.80 21.24 -2.93
N SER D 61 21.70 21.21 -3.70
CA SER D 61 21.37 22.32 -4.58
C SER D 61 21.12 23.58 -3.76
N THR D 62 20.44 23.43 -2.62
CA THR D 62 20.19 24.55 -1.71
C THR D 62 21.55 25.11 -1.25
N SER D 63 22.50 24.24 -0.97
CA SER D 63 23.85 24.66 -0.59
C SER D 63 24.81 24.86 -1.76
N GLY D 64 24.27 24.89 -2.98
CA GLY D 64 25.06 25.08 -4.19
C GLY D 64 25.39 23.87 -5.05
N GLY D 65 25.16 22.67 -4.55
CA GLY D 65 25.35 21.46 -5.33
C GLY D 65 26.67 21.05 -5.97
N SER D 66 26.53 20.74 -7.27
CA SER D 66 27.55 20.31 -8.23
C SER D 66 28.13 18.89 -8.12
N SER D 67 28.78 18.54 -7.02
CA SER D 67 29.38 17.21 -6.94
C SER D 67 28.43 16.06 -6.61
N ASN D 68 28.50 14.99 -7.39
CA ASN D 68 27.66 13.82 -7.15
C ASN D 68 27.96 13.13 -5.83
N ASP D 69 29.24 13.03 -5.50
CA ASP D 69 29.66 12.39 -4.26
C ASP D 69 29.19 13.17 -3.04
N ASN D 70 28.95 14.46 -3.23
CA ASN D 70 28.51 15.32 -2.13
C ASN D 70 27.02 15.59 -2.10
N ALA D 71 26.23 15.03 -3.03
CA ALA D 71 24.81 15.30 -3.06
C ALA D 71 24.13 14.80 -1.79
N TYR D 72 23.11 15.52 -1.34
CA TYR D 72 22.42 15.15 -0.12
C TYR D 72 21.05 15.79 -0.11
N PHE D 73 20.17 15.22 0.70
CA PHE D 73 18.80 15.69 0.87
C PHE D 73 18.43 15.50 2.32
N GLY D 74 17.76 16.48 2.90
CA GLY D 74 17.45 16.38 4.31
C GLY D 74 16.62 17.55 4.77
N TYR D 75 16.65 17.78 6.07
CA TYR D 75 15.85 18.82 6.69
C TYR D 75 16.64 19.49 7.81
N SER D 76 16.43 20.79 7.96
CA SER D 76 16.94 21.53 9.10
C SER D 76 15.77 21.89 9.99
N THR D 77 15.94 21.68 11.28
CA THR D 77 14.84 21.78 12.23
C THR D 77 15.06 23.00 13.10
N PRO D 78 13.99 23.56 13.67
CA PRO D 78 14.15 24.62 14.68
C PRO D 78 14.79 24.14 15.96
N TRP D 79 14.91 22.84 16.18
CA TRP D 79 15.41 22.29 17.43
C TRP D 79 16.93 22.33 17.49
N GLY D 80 17.44 22.54 18.70
CA GLY D 80 18.83 22.33 19.01
C GLY D 80 19.02 21.09 19.89
N TYR D 81 20.28 20.74 20.15
CA TYR D 81 20.56 19.54 20.92
C TYR D 81 21.87 19.68 21.69
N PHE D 82 22.02 18.86 22.72
CA PHE D 82 23.21 18.87 23.57
C PHE D 82 24.19 17.80 23.16
N ASP D 83 25.48 18.13 23.17
CA ASP D 83 26.55 17.21 22.82
C ASP D 83 27.64 17.26 23.90
N PHE D 84 27.75 16.21 24.72
CA PHE D 84 28.91 15.97 25.57
C PHE D 84 29.81 14.84 25.07
N ASN D 85 29.65 14.39 23.83
CA ASN D 85 30.28 13.16 23.33
C ASN D 85 31.82 13.15 23.31
N ARG D 86 32.48 14.24 23.68
CA ARG D 86 33.94 14.30 23.70
C ARG D 86 34.47 14.19 25.12
N PHE D 87 35.67 13.64 25.25
CA PHE D 87 36.23 13.41 26.58
C PHE D 87 36.57 14.70 27.30
N HIS D 88 37.05 15.72 26.57
CA HIS D 88 37.44 16.94 27.26
C HIS D 88 36.25 17.62 27.92
N CYS D 89 35.04 17.13 27.67
CA CYS D 89 33.87 17.64 28.36
C CYS D 89 33.83 17.15 29.80
N HIS D 90 34.15 15.89 30.03
CA HIS D 90 34.06 15.31 31.36
C HIS D 90 35.36 15.28 32.14
N PHE D 91 36.50 15.50 31.47
CA PHE D 91 37.80 15.34 32.10
C PHE D 91 38.52 16.68 32.14
N SER D 92 39.04 17.01 33.31
CA SER D 92 40.07 18.02 33.42
C SER D 92 41.41 17.41 33.06
N PRO D 93 42.32 18.20 32.47
CA PRO D 93 43.65 17.73 32.11
C PRO D 93 44.53 17.42 33.33
N TRP D 104 45.10 0.97 33.20
CA TRP D 104 44.92 0.00 32.13
C TRP D 104 43.65 0.16 31.31
N GLY D 105 42.48 0.12 31.94
CA GLY D 105 41.26 0.15 31.17
C GLY D 105 40.16 0.84 31.93
N PHE D 106 39.17 1.32 31.18
CA PHE D 106 38.05 2.05 31.73
C PHE D 106 36.88 1.98 30.77
N ARG D 107 35.71 2.39 31.25
CA ARG D 107 34.50 2.41 30.44
C ARG D 107 33.36 3.06 31.22
N PRO D 108 32.44 3.72 30.55
CA PRO D 108 31.32 4.35 31.25
C PRO D 108 30.30 3.34 31.72
N LYS D 109 29.54 3.73 32.74
CA LYS D 109 28.56 2.86 33.37
C LYS D 109 27.20 3.53 33.44
N ARG D 110 27.08 4.63 34.17
CA ARG D 110 25.84 5.36 34.36
C ARG D 110 26.00 6.77 33.80
N LEU D 111 24.87 7.38 33.52
CA LEU D 111 24.80 8.75 33.02
C LEU D 111 23.73 9.45 33.83
N ASN D 112 23.96 10.73 34.11
CA ASN D 112 22.98 11.55 34.80
C ASN D 112 23.08 12.97 34.24
N PHE D 113 21.93 13.57 33.95
CA PHE D 113 21.86 14.78 33.14
C PHE D 113 20.84 15.71 33.77
N LYS D 114 21.19 16.99 33.89
CA LYS D 114 20.26 17.98 34.43
C LYS D 114 20.30 19.25 33.62
N LEU D 115 19.14 19.88 33.52
CA LEU D 115 18.99 21.14 32.81
C LEU D 115 18.18 22.06 33.71
N PHE D 116 18.78 23.14 34.18
CA PHE D 116 18.16 23.90 35.25
C PHE D 116 18.51 25.38 35.11
N ASN D 117 17.95 26.19 36.01
CA ASN D 117 18.13 27.63 36.03
C ASN D 117 17.85 28.24 34.65
N ILE D 118 16.67 27.95 34.12
CA ILE D 118 16.30 28.41 32.79
C ILE D 118 15.98 29.89 32.82
N GLN D 119 16.47 30.62 31.82
CA GLN D 119 16.27 32.05 31.69
C GLN D 119 15.96 32.34 30.23
N VAL D 120 14.89 33.09 29.98
CA VAL D 120 14.41 33.34 28.62
C VAL D 120 14.44 34.84 28.36
N LYS D 121 15.34 35.26 27.48
CA LYS D 121 15.51 36.66 27.11
C LYS D 121 14.76 36.93 25.81
N GLU D 122 14.08 38.07 25.75
CA GLU D 122 13.47 38.53 24.52
C GLU D 122 14.18 39.80 24.05
N VAL D 123 14.11 40.07 22.75
CA VAL D 123 14.91 41.10 22.11
C VAL D 123 14.01 41.98 21.29
N THR D 124 14.22 43.30 21.36
CA THR D 124 13.46 44.26 20.59
C THR D 124 14.41 45.34 20.07
N ASP D 125 14.25 45.69 18.80
CA ASP D 125 15.15 46.65 18.16
C ASP D 125 14.44 47.99 18.02
N ASN D 126 14.87 48.97 18.81
CA ASN D 126 14.50 50.36 18.64
C ASN D 126 15.57 51.03 17.81
N ASN D 127 15.22 51.46 16.60
CA ASN D 127 16.17 52.04 15.65
C ASN D 127 17.23 50.98 15.36
N GLY D 128 18.51 51.22 15.66
CA GLY D 128 19.57 50.26 15.47
C GLY D 128 20.18 49.68 16.73
N VAL D 129 19.60 49.96 17.91
CA VAL D 129 20.09 49.42 19.17
C VAL D 129 19.09 48.42 19.69
N LYS D 130 19.58 47.38 20.36
CA LYS D 130 18.72 46.29 20.78
C LYS D 130 18.56 46.24 22.28
N THR D 131 17.36 45.85 22.71
CA THR D 131 17.00 45.72 24.11
C THR D 131 16.91 44.24 24.45
N ILE D 132 17.21 43.91 25.70
CA ILE D 132 17.03 42.55 26.20
C ILE D 132 16.28 42.65 27.53
N ALA D 133 15.19 41.90 27.65
CA ALA D 133 14.40 41.87 28.86
C ALA D 133 13.97 40.44 29.14
N ASN D 134 13.83 40.11 30.41
CA ASN D 134 13.32 38.81 30.80
C ASN D 134 11.90 38.61 30.29
N ASN D 135 11.63 37.44 29.75
CA ASN D 135 10.27 37.01 29.47
C ASN D 135 10.00 35.83 30.40
N LEU D 136 9.19 36.07 31.42
CA LEU D 136 9.00 35.07 32.47
C LEU D 136 7.96 34.01 32.12
N THR D 137 6.98 34.33 31.27
CA THR D 137 5.91 33.40 30.94
C THR D 137 6.23 32.48 29.77
N SER D 138 7.35 32.68 29.08
CA SER D 138 7.72 31.80 27.98
C SER D 138 8.22 30.46 28.49
N THR D 139 8.27 29.48 27.59
CA THR D 139 8.70 28.14 27.92
C THR D 139 9.85 27.70 27.04
N VAL D 140 10.51 26.64 27.48
CA VAL D 140 11.56 25.95 26.74
C VAL D 140 11.22 24.47 26.72
N GLN D 141 11.18 23.89 25.53
CA GLN D 141 10.79 22.50 25.35
C GLN D 141 12.02 21.64 25.25
N VAL D 142 12.00 20.50 25.93
CA VAL D 142 13.09 19.53 25.84
C VAL D 142 12.49 18.14 25.87
N PHE D 143 13.10 17.23 25.12
CA PHE D 143 12.83 15.80 25.30
C PHE D 143 14.08 15.04 24.89
N THR D 144 14.20 13.85 25.45
CA THR D 144 15.20 12.90 25.01
C THR D 144 14.54 11.86 24.14
N ASP D 145 15.26 11.39 23.13
CA ASP D 145 14.73 10.35 22.26
C ASP D 145 15.35 9.04 22.73
N SER D 146 14.61 8.32 23.56
CA SER D 146 15.14 7.11 24.17
C SER D 146 14.69 5.86 23.46
N ASP D 147 13.79 5.98 22.49
CA ASP D 147 13.45 4.88 21.60
C ASP D 147 14.21 4.96 20.30
N TYR D 148 15.07 5.95 20.15
CA TYR D 148 15.99 6.06 19.02
C TYR D 148 15.21 6.16 17.72
N GLN D 149 14.16 6.97 17.74
CA GLN D 149 13.30 7.13 16.59
C GLN D 149 13.75 8.24 15.65
N LEU D 150 14.63 9.12 16.09
CA LEU D 150 15.18 10.16 15.25
C LEU D 150 16.49 9.72 14.64
N PRO D 151 16.89 10.31 13.52
CA PRO D 151 18.25 10.11 13.01
C PRO D 151 19.27 10.55 14.04
N TYR D 152 20.30 9.73 14.24
CA TYR D 152 21.22 9.91 15.36
C TYR D 152 22.49 10.57 14.86
N VAL D 153 22.67 11.84 15.20
CA VAL D 153 23.76 12.67 14.70
C VAL D 153 24.91 12.83 15.69
N LEU D 154 24.89 12.16 16.84
CA LEU D 154 25.97 12.34 17.80
C LEU D 154 27.18 11.49 17.49
N GLY D 155 27.15 10.68 16.44
CA GLY D 155 28.26 9.81 16.12
C GLY D 155 29.12 10.27 14.97
N SER D 156 28.89 11.48 14.47
CA SER D 156 29.63 11.99 13.33
C SER D 156 30.77 12.92 13.73
N ALA D 157 31.03 13.06 15.03
CA ALA D 157 32.14 13.85 15.52
C ALA D 157 32.06 15.29 15.05
N HIS D 158 30.92 15.93 15.32
CA HIS D 158 30.74 17.32 14.92
C HIS D 158 31.18 18.27 16.01
N GLU D 159 31.16 19.56 15.67
CA GLU D 159 31.42 20.59 16.64
C GLU D 159 30.13 20.86 17.44
N GLY D 160 30.21 21.73 18.44
CA GLY D 160 29.07 22.01 19.29
C GLY D 160 29.08 21.34 20.63
N CYS D 161 30.21 20.77 21.04
CA CYS D 161 30.32 20.10 22.32
C CYS D 161 30.34 21.11 23.46
N LEU D 162 30.07 20.62 24.66
CA LEU D 162 30.36 21.37 25.86
C LEU D 162 31.83 21.81 25.84
N PRO D 163 32.13 23.08 26.15
CA PRO D 163 33.50 23.53 26.06
C PRO D 163 34.34 22.85 27.12
N PRO D 164 35.60 22.52 26.81
CA PRO D 164 36.43 21.79 27.77
C PRO D 164 36.76 22.60 29.01
N PHE D 165 36.71 23.91 28.94
CA PHE D 165 37.02 24.63 30.15
C PHE D 165 35.73 25.08 30.81
N PRO D 166 35.56 24.83 32.12
CA PRO D 166 34.25 25.05 32.75
C PRO D 166 33.77 26.49 32.74
N ALA D 167 34.61 27.48 32.48
CA ALA D 167 34.14 28.86 32.57
C ALA D 167 33.45 29.35 31.30
N ASP D 168 33.63 28.69 30.17
CA ASP D 168 33.10 29.19 28.91
C ASP D 168 31.58 29.02 28.83
N VAL D 169 30.96 29.85 28.01
CA VAL D 169 29.55 29.75 27.66
C VAL D 169 29.46 29.39 26.19
N PHE D 170 28.72 28.33 25.88
CA PHE D 170 28.71 27.77 24.53
C PHE D 170 27.34 27.90 23.90
N MET D 171 27.34 28.02 22.57
CA MET D 171 26.14 28.05 21.77
C MET D 171 25.70 26.65 21.40
N ILE D 172 24.44 26.34 21.65
CA ILE D 172 23.90 25.00 21.37
C ILE D 172 23.66 24.86 19.87
N PRO D 173 24.17 23.79 19.24
CA PRO D 173 24.07 23.66 17.79
C PRO D 173 22.67 23.31 17.32
N GLN D 174 22.44 23.53 16.03
CA GLN D 174 21.14 23.24 15.43
C GLN D 174 21.07 21.81 14.96
N TYR D 175 19.91 21.18 15.17
CA TYR D 175 19.70 19.80 14.78
C TYR D 175 19.16 19.73 13.35
N GLY D 176 19.77 18.87 12.56
CA GLY D 176 19.30 18.58 11.22
C GLY D 176 19.65 17.15 10.92
N TYR D 177 18.97 16.59 9.93
CA TYR D 177 19.19 15.20 9.59
C TYR D 177 19.07 15.04 8.09
N LEU D 178 19.71 13.99 7.59
CA LEU D 178 19.66 13.62 6.20
C LEU D 178 18.88 12.32 6.04
N THR D 179 18.27 12.18 4.87
CA THR D 179 17.55 10.97 4.51
C THR D 179 18.03 10.54 3.14
N LEU D 180 17.34 9.57 2.56
CA LEU D 180 17.70 9.07 1.25
C LEU D 180 17.62 10.18 0.22
N ASN D 181 18.49 10.14 -0.76
CA ASN D 181 18.50 11.11 -1.85
C ASN D 181 19.04 10.46 -3.11
N ASP D 182 18.64 10.99 -4.25
CA ASP D 182 19.30 10.73 -5.52
C ASP D 182 19.61 12.07 -6.17
N GLY D 183 20.89 12.39 -6.27
CA GLY D 183 21.24 13.77 -6.55
C GLY D 183 20.68 14.61 -5.43
N SER D 184 20.19 15.79 -5.77
CA SER D 184 19.58 16.67 -4.77
C SER D 184 18.13 16.33 -4.54
N GLN D 185 17.58 15.35 -5.23
CA GLN D 185 16.17 15.02 -5.10
C GLN D 185 15.92 14.03 -3.97
N ALA D 186 14.64 13.78 -3.75
CA ALA D 186 14.18 12.84 -2.75
C ALA D 186 13.52 11.67 -3.45
N VAL D 187 13.90 10.48 -3.05
CA VAL D 187 13.20 9.28 -3.46
C VAL D 187 11.96 9.13 -2.59
N GLY D 188 11.01 8.35 -3.07
CA GLY D 188 9.78 8.11 -2.35
C GLY D 188 9.98 7.44 -1.00
N ARG D 189 11.10 6.73 -0.85
CA ARG D 189 11.40 6.06 0.41
C ARG D 189 11.97 7.03 1.45
N SER D 190 12.27 8.26 1.07
CA SER D 190 12.76 9.25 2.02
C SER D 190 11.76 9.48 3.14
N SER D 191 12.29 9.75 4.33
CA SER D 191 11.48 10.00 5.51
C SER D 191 11.54 11.47 5.91
N PHE D 192 10.46 11.96 6.48
CA PHE D 192 10.38 13.29 7.06
C PHE D 192 9.89 13.16 8.49
N TYR D 193 10.66 13.71 9.41
CA TYR D 193 10.32 13.64 10.83
C TYR D 193 9.94 15.02 11.32
N CYS D 194 8.90 15.09 12.13
CA CYS D 194 8.52 16.29 12.84
C CYS D 194 8.82 16.08 14.31
N LEU D 195 9.76 16.85 14.85
CA LEU D 195 10.07 16.70 16.26
C LEU D 195 9.01 17.29 17.16
N GLU D 196 8.11 18.12 16.62
CA GLU D 196 6.95 18.53 17.39
C GLU D 196 6.02 17.37 17.67
N TYR D 197 6.23 16.26 16.99
CA TYR D 197 5.34 15.12 17.06
C TYR D 197 5.81 14.11 18.10
N PHE D 198 6.72 14.45 18.82
CA PHE D 198 7.17 13.82 20.05
C PHE D 198 6.57 14.51 21.27
N PRO D 199 6.20 13.75 22.29
CA PRO D 199 5.91 14.37 23.57
C PRO D 199 7.18 14.93 24.19
N SER D 200 7.13 16.18 24.62
CA SER D 200 8.29 16.84 25.17
C SER D 200 7.92 17.56 26.46
N GLN D 201 8.92 17.79 27.30
CA GLN D 201 8.72 18.49 28.55
C GLN D 201 8.97 19.98 28.35
N MET D 202 8.05 20.79 28.83
CA MET D 202 8.05 22.23 28.62
C MET D 202 8.43 22.91 29.93
N LEU D 203 9.34 23.87 29.86
CA LEU D 203 9.95 24.45 31.06
C LEU D 203 9.81 25.96 31.03
N ARG D 204 9.12 26.50 32.03
CA ARG D 204 9.25 27.90 32.38
C ARG D 204 10.53 28.11 33.18
N THR D 205 10.77 29.37 33.57
CA THR D 205 12.06 29.76 34.11
C THR D 205 12.37 29.06 35.43
N GLY D 206 11.36 28.75 36.24
CA GLY D 206 11.58 28.03 37.48
C GLY D 206 11.72 26.52 37.37
N ASN D 207 11.34 25.93 36.23
CA ASN D 207 11.38 24.49 36.06
C ASN D 207 12.79 24.00 35.71
N ASN D 208 13.06 22.74 36.06
CA ASN D 208 14.30 22.07 35.68
C ASN D 208 13.97 20.74 35.02
N PHE D 209 14.99 20.17 34.36
CA PHE D 209 14.83 18.90 33.66
C PHE D 209 15.98 17.98 34.00
N GLN D 210 15.68 16.69 34.14
CA GLN D 210 16.70 15.71 34.46
C GLN D 210 16.28 14.33 33.96
N PHE D 211 17.27 13.49 33.68
CA PHE D 211 17.02 12.08 33.47
C PHE D 211 18.33 11.34 33.69
N SER D 212 18.22 10.04 33.92
CA SER D 212 19.40 9.20 34.07
C SER D 212 19.39 8.14 32.98
N TYR D 213 20.59 7.64 32.67
CA TYR D 213 20.78 6.68 31.61
C TYR D 213 21.80 5.64 32.04
N GLU D 214 21.52 4.38 31.73
CA GLU D 214 22.41 3.27 32.06
C GLU D 214 23.11 2.81 30.79
N PHE D 215 24.42 3.04 30.73
CA PHE D 215 25.21 2.53 29.62
C PHE D 215 25.10 1.02 29.51
N GLU D 216 24.90 0.53 28.30
CA GLU D 216 24.95 -0.91 28.09
C GLU D 216 26.40 -1.38 28.09
N ASN D 217 26.59 -2.66 28.40
CA ASN D 217 27.93 -3.17 28.64
C ASN D 217 28.79 -3.06 27.40
N VAL D 218 29.95 -2.42 27.56
CA VAL D 218 31.00 -2.41 26.55
C VAL D 218 32.23 -3.06 27.16
N PRO D 219 33.12 -3.59 26.32
CA PRO D 219 34.44 -3.98 26.83
C PRO D 219 35.21 -2.74 27.26
N PHE D 220 36.04 -2.90 28.29
CA PHE D 220 36.91 -1.80 28.72
C PHE D 220 37.71 -1.30 27.55
N HIS D 221 37.90 0.01 27.46
CA HIS D 221 38.76 0.52 26.43
C HIS D 221 40.16 0.30 26.97
N SER D 222 41.00 -0.39 26.22
CA SER D 222 42.36 -0.64 26.69
C SER D 222 43.18 0.63 26.78
N SER D 223 43.91 0.77 27.88
CA SER D 223 44.75 1.94 28.08
C SER D 223 46.14 1.45 28.45
N TYR D 224 46.77 0.80 27.48
CA TYR D 224 48.11 0.27 27.64
C TYR D 224 48.72 0.08 26.27
N ALA D 225 50.03 -0.01 26.22
CA ALA D 225 50.74 -0.25 24.97
C ALA D 225 51.44 -1.58 25.21
N HIS D 226 51.36 -2.48 24.25
CA HIS D 226 51.98 -3.79 24.44
C HIS D 226 53.51 -3.68 24.57
N SER D 227 54.06 -4.44 25.53
CA SER D 227 55.50 -4.46 25.75
C SER D 227 56.15 -5.51 24.86
N GLN D 228 55.33 -6.34 24.23
CA GLN D 228 55.80 -7.38 23.33
C GLN D 228 55.19 -7.18 21.95
N SER D 229 55.76 -7.82 20.95
CA SER D 229 55.21 -7.72 19.60
C SER D 229 54.77 -9.09 19.12
N LEU D 230 53.87 -9.09 18.15
CA LEU D 230 53.17 -10.31 17.75
C LEU D 230 54.12 -11.36 17.19
N ASP D 231 55.19 -10.94 16.54
CA ASP D 231 56.10 -11.90 15.92
C ASP D 231 57.22 -12.38 16.83
N ARG D 232 57.45 -11.71 17.95
CA ARG D 232 58.54 -12.06 18.86
C ARG D 232 58.11 -12.83 20.10
N LEU D 233 56.84 -13.19 20.22
CA LEU D 233 56.38 -13.95 21.38
C LEU D 233 57.24 -15.19 21.60
N MET D 269 64.08 -16.70 13.14
CA MET D 269 62.81 -16.41 13.78
C MET D 269 61.76 -15.94 12.78
N ALA D 270 62.20 -15.32 11.70
CA ALA D 270 61.25 -14.90 10.67
C ALA D 270 60.51 -16.07 10.06
N VAL D 271 61.11 -17.27 10.10
CA VAL D 271 60.53 -18.46 9.48
C VAL D 271 59.74 -19.32 10.46
N GLN D 272 59.64 -18.93 11.72
CA GLN D 272 59.07 -19.82 12.72
C GLN D 272 57.55 -19.87 12.64
N GLY D 273 57.00 -21.00 13.06
CA GLY D 273 55.56 -21.16 13.10
C GLY D 273 54.95 -20.41 14.28
N ARG D 274 53.86 -19.70 14.01
CA ARG D 274 53.18 -18.88 15.00
C ARG D 274 51.71 -19.24 15.04
N ASN D 275 51.08 -19.00 16.18
CA ASN D 275 49.66 -19.26 16.35
C ASN D 275 48.76 -18.11 15.91
N TYR D 276 49.30 -16.90 15.75
CA TYR D 276 48.44 -15.74 15.52
C TYR D 276 49.15 -14.77 14.59
N ILE D 277 48.34 -13.96 13.90
CA ILE D 277 48.85 -13.08 12.86
C ILE D 277 48.17 -11.72 12.99
N PRO D 278 48.74 -10.68 12.38
CA PRO D 278 48.25 -9.33 12.63
C PRO D 278 46.95 -9.01 11.91
N GLY D 279 46.27 -7.99 12.43
CA GLY D 279 44.94 -7.63 12.00
C GLY D 279 44.87 -7.15 10.58
N PRO D 280 43.67 -6.80 10.14
CA PRO D 280 43.45 -6.48 8.73
C PRO D 280 44.05 -5.13 8.35
N SER D 281 44.14 -4.91 7.05
CA SER D 281 44.70 -3.68 6.52
C SER D 281 43.94 -3.24 5.27
N TYR D 282 43.78 -1.93 5.13
CA TYR D 282 43.30 -1.32 3.89
C TYR D 282 44.26 -0.16 3.62
N ARG D 283 45.11 -0.28 2.60
CA ARG D 283 46.28 0.59 2.56
C ARG D 283 45.91 2.05 2.34
N GLN D 284 46.54 2.92 3.12
CA GLN D 284 46.52 4.36 2.96
C GLN D 284 47.79 4.81 2.27
N GLN D 285 47.70 5.90 1.50
CA GLN D 285 48.89 6.49 0.90
C GLN D 285 49.68 7.26 1.94
N ARG D 286 51.00 7.32 1.76
CA ARG D 286 51.91 7.82 2.77
C ARG D 286 52.29 9.27 2.46
N VAL D 287 52.33 10.11 3.48
CA VAL D 287 52.54 11.54 3.34
C VAL D 287 53.59 11.99 4.34
N SER D 288 54.62 12.67 3.84
CA SER D 288 55.70 13.18 4.70
C SER D 288 55.40 14.59 5.16
N THR D 289 55.77 14.90 6.41
CA THR D 289 55.68 16.28 6.87
C THR D 289 56.83 17.13 6.38
N THR D 290 57.85 16.52 5.79
CA THR D 290 58.89 17.26 5.09
C THR D 290 58.48 17.34 3.62
N VAL D 291 58.08 18.52 3.17
CA VAL D 291 57.28 18.57 1.95
C VAL D 291 58.14 18.24 0.74
N THR D 292 59.44 18.52 0.80
CA THR D 292 60.30 18.20 -0.32
C THR D 292 60.36 16.71 -0.58
N GLN D 293 59.99 15.90 0.41
CA GLN D 293 59.98 14.46 0.25
C GLN D 293 58.77 14.03 -0.56
N ASN D 294 57.66 14.75 -0.40
CA ASN D 294 56.42 14.45 -1.10
C ASN D 294 56.50 14.75 -2.58
N ASN D 295 55.72 14.02 -3.37
CA ASN D 295 55.66 14.21 -4.80
C ASN D 295 55.08 15.60 -5.09
N ASN D 296 55.60 16.24 -6.13
CA ASN D 296 55.15 17.58 -6.49
C ASN D 296 53.89 17.53 -7.36
N SER D 297 52.77 17.16 -6.76
CA SER D 297 51.48 17.07 -7.45
C SER D 297 50.33 17.08 -6.46
N GLU D 298 49.12 17.27 -6.96
CA GLU D 298 47.95 17.29 -6.10
C GLU D 298 47.35 15.89 -6.02
N PHE D 299 47.52 15.21 -4.89
CA PHE D 299 47.00 13.86 -4.77
C PHE D 299 46.15 13.68 -3.53
N ALA D 300 45.60 14.76 -3.02
CA ALA D 300 44.77 14.66 -1.83
C ALA D 300 43.55 13.80 -2.09
N TRP D 301 42.92 13.98 -3.26
CA TRP D 301 41.76 13.17 -3.62
C TRP D 301 42.11 11.99 -4.52
N PRO D 302 42.93 12.23 -5.54
CA PRO D 302 43.33 11.20 -6.50
C PRO D 302 44.11 10.05 -5.86
N GLY D 303 44.97 10.36 -4.90
CA GLY D 303 45.77 9.35 -4.23
C GLY D 303 45.15 8.75 -2.99
N ALA D 304 43.92 9.14 -2.67
CA ALA D 304 43.25 8.63 -1.47
C ALA D 304 42.53 7.29 -1.60
N SER D 305 42.35 6.65 -0.44
CA SER D 305 41.61 5.40 -0.30
C SER D 305 40.14 5.73 -0.07
N SER D 306 39.25 4.98 -0.70
CA SER D 306 37.83 5.30 -0.65
C SER D 306 37.00 4.03 -0.63
N TRP D 307 35.73 4.18 -0.30
CA TRP D 307 34.74 3.14 -0.53
C TRP D 307 33.55 3.75 -1.26
N ALA D 308 33.06 3.03 -2.26
CA ALA D 308 31.93 3.46 -3.08
C ALA D 308 30.66 2.86 -2.52
N LEU D 309 29.65 3.70 -2.32
CA LEU D 309 28.34 3.25 -1.87
C LEU D 309 27.27 3.88 -2.75
N ASN D 310 26.53 3.05 -3.46
CA ASN D 310 25.44 3.51 -4.32
C ASN D 310 25.95 4.51 -5.36
N GLY D 311 27.11 4.21 -5.95
CA GLY D 311 27.70 5.10 -6.92
C GLY D 311 28.37 6.33 -6.37
N ARG D 312 28.30 6.58 -5.08
CA ARG D 312 28.99 7.69 -4.45
C ARG D 312 30.27 7.21 -3.79
N ASN D 313 31.38 7.88 -4.10
CA ASN D 313 32.67 7.59 -3.49
C ASN D 313 32.83 8.41 -2.22
N SER D 314 33.07 7.73 -1.11
CA SER D 314 33.37 8.37 0.16
C SER D 314 34.80 8.05 0.53
N LEU D 315 35.48 9.01 1.15
CA LEU D 315 36.86 8.81 1.57
C LEU D 315 36.94 7.77 2.68
N MET D 316 37.98 6.95 2.66
CA MET D 316 38.14 5.97 3.72
C MET D 316 38.86 6.67 4.85
N ASN D 317 38.11 7.05 5.85
CA ASN D 317 38.60 7.90 6.90
C ASN D 317 37.85 7.61 8.18
N PRO D 318 38.56 7.49 9.30
CA PRO D 318 40.00 7.25 9.39
C PRO D 318 40.37 5.86 8.91
N GLY D 319 39.40 4.95 8.85
CA GLY D 319 39.61 3.64 8.30
C GLY D 319 39.87 2.57 9.34
N PRO D 320 40.29 1.39 8.91
CA PRO D 320 40.67 0.35 9.86
C PRO D 320 41.80 0.81 10.75
N ALA D 321 41.80 0.33 11.99
CA ALA D 321 42.84 0.68 12.95
C ALA D 321 44.18 0.12 12.53
N MET D 322 45.11 0.99 12.18
CA MET D 322 46.44 0.59 11.75
C MET D 322 47.52 1.49 12.32
N ALA D 323 48.75 0.99 12.43
CA ALA D 323 49.86 1.79 12.93
C ALA D 323 50.16 2.88 11.91
N SER D 324 50.33 4.11 12.38
CA SER D 324 50.58 5.24 11.51
C SER D 324 51.83 5.03 10.67
N HIS D 325 52.88 4.47 11.26
CA HIS D 325 54.16 4.43 10.56
C HIS D 325 55.01 3.30 11.11
N LYS D 326 56.02 2.92 10.33
CA LYS D 326 56.99 1.93 10.76
C LYS D 326 57.86 2.49 11.87
N GLU D 327 58.58 1.59 12.54
CA GLU D 327 59.57 2.00 13.52
C GLU D 327 60.52 3.04 12.94
N GLY D 328 60.67 4.14 13.66
CA GLY D 328 61.57 5.21 13.26
C GLY D 328 61.20 6.07 12.07
N GLU D 329 59.91 6.13 11.75
CA GLU D 329 59.41 6.93 10.64
C GLU D 329 58.27 7.81 11.15
N ASP D 330 58.60 8.64 12.14
CA ASP D 330 57.69 9.56 12.81
C ASP D 330 57.08 10.64 11.93
N ARG D 331 57.86 11.13 10.97
CA ARG D 331 57.42 12.22 10.10
C ARG D 331 56.17 11.95 9.25
N PHE D 332 56.04 10.75 8.71
CA PHE D 332 54.87 10.41 7.88
C PHE D 332 53.57 10.20 8.64
N PHE D 333 52.47 10.28 7.90
CA PHE D 333 51.15 9.98 8.41
C PHE D 333 50.29 9.51 7.24
N PRO D 334 49.41 8.56 7.48
CA PRO D 334 48.54 8.08 6.38
C PRO D 334 47.54 9.15 5.99
N LEU D 335 47.38 9.32 4.68
CA LEU D 335 46.69 10.46 4.08
C LEU D 335 45.37 10.77 4.80
N SER D 336 44.41 9.86 4.76
CA SER D 336 43.21 9.97 5.57
C SER D 336 43.27 9.11 6.83
N GLY D 337 44.38 8.44 7.09
CA GLY D 337 44.39 7.41 8.10
C GLY D 337 44.42 7.86 9.54
N SER D 338 44.54 9.16 9.81
CA SER D 338 44.70 9.63 11.18
C SER D 338 43.62 10.63 11.55
N LEU D 339 43.41 10.77 12.86
CA LEU D 339 42.59 11.83 13.40
C LEU D 339 43.40 13.10 13.51
N ILE D 340 42.89 14.16 12.89
CA ILE D 340 43.57 15.45 12.86
C ILE D 340 42.69 16.44 13.61
N PHE D 341 43.27 17.11 14.61
CA PHE D 341 42.56 18.11 15.39
C PHE D 341 43.09 19.49 15.05
N GLY D 342 42.22 20.49 15.20
CA GLY D 342 42.64 21.86 15.07
C GLY D 342 43.12 22.43 16.40
N LYS D 343 44.10 23.33 16.31
CA LYS D 343 44.53 24.09 17.47
C LYS D 343 43.58 25.26 17.71
N GLN D 344 43.58 25.74 18.95
CA GLN D 344 42.75 26.89 19.29
C GLN D 344 43.05 28.04 18.33
N GLY D 345 41.99 28.54 17.69
CA GLY D 345 42.14 29.62 16.74
C GLY D 345 42.56 29.23 15.34
N THR D 346 42.51 27.95 14.99
CA THR D 346 42.88 27.51 13.65
C THR D 346 41.77 27.83 12.66
N GLY D 347 42.16 28.23 11.46
CA GLY D 347 41.20 28.56 10.43
C GLY D 347 40.48 27.34 9.89
N ARG D 348 39.42 27.62 9.15
CA ARG D 348 38.57 26.56 8.61
C ARG D 348 39.15 25.91 7.36
N ASP D 349 39.82 26.68 6.50
CA ASP D 349 40.23 26.17 5.19
C ASP D 349 41.70 26.45 4.94
N ASN D 350 42.40 25.42 4.45
CA ASN D 350 43.76 25.52 3.92
C ASN D 350 44.73 26.11 4.95
N VAL D 351 44.79 25.47 6.08
CA VAL D 351 45.68 25.86 7.17
C VAL D 351 46.91 24.96 7.11
N ASP D 352 48.06 25.52 7.48
CA ASP D 352 49.30 24.76 7.32
C ASP D 352 49.39 23.65 8.36
N ALA D 353 50.45 22.86 8.23
CA ALA D 353 50.60 21.66 9.04
C ALA D 353 50.88 21.99 10.51
N ASP D 354 51.38 23.18 10.79
CA ASP D 354 51.64 23.57 12.16
C ASP D 354 50.42 24.15 12.86
N LYS D 355 49.29 24.26 12.16
CA LYS D 355 48.05 24.70 12.77
C LYS D 355 47.17 23.55 13.21
N VAL D 356 47.62 22.30 13.05
CA VAL D 356 46.81 21.13 13.30
C VAL D 356 47.60 20.12 14.13
N MET D 357 46.90 19.48 15.06
CA MET D 357 47.46 18.37 15.82
C MET D 357 47.09 17.07 15.11
N ILE D 358 48.11 16.32 14.70
CA ILE D 358 47.91 15.05 14.00
C ILE D 358 48.25 13.92 14.96
N THR D 359 47.23 13.19 15.39
CA THR D 359 47.42 12.03 16.24
C THR D 359 48.15 10.93 15.47
N ASN D 360 48.80 10.05 16.21
CA ASN D 360 49.51 8.93 15.61
C ASN D 360 49.07 7.61 16.26
N GLU D 361 49.12 6.54 15.49
CA GLU D 361 48.71 5.23 15.96
C GLU D 361 49.92 4.30 16.07
N GLU D 362 51.09 4.84 16.34
CA GLU D 362 52.31 4.01 16.42
C GLU D 362 52.27 3.06 17.60
N GLU D 363 51.40 3.35 18.57
CA GLU D 363 51.30 2.53 19.76
C GLU D 363 50.88 1.09 19.47
N ILE D 364 49.99 0.91 18.50
CA ILE D 364 49.47 -0.40 18.14
C ILE D 364 50.28 -1.16 17.09
N LYS D 365 51.41 -0.60 16.66
CA LYS D 365 52.24 -1.24 15.64
C LYS D 365 52.74 -2.66 15.95
N THR D 366 52.66 -3.09 17.22
CA THR D 366 53.06 -4.43 17.60
C THR D 366 52.13 -5.41 16.92
N THR D 367 50.85 -5.35 17.23
CA THR D 367 49.87 -6.25 16.62
C THR D 367 49.24 -5.71 15.34
N ASN D 368 49.41 -4.42 15.05
CA ASN D 368 48.79 -3.83 13.87
C ASN D 368 49.77 -3.42 12.79
N PRO D 369 49.46 -3.78 11.53
CA PRO D 369 50.27 -3.45 10.34
C PRO D 369 50.29 -1.95 10.05
N VAL D 370 51.41 -1.44 9.55
CA VAL D 370 51.53 -0.02 9.21
C VAL D 370 50.44 0.33 8.19
N ALA D 371 49.78 1.47 8.39
CA ALA D 371 48.68 1.85 7.53
C ALA D 371 49.12 2.11 6.10
N THR D 372 50.39 2.43 5.89
CA THR D 372 50.91 2.76 4.57
C THR D 372 51.62 1.60 3.90
N GLU D 373 51.59 0.41 4.49
CA GLU D 373 52.31 -0.75 4.03
C GLU D 373 51.36 -1.83 3.56
N SER D 374 51.86 -2.70 2.68
CA SER D 374 51.11 -3.88 2.28
C SER D 374 51.09 -4.93 3.39
N TYR D 375 50.02 -5.73 3.40
CA TYR D 375 49.87 -6.73 4.45
C TYR D 375 50.87 -7.87 4.27
N GLY D 376 51.12 -8.29 3.03
CA GLY D 376 52.07 -9.35 2.80
C GLY D 376 52.19 -9.65 1.32
N GLN D 377 52.76 -10.82 1.03
CA GLN D 377 52.85 -11.35 -0.33
C GLN D 377 52.17 -12.70 -0.39
N VAL D 378 51.70 -13.06 -1.58
CA VAL D 378 51.03 -14.33 -1.83
C VAL D 378 51.48 -14.85 -3.18
N ALA D 379 51.44 -16.18 -3.33
CA ALA D 379 51.79 -16.80 -4.59
C ALA D 379 50.70 -16.54 -5.62
N THR D 380 51.10 -16.16 -6.83
CA THR D 380 50.18 -15.94 -7.93
C THR D 380 50.12 -17.06 -8.95
N ASN D 381 50.88 -18.14 -8.77
CA ASN D 381 50.93 -19.13 -9.85
C ASN D 381 51.22 -20.50 -9.26
N HIS D 382 51.47 -21.45 -10.15
CA HIS D 382 52.07 -22.75 -9.84
C HIS D 382 53.46 -22.78 -10.43
N GLN D 383 54.46 -22.95 -9.59
CA GLN D 383 55.80 -23.11 -10.14
C GLN D 383 55.95 -24.46 -10.82
N SER D 384 56.90 -24.53 -11.74
CA SER D 384 57.32 -25.77 -12.35
C SER D 384 58.72 -25.53 -12.89
N ALA D 385 59.34 -26.57 -13.43
CA ALA D 385 60.68 -26.41 -13.99
C ALA D 385 60.69 -25.39 -15.11
N GLN D 386 59.53 -25.10 -15.69
CA GLN D 386 59.39 -24.09 -16.74
C GLN D 386 59.06 -22.71 -16.21
N ALA D 387 58.67 -22.55 -14.95
CA ALA D 387 58.12 -21.30 -14.47
C ALA D 387 58.60 -20.98 -13.07
N GLN D 388 59.05 -19.74 -12.88
CA GLN D 388 59.53 -19.28 -11.58
C GLN D 388 58.37 -18.98 -10.63
N ALA D 389 58.59 -19.25 -9.35
CA ALA D 389 57.63 -18.89 -8.33
C ALA D 389 57.43 -17.38 -8.31
N GLN D 390 56.17 -16.95 -8.43
CA GLN D 390 55.83 -15.55 -8.50
C GLN D 390 54.98 -15.15 -7.31
N THR D 391 55.14 -13.91 -6.88
CA THR D 391 54.38 -13.37 -5.78
C THR D 391 53.72 -12.07 -6.20
N GLY D 392 52.76 -11.63 -5.39
CA GLY D 392 52.13 -10.35 -5.62
C GLY D 392 51.75 -9.76 -4.28
N TRP D 393 51.60 -8.44 -4.26
CA TRP D 393 51.46 -7.70 -3.03
C TRP D 393 50.01 -7.65 -2.60
N VAL D 394 49.79 -7.69 -1.30
CA VAL D 394 48.45 -7.65 -0.74
C VAL D 394 48.25 -6.27 -0.12
N GLN D 395 47.46 -5.43 -0.78
CA GLN D 395 47.19 -4.11 -0.25
C GLN D 395 46.06 -4.14 0.77
N ASN D 396 45.01 -4.89 0.47
CA ASN D 396 43.84 -4.99 1.31
C ASN D 396 43.65 -6.42 1.75
N GLN D 397 43.57 -6.63 3.05
CA GLN D 397 43.34 -7.96 3.58
C GLN D 397 42.29 -7.88 4.68
N GLY D 398 41.18 -8.58 4.49
CA GLY D 398 40.17 -8.67 5.52
C GLY D 398 40.41 -9.81 6.47
N ILE D 399 39.48 -9.95 7.42
CA ILE D 399 39.64 -10.87 8.54
C ILE D 399 39.98 -12.26 8.05
N LEU D 400 40.98 -12.87 8.68
CA LEU D 400 41.34 -14.27 8.55
C LEU D 400 41.33 -14.91 9.93
N PRO D 401 40.90 -16.16 10.04
CA PRO D 401 40.90 -16.81 11.35
C PRO D 401 42.32 -16.91 11.90
N GLY D 402 42.49 -16.45 13.13
CA GLY D 402 43.80 -16.32 13.71
C GLY D 402 44.32 -14.91 13.85
N MET D 403 43.64 -13.92 13.27
CA MET D 403 44.08 -12.55 13.40
C MET D 403 43.81 -12.02 14.80
N VAL D 404 44.67 -11.09 15.22
CA VAL D 404 44.43 -10.26 16.40
C VAL D 404 44.77 -8.82 16.01
N TRP D 405 44.14 -7.88 16.70
CA TRP D 405 44.39 -6.48 16.40
C TRP D 405 44.01 -5.64 17.61
N GLN D 406 44.51 -4.42 17.63
CA GLN D 406 44.11 -3.41 18.61
C GLN D 406 43.25 -2.36 17.93
N ASP D 407 42.22 -1.91 18.64
CA ASP D 407 41.38 -0.86 18.12
C ASP D 407 42.14 0.47 18.15
N ARG D 408 41.50 1.53 17.68
CA ARG D 408 42.10 2.85 17.68
C ARG D 408 41.92 3.50 19.04
N ASP D 409 42.93 4.26 19.46
CA ASP D 409 43.00 4.85 20.79
C ASP D 409 42.00 6.01 20.92
N VAL D 410 41.67 6.33 22.17
CA VAL D 410 40.80 7.46 22.48
C VAL D 410 41.65 8.61 22.98
N TYR D 411 41.22 9.83 22.66
CA TYR D 411 41.95 11.02 23.04
C TYR D 411 41.11 11.93 23.93
N LEU D 412 41.81 12.78 24.67
CA LEU D 412 41.14 13.79 25.49
C LEU D 412 40.18 14.61 24.64
N GLN D 413 40.58 14.94 23.41
CA GLN D 413 39.72 15.66 22.48
C GLN D 413 38.76 14.76 21.73
N GLY D 414 38.99 13.45 21.72
CA GLY D 414 38.25 12.54 20.87
C GLY D 414 36.88 12.16 21.39
N PRO D 415 36.11 11.48 20.55
CA PRO D 415 34.75 11.10 20.92
C PRO D 415 34.73 9.96 21.92
N ILE D 416 33.59 9.82 22.59
CA ILE D 416 33.40 8.77 23.56
C ILE D 416 32.68 7.58 22.92
N TRP D 417 31.48 7.80 22.41
CA TRP D 417 30.65 6.71 21.93
C TRP D 417 30.17 6.98 20.51
N ALA D 418 29.62 5.93 19.90
CA ALA D 418 28.88 6.05 18.66
C ALA D 418 27.67 5.13 18.73
N LYS D 419 26.76 5.30 17.79
CA LYS D 419 25.59 4.43 17.69
C LYS D 419 25.83 3.41 16.58
N ILE D 420 25.89 2.14 16.96
CA ILE D 420 26.00 1.08 15.97
C ILE D 420 24.77 1.10 15.08
N PRO D 421 24.93 1.22 13.76
CA PRO D 421 23.75 1.25 12.89
C PRO D 421 22.93 0.00 13.07
N HIS D 422 21.63 0.10 12.81
CA HIS D 422 20.72 -1.01 13.05
C HIS D 422 20.69 -1.83 11.76
N THR D 423 21.32 -2.99 11.77
CA THR D 423 21.49 -3.78 10.56
C THR D 423 21.40 -5.24 10.94
N ASP D 424 21.24 -6.08 9.91
CA ASP D 424 21.25 -7.52 10.13
C ASP D 424 22.57 -7.97 10.75
N GLY D 425 23.68 -7.38 10.32
CA GLY D 425 24.96 -7.87 10.78
C GLY D 425 26.01 -6.80 10.83
N ASN D 426 27.00 -7.03 11.68
CA ASN D 426 28.17 -6.19 11.81
C ASN D 426 29.28 -7.04 12.37
N PHE D 427 30.52 -6.62 12.16
CA PHE D 427 31.65 -7.28 12.78
C PHE D 427 32.49 -6.28 13.55
N HIS D 428 32.82 -6.66 14.78
CA HIS D 428 33.62 -5.88 15.71
C HIS D 428 33.10 -4.45 15.70
N PRO D 429 31.94 -4.22 16.27
CA PRO D 429 31.23 -2.96 16.11
C PRO D 429 31.98 -1.72 16.57
N SER D 430 33.11 -1.87 17.23
CA SER D 430 33.86 -0.72 17.72
C SER D 430 33.98 0.35 16.63
N PRO D 431 33.63 1.60 16.92
CA PRO D 431 33.61 2.63 15.88
C PRO D 431 35.01 3.01 15.43
N LEU D 432 35.12 3.35 14.15
CA LEU D 432 36.44 3.49 13.55
C LEU D 432 37.17 4.76 13.99
N MET D 433 36.45 5.78 14.41
CA MET D 433 37.13 6.97 14.92
C MET D 433 37.56 6.80 16.37
N GLY D 434 37.29 5.65 16.97
CA GLY D 434 37.61 5.40 18.36
C GLY D 434 36.40 5.62 19.25
N GLY D 435 36.44 5.02 20.42
CA GLY D 435 35.35 5.08 21.35
C GLY D 435 34.57 3.78 21.46
N PHE D 436 33.44 3.87 22.15
CA PHE D 436 32.68 2.69 22.55
C PHE D 436 31.42 2.57 21.71
N GLY D 437 31.35 1.53 20.90
CA GLY D 437 30.15 1.26 20.11
C GLY D 437 29.02 0.72 20.96
N MET D 438 27.84 1.32 20.79
CA MET D 438 26.68 0.91 21.54
C MET D 438 25.48 0.81 20.61
N LYS D 439 24.76 -0.31 20.66
CA LYS D 439 23.48 -0.39 19.95
C LYS D 439 22.42 0.51 20.57
N HIS D 440 22.60 0.88 21.84
CA HIS D 440 21.75 1.86 22.52
C HIS D 440 22.67 2.83 23.24
N PRO D 441 23.14 3.85 22.54
CA PRO D 441 24.04 4.80 23.16
C PRO D 441 23.26 5.85 23.94
N PRO D 442 23.94 6.78 24.60
CA PRO D 442 23.25 7.89 25.23
C PRO D 442 22.34 8.60 24.26
N PRO D 443 21.08 8.82 24.62
CA PRO D 443 20.11 9.33 23.65
C PRO D 443 20.28 10.81 23.38
N GLN D 444 19.84 11.22 22.20
CA GLN D 444 19.83 12.63 21.85
C GLN D 444 18.93 13.41 22.77
N ILE D 445 19.31 14.65 23.06
CA ILE D 445 18.55 15.53 23.95
C ILE D 445 18.20 16.77 23.14
N LEU D 446 16.92 16.95 22.84
CA LEU D 446 16.46 17.95 21.89
C LEU D 446 15.83 19.12 22.62
N ILE D 447 16.04 20.32 22.09
CA ILE D 447 15.61 21.53 22.77
C ILE D 447 15.27 22.60 21.74
N LYS D 448 14.24 23.39 22.04
CA LYS D 448 13.92 24.58 21.27
C LYS D 448 13.20 25.57 22.17
N ASN D 449 13.21 26.82 21.75
CA ASN D 449 12.44 27.86 22.42
C ASN D 449 11.04 27.89 21.82
N THR D 450 10.03 27.78 22.67
CA THR D 450 8.65 27.77 22.18
C THR D 450 8.34 29.10 21.50
N PRO D 451 7.83 29.10 20.28
CA PRO D 451 7.53 30.36 19.60
C PRO D 451 6.47 31.17 20.33
N VAL D 452 6.70 32.48 20.40
CA VAL D 452 5.74 33.41 20.96
C VAL D 452 5.33 34.38 19.86
N PRO D 453 4.09 34.32 19.37
CA PRO D 453 3.70 35.17 18.25
C PRO D 453 3.52 36.62 18.64
N ALA D 454 3.60 37.49 17.64
CA ALA D 454 3.33 38.90 17.79
C ALA D 454 1.82 39.14 17.69
N ASP D 455 1.43 40.40 17.55
CA ASP D 455 0.00 40.72 17.58
C ASP D 455 -0.69 40.22 16.31
N PRO D 456 -1.76 39.46 16.45
CA PRO D 456 -2.49 38.94 15.29
C PRO D 456 -3.29 40.02 14.60
N PRO D 457 -3.73 39.78 13.36
CA PRO D 457 -4.34 40.86 12.56
C PRO D 457 -5.68 41.39 13.03
N THR D 458 -6.38 40.71 13.95
CA THR D 458 -7.68 41.07 14.54
C THR D 458 -8.84 40.73 13.61
N ALA D 459 -8.61 40.52 12.33
CA ALA D 459 -9.56 39.85 11.47
C ALA D 459 -9.00 38.47 11.20
N PHE D 460 -9.85 37.44 11.28
CA PHE D 460 -9.35 36.08 11.20
C PHE D 460 -8.73 35.77 9.85
N ASN D 461 -7.53 35.20 9.87
CA ASN D 461 -6.81 34.81 8.67
C ASN D 461 -6.49 33.33 8.73
N LYS D 462 -6.86 32.62 7.67
CA LYS D 462 -6.64 31.18 7.58
C LYS D 462 -5.18 30.81 7.77
N ASP D 463 -4.26 31.64 7.30
CA ASP D 463 -2.86 31.27 7.22
C ASP D 463 -2.24 31.13 8.59
N LYS D 464 -1.20 30.31 8.67
CA LYS D 464 -0.42 30.23 9.89
C LYS D 464 0.32 31.53 10.12
N LEU D 465 0.75 31.74 11.35
CA LEU D 465 1.34 33.01 11.74
C LEU D 465 2.84 32.98 11.55
N ASN D 466 3.34 33.91 10.72
CA ASN D 466 4.77 34.00 10.45
C ASN D 466 5.51 35.09 11.21
N SER D 467 4.85 35.91 12.02
CA SER D 467 5.51 37.01 12.72
C SER D 467 5.60 36.69 14.21
N PHE D 468 6.82 36.51 14.70
CA PHE D 468 7.06 36.11 16.07
C PHE D 468 7.90 37.15 16.79
N ILE D 469 7.85 37.11 18.12
CA ILE D 469 8.74 37.90 18.96
C ILE D 469 10.13 37.30 18.91
N THR D 470 11.15 38.15 18.80
CA THR D 470 12.52 37.67 18.88
C THR D 470 12.85 37.23 20.30
N GLN D 471 13.55 36.11 20.42
CA GLN D 471 13.73 35.49 21.72
C GLN D 471 14.90 34.52 21.70
N TYR D 472 15.47 34.28 22.88
CA TYR D 472 16.44 33.21 23.08
C TYR D 472 16.45 32.88 24.56
N SER D 473 17.04 31.76 24.94
CA SER D 473 17.09 31.33 26.33
C SER D 473 18.50 30.93 26.75
N THR D 474 18.68 30.83 28.06
CA THR D 474 19.97 30.49 28.63
C THR D 474 19.75 29.79 29.97
N GLY D 475 20.73 28.99 30.36
CA GLY D 475 20.62 28.23 31.58
C GLY D 475 21.87 27.42 31.84
N GLN D 476 21.74 26.39 32.68
CA GLN D 476 22.87 25.60 33.12
C GLN D 476 22.66 24.13 32.76
N VAL D 477 23.76 23.42 32.50
CA VAL D 477 23.76 22.00 32.18
C VAL D 477 24.79 21.29 33.04
N SER D 478 24.41 20.15 33.61
CA SER D 478 25.33 19.29 34.35
C SER D 478 25.22 17.85 33.87
N VAL D 479 26.35 17.27 33.47
CA VAL D 479 26.42 15.89 33.04
C VAL D 479 27.40 15.11 33.93
N GLU D 480 26.92 14.02 34.51
CA GLU D 480 27.64 13.20 35.48
C GLU D 480 27.76 11.78 34.95
N ILE D 481 28.99 11.26 34.90
CA ILE D 481 29.24 9.92 34.39
C ILE D 481 30.11 9.14 35.35
N GLU D 482 29.60 8.01 35.84
CA GLU D 482 30.37 7.04 36.59
C GLU D 482 31.23 6.22 35.63
N TRP D 483 32.52 6.17 35.90
CA TRP D 483 33.49 5.46 35.08
C TRP D 483 34.08 4.30 35.86
N GLU D 484 34.06 3.11 35.27
CA GLU D 484 34.63 1.93 35.90
C GLU D 484 36.04 1.72 35.36
N LEU D 485 37.00 1.54 36.26
CA LEU D 485 38.40 1.41 35.89
C LEU D 485 38.87 -0.04 36.01
N GLN D 486 39.81 -0.41 35.16
CA GLN D 486 40.45 -1.71 35.26
C GLN D 486 41.83 -1.60 35.90
N ASN E 217 37.42 -23.65 29.20
CA ASN E 217 36.19 -24.04 28.53
C ASN E 217 36.23 -23.71 27.04
N VAL E 218 36.62 -24.69 26.24
CA VAL E 218 36.88 -24.48 24.82
C VAL E 218 35.91 -25.37 24.04
N PRO E 219 35.72 -25.09 22.75
CA PRO E 219 34.94 -26.00 21.92
C PRO E 219 35.65 -27.33 21.77
N PHE E 220 34.86 -28.38 21.58
CA PHE E 220 35.42 -29.68 21.26
C PHE E 220 36.28 -29.58 20.01
N HIS E 221 37.40 -30.30 20.01
CA HIS E 221 38.22 -30.32 18.82
C HIS E 221 37.61 -31.36 17.91
N SER E 222 37.30 -30.98 16.69
CA SER E 222 36.70 -31.91 15.76
C SER E 222 37.72 -32.95 15.31
N SER E 223 37.35 -34.22 15.38
CA SER E 223 38.25 -35.28 14.95
C SER E 223 37.47 -36.22 14.05
N TYR E 224 37.11 -35.70 12.88
CA TYR E 224 36.36 -36.44 11.91
C TYR E 224 36.56 -35.81 10.55
N ALA E 225 36.22 -36.56 9.50
CA ALA E 225 36.34 -36.04 8.15
C ALA E 225 34.95 -36.02 7.55
N HIS E 226 34.58 -34.92 6.91
CA HIS E 226 33.26 -34.84 6.31
C HIS E 226 33.07 -35.85 5.20
N SER E 227 31.90 -36.48 5.17
CA SER E 227 31.57 -37.48 4.17
C SER E 227 30.82 -36.85 3.02
N GLN E 228 30.70 -35.52 3.09
CA GLN E 228 30.12 -34.67 2.07
C GLN E 228 31.03 -33.48 1.80
N SER E 229 30.85 -32.90 0.62
CA SER E 229 31.53 -31.69 0.21
C SER E 229 30.54 -30.54 0.16
N LEU E 230 31.05 -29.33 0.38
CA LEU E 230 30.19 -28.16 0.44
C LEU E 230 29.43 -27.95 -0.86
N ASP E 231 29.98 -28.39 -1.98
CA ASP E 231 29.38 -28.11 -3.26
C ASP E 231 28.48 -29.21 -3.76
N ARG E 232 28.37 -30.33 -3.04
CA ARG E 232 27.48 -31.42 -3.40
C ARG E 232 26.24 -31.58 -2.51
N LEU E 233 25.99 -30.66 -1.58
CA LEU E 233 24.93 -30.85 -0.59
C LEU E 233 23.52 -30.96 -1.18
N MET E 234 23.36 -30.77 -2.49
CA MET E 234 22.08 -30.83 -3.16
C MET E 234 21.48 -32.23 -3.20
N ASN E 235 20.18 -32.29 -3.46
CA ASN E 235 19.51 -33.52 -3.84
C ASN E 235 19.76 -33.82 -5.31
N PRO E 236 20.39 -34.94 -5.65
CA PRO E 236 20.76 -35.21 -7.05
C PRO E 236 19.59 -35.51 -7.96
N LEU E 237 18.41 -35.77 -7.42
CA LEU E 237 17.30 -36.22 -8.25
C LEU E 237 16.38 -35.10 -8.71
N ILE E 238 16.51 -33.90 -8.16
CA ILE E 238 15.49 -32.87 -8.29
C ILE E 238 16.09 -31.61 -8.88
N ASP E 239 15.28 -30.89 -9.66
CA ASP E 239 15.64 -29.57 -10.13
C ASP E 239 15.42 -28.53 -9.04
N GLN E 240 16.18 -27.44 -9.12
CA GLN E 240 15.87 -26.24 -8.34
C GLN E 240 14.79 -25.42 -9.03
N TYR E 241 14.09 -24.59 -8.25
CA TYR E 241 13.18 -23.64 -8.86
C TYR E 241 13.90 -22.38 -9.31
N LEU E 242 15.20 -22.31 -9.06
CA LEU E 242 15.99 -21.15 -9.48
C LEU E 242 16.43 -21.27 -10.93
N TYR E 243 16.71 -20.12 -11.53
CA TYR E 243 17.25 -20.02 -12.88
C TYR E 243 18.62 -19.39 -12.87
N TYR E 244 19.37 -19.68 -13.93
CA TYR E 244 20.68 -19.11 -14.16
C TYR E 244 20.74 -18.68 -15.62
N LEU E 245 21.75 -17.88 -15.95
CA LEU E 245 21.85 -17.36 -17.30
C LEU E 245 22.65 -18.37 -18.11
N SER E 246 21.96 -19.08 -19.01
CA SER E 246 22.60 -20.18 -19.70
C SER E 246 23.35 -19.70 -20.94
N LYS E 247 22.76 -18.78 -21.71
CA LYS E 247 23.28 -18.43 -23.02
C LYS E 247 23.06 -16.95 -23.28
N THR E 248 24.13 -16.26 -23.70
CA THR E 248 24.05 -14.83 -24.02
C THR E 248 24.01 -14.49 -25.50
N ILE E 249 24.14 -15.45 -26.41
CA ILE E 249 24.08 -15.18 -27.84
C ILE E 249 23.32 -16.31 -28.51
N ASN E 250 22.59 -15.98 -29.56
CA ASN E 250 21.83 -17.01 -30.28
C ASN E 250 22.76 -17.82 -31.17
N GLY E 251 23.91 -17.27 -31.52
CA GLY E 251 24.76 -17.94 -32.48
C GLY E 251 25.94 -17.06 -32.81
N SER E 252 26.54 -17.36 -33.96
CA SER E 252 27.69 -16.58 -34.40
C SER E 252 27.26 -15.56 -35.44
N GLY E 253 27.77 -14.35 -35.31
CA GLY E 253 27.48 -13.27 -36.21
C GLY E 253 27.48 -11.96 -35.46
N GLN E 254 27.01 -10.91 -36.12
CA GLN E 254 26.91 -9.60 -35.51
C GLN E 254 25.51 -9.41 -34.94
N ASN E 255 25.44 -8.75 -33.79
CA ASN E 255 24.17 -8.39 -33.16
C ASN E 255 23.35 -9.63 -32.83
N GLN E 256 24.00 -10.61 -32.22
CA GLN E 256 23.37 -11.85 -31.82
C GLN E 256 22.93 -11.87 -30.38
N GLN E 257 23.04 -10.76 -29.67
CA GLN E 257 22.81 -10.75 -28.23
C GLN E 257 21.44 -11.29 -27.88
N THR E 258 21.37 -12.01 -26.76
CA THR E 258 20.13 -12.51 -26.21
C THR E 258 20.34 -12.77 -24.74
N LEU E 259 19.24 -12.99 -24.03
CA LEU E 259 19.30 -13.55 -22.68
C LEU E 259 18.46 -14.82 -22.66
N LYS E 260 19.11 -15.96 -22.43
CA LYS E 260 18.43 -17.23 -22.24
C LYS E 260 18.69 -17.72 -20.84
N PHE E 261 17.68 -18.33 -20.23
CA PHE E 261 17.75 -18.79 -18.86
C PHE E 261 17.32 -20.25 -18.81
N SER E 262 17.86 -20.99 -17.85
CA SER E 262 17.53 -22.40 -17.69
C SER E 262 17.43 -22.74 -16.22
N VAL E 263 16.91 -23.91 -15.95
CA VAL E 263 16.78 -24.41 -14.59
C VAL E 263 18.07 -25.05 -14.14
N ALA E 264 18.49 -24.73 -12.92
CA ALA E 264 19.61 -25.41 -12.31
C ALA E 264 19.16 -26.77 -11.80
N GLY E 265 19.95 -27.79 -12.05
CA GLY E 265 19.53 -29.13 -11.77
C GLY E 265 20.66 -30.13 -11.74
N PRO E 266 20.30 -31.42 -11.77
CA PRO E 266 21.33 -32.45 -11.58
C PRO E 266 22.33 -32.55 -12.71
N SER E 267 21.98 -32.14 -13.93
CA SER E 267 22.92 -32.29 -15.03
C SER E 267 24.02 -31.24 -14.98
N ASN E 268 23.68 -30.01 -14.59
CA ASN E 268 24.68 -28.98 -14.34
C ASN E 268 24.61 -28.62 -12.86
N MET E 269 25.59 -29.10 -12.09
CA MET E 269 25.56 -28.83 -10.66
C MET E 269 26.49 -27.68 -10.29
N ALA E 270 27.21 -27.13 -11.27
CA ALA E 270 28.09 -26.02 -10.96
C ALA E 270 27.30 -24.74 -10.73
N VAL E 271 26.20 -24.57 -11.48
CA VAL E 271 25.54 -23.27 -11.51
C VAL E 271 24.45 -23.17 -10.45
N GLN E 272 24.26 -24.21 -9.64
CA GLN E 272 23.13 -24.19 -8.72
C GLN E 272 23.33 -23.16 -7.61
N GLY E 273 22.22 -22.62 -7.13
CA GLY E 273 22.29 -21.72 -6.00
C GLY E 273 22.65 -22.46 -4.73
N ARG E 274 23.57 -21.89 -3.95
CA ARG E 274 24.02 -22.49 -2.71
C ARG E 274 23.93 -21.48 -1.59
N ASN E 275 23.79 -21.97 -0.37
CA ASN E 275 23.67 -21.11 0.79
C ASN E 275 24.97 -20.86 1.53
N TYR E 276 26.01 -21.64 1.26
CA TYR E 276 27.23 -21.55 2.05
C TYR E 276 28.43 -21.75 1.16
N ILE E 277 29.52 -21.06 1.48
CA ILE E 277 30.70 -21.01 0.62
C ILE E 277 31.91 -21.38 1.46
N PRO E 278 33.01 -21.78 0.82
CA PRO E 278 34.17 -22.26 1.56
C PRO E 278 34.93 -21.13 2.23
N GLY E 279 35.79 -21.53 3.17
CA GLY E 279 36.48 -20.61 4.04
C GLY E 279 37.51 -19.75 3.34
N PRO E 280 38.22 -18.95 4.13
CA PRO E 280 39.14 -17.96 3.56
C PRO E 280 40.47 -18.57 3.16
N SER E 281 41.10 -17.95 2.16
CA SER E 281 42.36 -18.45 1.64
C SER E 281 43.40 -17.34 1.64
N TYR E 282 44.65 -17.73 1.89
CA TYR E 282 45.82 -16.89 1.63
C TYR E 282 46.80 -17.80 0.90
N ARG E 283 47.00 -17.60 -0.39
CA ARG E 283 47.57 -18.68 -1.21
C ARG E 283 49.02 -18.96 -0.86
N GLN E 284 49.39 -20.23 -0.91
CA GLN E 284 50.75 -20.71 -0.75
C GLN E 284 51.32 -21.11 -2.11
N GLN E 285 52.63 -20.94 -2.26
CA GLN E 285 53.33 -21.51 -3.40
C GLN E 285 53.37 -23.03 -3.28
N ARG E 286 53.28 -23.71 -4.43
CA ARG E 286 53.12 -25.16 -4.45
C ARG E 286 54.46 -25.82 -4.73
N VAL E 287 54.78 -26.85 -3.96
CA VAL E 287 56.10 -27.50 -4.03
C VAL E 287 55.87 -29.00 -4.16
N SER E 288 56.62 -29.63 -5.06
CA SER E 288 56.47 -31.05 -5.33
C SER E 288 57.63 -31.85 -4.73
N THR E 289 57.27 -32.95 -4.06
CA THR E 289 58.27 -33.87 -3.55
C THR E 289 59.17 -34.43 -4.65
N THR E 290 58.59 -34.84 -5.77
CA THR E 290 59.36 -35.18 -6.95
C THR E 290 60.18 -33.94 -7.31
N VAL E 291 61.50 -34.09 -7.34
CA VAL E 291 62.34 -32.91 -7.36
C VAL E 291 62.45 -32.33 -8.76
N THR E 292 62.40 -33.17 -9.79
CA THR E 292 62.51 -32.70 -11.16
C THR E 292 61.43 -31.69 -11.51
N GLN E 293 60.24 -31.86 -10.94
CA GLN E 293 59.13 -30.98 -11.24
C GLN E 293 59.38 -29.55 -10.77
N ASN E 294 60.03 -29.40 -9.64
CA ASN E 294 60.34 -28.07 -9.11
C ASN E 294 61.28 -27.32 -10.03
N ASN E 295 61.10 -26.00 -10.11
CA ASN E 295 61.93 -25.15 -10.93
C ASN E 295 63.36 -25.14 -10.39
N ASN E 296 64.34 -25.06 -11.27
CA ASN E 296 65.73 -25.05 -10.83
C ASN E 296 66.19 -23.65 -10.44
N SER E 297 65.71 -23.18 -9.31
CA SER E 297 66.07 -21.87 -8.79
C SER E 297 65.79 -21.86 -7.29
N GLU E 298 66.41 -20.92 -6.58
CA GLU E 298 66.22 -20.81 -5.14
C GLU E 298 65.06 -19.88 -4.81
N PHE E 299 63.85 -20.42 -4.85
CA PHE E 299 62.65 -19.65 -4.59
C PHE E 299 62.10 -19.88 -3.18
N ALA E 300 62.88 -20.52 -2.31
CA ALA E 300 62.38 -20.82 -0.98
C ALA E 300 62.01 -19.57 -0.17
N TRP E 301 62.82 -18.53 -0.18
CA TRP E 301 62.44 -17.33 0.56
C TRP E 301 61.59 -16.35 -0.24
N PRO E 302 62.01 -16.06 -1.49
CA PRO E 302 61.27 -15.11 -2.31
C PRO E 302 59.86 -15.56 -2.62
N GLY E 303 59.69 -16.83 -2.98
CA GLY E 303 58.39 -17.39 -3.29
C GLY E 303 57.44 -17.42 -2.12
N ALA E 304 57.98 -17.74 -0.95
CA ALA E 304 57.17 -17.86 0.26
C ALA E 304 56.21 -16.72 0.58
N SER E 305 55.02 -17.10 1.02
CA SER E 305 53.98 -16.20 1.47
C SER E 305 54.31 -15.66 2.84
N SER E 306 54.20 -14.34 3.00
CA SER E 306 54.73 -13.66 4.17
C SER E 306 53.75 -12.60 4.63
N TRP E 307 53.98 -12.08 5.83
CA TRP E 307 53.27 -10.92 6.34
C TRP E 307 54.21 -9.96 7.05
N ALA E 308 54.01 -8.68 6.80
CA ALA E 308 54.87 -7.62 7.29
C ALA E 308 54.30 -7.03 8.56
N LEU E 309 55.15 -6.91 9.59
CA LEU E 309 54.78 -6.27 10.84
C LEU E 309 55.91 -5.38 11.27
N ASN E 310 55.64 -4.08 11.45
CA ASN E 310 56.64 -3.13 11.94
C ASN E 310 57.85 -3.09 11.02
N GLY E 311 57.65 -3.46 9.77
CA GLY E 311 58.73 -3.58 8.83
C GLY E 311 59.37 -4.94 8.76
N ARG E 312 59.27 -5.75 9.80
CA ARG E 312 59.79 -7.11 9.79
C ARG E 312 58.83 -8.03 9.05
N ASN E 313 59.34 -8.68 8.01
CA ASN E 313 58.56 -9.62 7.22
C ASN E 313 58.68 -11.01 7.81
N SER E 314 57.57 -11.54 8.31
CA SER E 314 57.56 -12.89 8.87
C SER E 314 56.92 -13.85 7.88
N LEU E 315 57.40 -15.09 7.86
CA LEU E 315 56.85 -16.10 6.98
C LEU E 315 55.46 -16.49 7.48
N MET E 316 54.55 -16.80 6.56
CA MET E 316 53.20 -17.20 6.93
C MET E 316 53.21 -18.70 7.21
N ASN E 317 53.71 -19.07 8.38
CA ASN E 317 53.84 -20.47 8.77
C ASN E 317 53.08 -20.77 10.05
N PRO E 318 52.23 -21.80 10.04
CA PRO E 318 51.50 -22.45 8.93
C PRO E 318 50.47 -21.55 8.24
N GLY E 319 49.77 -20.72 9.01
CA GLY E 319 48.77 -19.83 8.43
C GLY E 319 47.38 -20.45 8.34
N PRO E 320 46.46 -19.77 7.63
CA PRO E 320 45.08 -20.23 7.47
C PRO E 320 45.00 -21.69 7.05
N ALA E 321 44.29 -22.52 7.81
CA ALA E 321 44.18 -23.92 7.46
C ALA E 321 43.46 -24.06 6.14
N MET E 322 44.02 -24.87 5.25
CA MET E 322 43.48 -25.10 3.92
C MET E 322 43.85 -26.50 3.46
N ALA E 323 43.15 -27.02 2.47
CA ALA E 323 43.48 -28.34 1.96
C ALA E 323 44.90 -28.25 1.43
N SER E 324 45.74 -29.18 1.87
CA SER E 324 47.15 -29.18 1.48
C SER E 324 47.33 -29.34 -0.02
N HIS E 325 46.44 -30.09 -0.67
CA HIS E 325 46.54 -30.33 -2.10
C HIS E 325 45.24 -30.84 -2.70
N LYS E 326 45.10 -30.76 -4.02
CA LYS E 326 43.91 -31.23 -4.70
C LYS E 326 43.86 -32.74 -4.66
N GLU E 327 42.66 -33.31 -4.67
CA GLU E 327 42.52 -34.76 -4.66
C GLU E 327 43.22 -35.30 -5.90
N GLY E 328 44.00 -36.34 -5.72
CA GLY E 328 44.76 -36.94 -6.80
C GLY E 328 46.18 -36.46 -6.89
N GLU E 329 46.50 -35.31 -6.32
CA GLU E 329 47.87 -34.84 -6.24
C GLU E 329 48.23 -34.83 -4.76
N ASP E 330 48.87 -35.89 -4.29
CA ASP E 330 49.45 -35.89 -2.95
C ASP E 330 50.96 -35.69 -2.98
N ARG E 331 51.54 -35.46 -4.15
CA ARG E 331 52.97 -35.21 -4.20
C ARG E 331 53.23 -33.77 -3.76
N PHE E 332 52.33 -32.87 -4.14
CA PHE E 332 52.40 -31.45 -3.82
C PHE E 332 52.06 -31.07 -2.39
N PHE E 333 52.73 -30.03 -1.88
CA PHE E 333 52.44 -29.51 -0.55
C PHE E 333 52.63 -28.00 -0.52
N PRO E 334 51.89 -27.30 0.37
CA PRO E 334 52.03 -25.85 0.49
C PRO E 334 53.43 -25.53 0.97
N LEU E 335 54.05 -24.47 0.46
CA LEU E 335 55.43 -24.19 0.83
C LEU E 335 55.62 -23.95 2.33
N SER E 336 54.76 -23.14 2.93
CA SER E 336 54.86 -22.90 4.36
C SER E 336 53.59 -23.33 5.09
N GLY E 337 52.63 -23.84 4.33
CA GLY E 337 51.35 -24.28 4.86
C GLY E 337 51.30 -25.45 5.83
N SER E 338 52.08 -26.49 5.58
CA SER E 338 52.06 -27.68 6.41
C SER E 338 53.14 -27.79 7.48
N LEU E 339 52.78 -28.40 8.59
CA LEU E 339 53.69 -28.68 9.69
C LEU E 339 54.66 -29.78 9.27
N ILE E 340 55.90 -29.69 9.72
CA ILE E 340 56.90 -30.69 9.36
C ILE E 340 57.56 -31.26 10.60
N ILE E 358 56.36 -34.17 6.92
CA ILE E 358 55.36 -33.31 6.31
C ILE E 358 53.97 -33.95 6.36
N THR E 359 53.13 -33.43 7.25
CA THR E 359 51.74 -33.83 7.34
C THR E 359 50.93 -33.21 6.21
N ASN E 360 49.75 -33.80 5.93
CA ASN E 360 48.79 -33.17 5.04
C ASN E 360 47.48 -32.94 5.78
N GLU E 361 46.76 -31.91 5.34
CA GLU E 361 45.47 -31.50 5.88
C GLU E 361 44.28 -32.02 5.08
N GLU E 362 44.51 -32.91 4.11
CA GLU E 362 43.53 -33.22 3.07
C GLU E 362 42.12 -33.47 3.60
N GLU E 363 41.98 -33.90 4.85
CA GLU E 363 40.65 -34.18 5.39
C GLU E 363 39.71 -33.01 5.20
N ILE E 364 40.24 -31.79 5.12
CA ILE E 364 39.40 -30.59 5.10
C ILE E 364 39.09 -30.10 3.70
N LYS E 365 39.50 -30.83 2.66
CA LYS E 365 39.27 -30.33 1.30
C LYS E 365 37.79 -30.23 0.97
N THR E 366 36.93 -30.71 1.84
CA THR E 366 35.50 -30.61 1.60
C THR E 366 34.98 -29.18 1.74
N THR E 367 35.33 -28.50 2.83
CA THR E 367 34.87 -27.13 3.04
C THR E 367 35.95 -26.07 2.95
N ASN E 368 37.20 -26.48 2.79
CA ASN E 368 38.31 -25.53 2.73
C ASN E 368 38.97 -25.46 1.37
N PRO E 369 39.31 -24.23 0.94
CA PRO E 369 39.99 -24.02 -0.33
C PRO E 369 41.42 -24.57 -0.29
N VAL E 370 41.91 -25.06 -1.41
CA VAL E 370 43.27 -25.60 -1.47
C VAL E 370 44.28 -24.50 -1.21
N ALA E 371 45.31 -24.82 -0.42
CA ALA E 371 46.34 -23.86 -0.07
C ALA E 371 47.13 -23.32 -1.27
N THR E 372 47.32 -24.16 -2.27
CA THR E 372 48.09 -23.76 -3.45
C THR E 372 47.24 -23.33 -4.62
N GLU E 373 45.97 -23.05 -4.36
CA GLU E 373 45.06 -22.64 -5.43
C GLU E 373 44.35 -21.33 -5.10
N SER E 374 43.96 -20.59 -6.15
CA SER E 374 43.25 -19.33 -5.99
C SER E 374 41.86 -19.59 -5.41
N TYR E 375 41.37 -18.65 -4.63
CA TYR E 375 40.05 -18.81 -4.05
C TYR E 375 38.98 -18.88 -5.13
N GLY E 376 39.13 -18.08 -6.18
CA GLY E 376 38.15 -18.09 -7.25
C GLY E 376 38.39 -16.96 -8.22
N GLN E 377 37.32 -16.59 -8.92
CA GLN E 377 37.35 -15.53 -9.91
C GLN E 377 36.36 -14.43 -9.55
N VAL E 378 36.75 -13.20 -9.84
CA VAL E 378 35.90 -12.04 -9.67
C VAL E 378 35.87 -11.27 -10.98
N ALA E 379 34.72 -10.70 -11.33
CA ALA E 379 34.60 -9.84 -12.49
C ALA E 379 35.40 -8.57 -12.23
N THR E 380 36.23 -8.16 -13.19
CA THR E 380 37.04 -6.97 -12.99
C THR E 380 36.54 -5.75 -13.77
N ASN E 381 35.48 -5.87 -14.55
CA ASN E 381 35.03 -4.70 -15.31
C ASN E 381 33.51 -4.69 -15.46
N HIS E 382 33.05 -3.73 -16.26
CA HIS E 382 31.71 -3.72 -16.84
C HIS E 382 31.82 -4.07 -18.31
N GLN E 383 31.31 -5.23 -18.68
CA GLN E 383 31.20 -5.53 -20.10
C GLN E 383 30.27 -4.54 -20.78
N SER E 384 30.49 -4.35 -22.07
CA SER E 384 29.61 -3.53 -22.88
C SER E 384 29.66 -4.06 -24.30
N ALA E 385 28.84 -3.48 -25.17
CA ALA E 385 28.90 -3.86 -26.57
C ALA E 385 30.29 -3.58 -27.13
N GLN E 386 31.00 -2.64 -26.53
CA GLN E 386 32.40 -2.39 -26.90
C GLN E 386 33.36 -3.32 -26.16
N ALA E 387 33.15 -3.56 -24.87
CA ALA E 387 34.13 -4.21 -24.02
C ALA E 387 33.62 -5.56 -23.54
N GLN E 388 34.40 -6.61 -23.75
CA GLN E 388 33.99 -7.93 -23.28
C GLN E 388 34.33 -8.15 -21.81
N ALA E 389 33.61 -9.08 -21.20
CA ALA E 389 33.71 -9.34 -19.78
C ALA E 389 35.06 -9.91 -19.41
N GLN E 390 35.61 -9.45 -18.30
CA GLN E 390 36.94 -9.81 -17.84
C GLN E 390 36.86 -10.24 -16.39
N THR E 391 37.68 -11.22 -16.03
CA THR E 391 37.75 -11.66 -14.64
C THR E 391 39.19 -11.72 -14.19
N GLY E 392 39.41 -11.43 -12.93
CA GLY E 392 40.70 -11.61 -12.29
C GLY E 392 40.65 -12.77 -11.32
N TRP E 393 41.80 -13.09 -10.73
CA TRP E 393 41.88 -14.22 -9.81
C TRP E 393 41.95 -13.71 -8.38
N VAL E 394 41.41 -14.48 -7.45
CA VAL E 394 41.48 -14.13 -6.04
C VAL E 394 42.59 -14.96 -5.42
N GLN E 395 43.70 -14.31 -5.08
CA GLN E 395 44.80 -15.04 -4.46
C GLN E 395 44.63 -15.08 -2.95
N ASN E 396 43.81 -14.20 -2.40
CA ASN E 396 43.49 -14.21 -0.98
C ASN E 396 42.09 -13.65 -0.78
N GLN E 397 41.34 -14.28 0.11
CA GLN E 397 39.97 -13.85 0.40
C GLN E 397 39.76 -13.87 1.89
N GLY E 398 39.44 -12.71 2.46
CA GLY E 398 39.07 -12.63 3.84
C GLY E 398 37.71 -13.24 4.07
N ILE E 399 37.30 -13.24 5.34
CA ILE E 399 36.01 -13.81 5.71
C ILE E 399 34.89 -13.13 4.95
N LEU E 400 33.87 -13.91 4.60
CA LEU E 400 32.61 -13.42 4.08
C LEU E 400 31.46 -14.01 4.90
N PRO E 401 30.33 -13.34 4.94
CA PRO E 401 29.16 -13.95 5.59
C PRO E 401 28.70 -15.16 4.78
N GLY E 402 28.46 -16.25 5.49
CA GLY E 402 28.13 -17.49 4.85
C GLY E 402 29.31 -18.39 4.55
N MET E 403 30.49 -18.07 5.06
CA MET E 403 31.61 -18.99 4.96
C MET E 403 31.59 -20.01 6.06
N VAL E 404 32.02 -21.22 5.73
CA VAL E 404 32.28 -22.27 6.70
C VAL E 404 33.68 -22.80 6.44
N TRP E 405 34.33 -23.31 7.48
CA TRP E 405 35.65 -23.87 7.30
C TRP E 405 35.93 -24.85 8.43
N GLN E 406 36.94 -25.69 8.22
CA GLN E 406 37.50 -26.56 9.23
C GLN E 406 38.80 -25.98 9.75
N ASP E 407 39.01 -26.10 11.06
CA ASP E 407 40.30 -25.71 11.62
C ASP E 407 41.34 -26.80 11.32
N ARG E 408 42.58 -26.54 11.73
CA ARG E 408 43.65 -27.47 11.44
C ARG E 408 43.59 -28.66 12.37
N ASP E 409 43.94 -29.82 11.83
CA ASP E 409 43.93 -31.07 12.58
C ASP E 409 45.06 -31.10 13.59
N VAL E 410 44.81 -31.78 14.71
CA VAL E 410 45.84 -31.95 15.74
C VAL E 410 46.66 -33.19 15.47
N ASP F 17 -7.69 -46.85 13.83
CA ASP F 17 -8.95 -46.73 14.56
C ASP F 17 -10.07 -47.37 13.80
N GLY F 18 -10.19 -47.05 12.52
CA GLY F 18 -11.20 -47.64 11.67
C GLY F 18 -10.91 -47.39 10.21
N VAL F 19 -11.42 -48.29 9.36
CA VAL F 19 -11.28 -48.11 7.93
C VAL F 19 -12.32 -47.11 7.43
N GLY F 20 -13.48 -47.06 8.07
CA GLY F 20 -14.54 -46.16 7.71
C GLY F 20 -14.64 -44.92 8.57
N SER F 21 -13.57 -44.56 9.27
CA SER F 21 -13.51 -43.35 10.07
C SER F 21 -12.29 -42.54 9.67
N SER F 22 -12.53 -41.30 9.26
CA SER F 22 -11.46 -40.41 8.85
C SER F 22 -10.59 -40.06 10.04
N SER F 23 -9.27 -40.02 9.83
CA SER F 23 -8.30 -39.86 10.89
C SER F 23 -7.81 -38.44 11.08
N GLY F 24 -8.34 -37.47 10.33
CA GLY F 24 -7.96 -36.08 10.52
C GLY F 24 -8.82 -35.19 9.66
N ASN F 25 -8.82 -33.91 10.01
CA ASN F 25 -9.59 -32.90 9.31
C ASN F 25 -8.68 -32.03 8.46
N TRP F 26 -9.27 -31.30 7.53
CA TRP F 26 -8.53 -30.44 6.64
C TRP F 26 -8.48 -29.06 7.24
N HIS F 27 -7.28 -28.61 7.63
CA HIS F 27 -7.13 -27.29 8.22
C HIS F 27 -6.30 -26.33 7.37
N CYS F 28 -6.93 -25.28 6.88
CA CYS F 28 -6.28 -24.27 6.06
C CYS F 28 -6.63 -22.86 6.47
N ASP F 29 -6.05 -22.37 7.56
CA ASP F 29 -6.36 -21.03 8.02
C ASP F 29 -5.15 -20.29 8.54
N SER F 30 -5.23 -18.97 8.58
CA SER F 30 -4.17 -18.14 9.12
C SER F 30 -4.79 -17.35 10.26
N GLN F 31 -4.11 -17.28 11.40
CA GLN F 31 -4.64 -16.53 12.52
C GLN F 31 -3.67 -15.46 12.97
N TRP F 32 -4.14 -14.22 13.11
CA TRP F 32 -3.29 -13.14 13.56
C TRP F 32 -3.70 -12.76 14.97
N LEU F 33 -2.75 -12.84 15.89
CA LEU F 33 -3.03 -12.56 17.29
C LEU F 33 -1.95 -11.71 17.90
N GLY F 34 -2.08 -10.39 17.83
CA GLY F 34 -1.05 -9.57 18.41
C GLY F 34 0.28 -9.64 17.70
N ASP F 35 1.30 -10.08 18.43
CA ASP F 35 2.67 -10.19 17.97
C ASP F 35 3.00 -11.53 17.31
N ARG F 36 2.00 -12.36 17.05
CA ARG F 36 2.24 -13.69 16.50
C ARG F 36 1.30 -13.96 15.34
N VAL F 37 1.71 -14.85 14.44
CA VAL F 37 0.85 -15.37 13.38
C VAL F 37 0.95 -16.88 13.39
N ILE F 38 -0.18 -17.55 13.22
CA ILE F 38 -0.21 -18.98 13.09
C ILE F 38 -0.76 -19.29 11.70
N THR F 39 0.02 -19.98 10.90
CA THR F 39 -0.42 -20.42 9.58
C THR F 39 -0.68 -21.91 9.60
N THR F 40 -1.66 -22.35 8.81
CA THR F 40 -1.98 -23.76 8.72
C THR F 40 -2.25 -24.09 7.26
N SER F 41 -1.54 -25.07 6.72
CA SER F 41 -1.72 -25.49 5.34
C SER F 41 -2.01 -26.97 5.30
N THR F 42 -2.93 -27.36 4.44
CA THR F 42 -3.27 -28.75 4.23
C THR F 42 -3.28 -29.03 2.73
N ARG F 43 -2.66 -30.12 2.32
CA ARG F 43 -2.60 -30.47 0.91
C ARG F 43 -2.85 -31.95 0.72
N THR F 44 -3.39 -32.29 -0.44
CA THR F 44 -3.52 -33.67 -0.88
C THR F 44 -2.26 -34.04 -1.65
N TRP F 45 -1.66 -35.18 -1.30
CA TRP F 45 -0.44 -35.66 -1.91
C TRP F 45 -0.63 -37.05 -2.50
N ALA F 46 0.29 -37.41 -3.38
CA ALA F 46 0.36 -38.75 -3.96
C ALA F 46 1.79 -39.23 -3.89
N LEU F 47 1.98 -40.44 -3.37
CA LEU F 47 3.30 -41.03 -3.25
C LEU F 47 3.39 -42.25 -4.15
N PRO F 48 4.23 -42.25 -5.18
CA PRO F 48 4.43 -43.44 -5.99
C PRO F 48 5.46 -44.36 -5.34
N THR F 49 5.83 -45.39 -6.08
CA THR F 49 6.95 -46.24 -5.71
C THR F 49 8.14 -45.88 -6.60
N TYR F 50 9.22 -45.42 -5.97
CA TYR F 50 10.41 -45.01 -6.70
C TYR F 50 11.44 -46.14 -6.70
N ASN F 51 12.10 -46.31 -7.84
CA ASN F 51 13.19 -47.27 -8.02
C ASN F 51 12.77 -48.71 -7.83
N ASN F 52 11.49 -49.03 -8.02
CA ASN F 52 10.99 -50.40 -7.79
C ASN F 52 11.44 -50.93 -6.44
N HIS F 53 11.26 -50.12 -5.40
CA HIS F 53 11.63 -50.45 -4.02
C HIS F 53 13.12 -50.66 -3.83
N LEU F 54 13.96 -50.13 -4.71
CA LEU F 54 15.39 -50.40 -4.69
C LEU F 54 16.17 -49.16 -4.30
N TYR F 55 17.33 -49.38 -3.70
CA TYR F 55 18.35 -48.34 -3.62
C TYR F 55 19.32 -48.53 -4.79
N LYS F 56 19.57 -47.45 -5.53
CA LYS F 56 20.47 -47.56 -6.66
C LYS F 56 21.54 -46.47 -6.61
N GLN F 57 22.80 -46.90 -6.65
CA GLN F 57 23.93 -46.01 -6.81
C GLN F 57 23.76 -45.16 -8.07
N ILE F 58 24.12 -43.88 -7.99
CA ILE F 58 24.02 -42.97 -9.13
C ILE F 58 25.27 -42.10 -9.17
N SER F 59 25.60 -41.65 -10.38
CA SER F 59 26.70 -40.71 -10.58
C SER F 59 26.49 -40.06 -11.94
N ASN F 60 27.38 -39.11 -12.27
CA ASN F 60 27.37 -38.50 -13.58
C ASN F 60 27.73 -39.52 -14.65
N SER F 61 28.54 -40.50 -14.27
CA SER F 61 28.99 -41.53 -15.20
C SER F 61 27.81 -42.30 -15.78
N THR F 62 26.70 -42.37 -15.05
CA THR F 62 25.49 -42.92 -15.66
C THR F 62 25.05 -42.10 -16.85
N SER F 63 24.93 -40.78 -16.67
CA SER F 63 24.62 -39.85 -17.76
C SER F 63 25.83 -39.53 -18.63
N GLY F 64 27.02 -39.98 -18.24
CA GLY F 64 28.23 -39.80 -19.02
C GLY F 64 29.18 -38.74 -18.50
N GLY F 65 28.67 -37.73 -17.78
CA GLY F 65 29.51 -36.87 -16.99
C GLY F 65 30.67 -36.19 -17.70
N SER F 66 30.37 -35.38 -18.71
CA SER F 66 31.42 -34.85 -19.56
C SER F 66 32.36 -33.87 -18.85
N SER F 67 31.98 -33.33 -17.69
CA SER F 67 32.74 -32.25 -17.06
C SER F 67 33.10 -32.61 -15.62
N ASN F 68 34.24 -32.09 -15.16
CA ASN F 68 34.67 -32.34 -13.79
C ASN F 68 33.96 -31.45 -12.79
N ASP F 69 33.58 -30.23 -13.19
CA ASP F 69 32.85 -29.35 -12.28
C ASP F 69 31.50 -29.93 -11.92
N ASN F 70 30.91 -30.73 -12.81
CA ASN F 70 29.61 -31.34 -12.60
C ASN F 70 29.69 -32.76 -12.05
N ALA F 71 30.87 -33.24 -11.70
CA ALA F 71 31.03 -34.63 -11.32
C ALA F 71 30.46 -34.92 -9.94
N TYR F 72 29.67 -35.99 -9.83
CA TYR F 72 29.01 -36.30 -8.56
C TYR F 72 28.91 -37.80 -8.37
N PHE F 73 28.73 -38.20 -7.10
CA PHE F 73 28.48 -39.58 -6.74
C PHE F 73 27.52 -39.64 -5.57
N GLY F 74 26.48 -40.47 -5.69
CA GLY F 74 25.52 -40.61 -4.61
C GLY F 74 24.58 -41.76 -4.88
N TYR F 75 23.48 -41.79 -4.12
CA TYR F 75 22.50 -42.86 -4.20
C TYR F 75 21.10 -42.27 -4.33
N SER F 76 20.18 -43.06 -4.90
CA SER F 76 18.77 -42.72 -4.89
C SER F 76 18.03 -43.80 -4.10
N THR F 77 16.97 -43.40 -3.43
CA THR F 77 16.32 -44.25 -2.46
C THR F 77 14.88 -44.50 -2.86
N PRO F 78 14.24 -45.54 -2.31
CA PRO F 78 12.80 -45.71 -2.50
C PRO F 78 11.97 -44.68 -1.77
N TRP F 79 12.54 -43.98 -0.80
CA TRP F 79 11.79 -43.06 0.05
C TRP F 79 11.51 -41.74 -0.67
N GLY F 80 10.40 -41.11 -0.30
CA GLY F 80 10.11 -39.74 -0.65
C GLY F 80 10.24 -38.85 0.58
N TYR F 81 9.97 -37.56 0.39
CA TYR F 81 10.03 -36.65 1.52
C TYR F 81 9.11 -35.47 1.29
N PHE F 82 8.72 -34.83 2.38
CA PHE F 82 7.86 -33.66 2.32
C PHE F 82 8.67 -32.39 2.41
N ASP F 83 8.37 -31.44 1.53
CA ASP F 83 9.08 -30.17 1.49
C ASP F 83 8.06 -29.04 1.55
N PHE F 84 7.96 -28.38 2.69
CA PHE F 84 7.22 -27.14 2.85
C PHE F 84 8.10 -25.89 2.93
N ASN F 85 9.39 -26.02 2.64
CA ASN F 85 10.41 -25.01 2.92
C ASN F 85 10.24 -23.67 2.16
N ARG F 86 9.26 -23.47 1.29
CA ARG F 86 9.04 -22.18 0.65
C ARG F 86 7.92 -21.42 1.34
N PHE F 87 8.00 -20.09 1.30
CA PHE F 87 6.99 -19.27 1.97
C PHE F 87 5.60 -19.44 1.40
N HIS F 88 5.44 -19.48 0.07
CA HIS F 88 4.07 -19.56 -0.43
C HIS F 88 3.37 -20.83 0.01
N CYS F 89 4.07 -21.80 0.58
CA CYS F 89 3.40 -22.93 1.19
C CYS F 89 2.53 -22.49 2.35
N HIS F 90 3.06 -21.63 3.21
CA HIS F 90 2.39 -21.27 4.45
C HIS F 90 1.60 -19.95 4.40
N PHE F 91 1.80 -19.13 3.38
CA PHE F 91 1.16 -17.83 3.30
C PHE F 91 0.37 -17.70 2.01
N SER F 92 -0.85 -17.17 2.10
CA SER F 92 -1.56 -16.71 0.94
C SER F 92 -1.01 -15.37 0.49
N PRO F 93 -1.21 -14.99 -0.77
CA PRO F 93 -0.72 -13.68 -1.21
C PRO F 93 -1.25 -12.53 -0.38
N ARG F 94 -2.47 -12.64 0.13
CA ARG F 94 -3.00 -11.59 1.00
C ARG F 94 -2.32 -11.61 2.36
N ASP F 95 -2.15 -12.78 2.96
CA ASP F 95 -1.47 -12.85 4.24
C ASP F 95 -0.04 -12.37 4.14
N TRP F 96 0.59 -12.61 3.02
CA TRP F 96 1.95 -12.11 2.81
C TRP F 96 1.94 -10.59 2.74
N GLN F 97 0.98 -10.03 2.00
CA GLN F 97 0.78 -8.58 2.01
C GLN F 97 0.51 -8.09 3.41
N ARG F 98 -0.31 -8.84 4.15
CA ARG F 98 -0.68 -8.41 5.49
C ARG F 98 0.53 -8.45 6.42
N LEU F 99 1.50 -9.33 6.12
CA LEU F 99 2.71 -9.44 6.93
C LEU F 99 3.69 -8.32 6.64
N ILE F 100 3.97 -8.05 5.36
CA ILE F 100 5.11 -7.21 5.00
C ILE F 100 4.76 -5.73 5.13
N ASN F 101 3.49 -5.39 5.08
CA ASN F 101 3.13 -3.98 5.19
C ASN F 101 3.11 -3.52 6.62
N ASN F 102 2.87 -4.43 7.56
CA ASN F 102 2.61 -4.05 8.94
C ASN F 102 3.77 -4.30 9.90
N ASN F 103 4.82 -4.97 9.47
CA ASN F 103 5.79 -5.48 10.43
C ASN F 103 7.21 -5.18 9.98
N TRP F 104 8.09 -5.03 10.97
CA TRP F 104 9.52 -4.88 10.76
C TRP F 104 10.30 -6.18 10.79
N GLY F 105 9.67 -7.28 11.19
CA GLY F 105 10.42 -8.53 11.25
C GLY F 105 9.53 -9.67 11.69
N PHE F 106 10.01 -10.87 11.38
CA PHE F 106 9.26 -12.09 11.69
C PHE F 106 10.25 -13.24 11.71
N ARG F 107 9.80 -14.36 12.26
CA ARG F 107 10.65 -15.54 12.40
C ARG F 107 9.82 -16.71 12.90
N PRO F 108 10.13 -17.92 12.48
CA PRO F 108 9.35 -19.08 12.92
C PRO F 108 9.69 -19.47 14.35
N LYS F 109 8.67 -20.01 15.02
CA LYS F 109 8.80 -20.41 16.42
C LYS F 109 8.54 -21.90 16.60
N ARG F 110 7.34 -22.37 16.28
CA ARG F 110 6.97 -23.76 16.45
C ARG F 110 6.55 -24.36 15.11
N LEU F 111 6.49 -25.68 15.06
CA LEU F 111 6.10 -26.42 13.88
C LEU F 111 5.30 -27.64 14.31
N ASN F 112 4.19 -27.90 13.63
CA ASN F 112 3.38 -29.08 13.91
C ASN F 112 3.00 -29.72 12.59
N PHE F 113 3.41 -30.97 12.38
CA PHE F 113 3.26 -31.66 11.11
C PHE F 113 2.37 -32.87 11.30
N LYS F 114 1.33 -32.99 10.48
CA LYS F 114 0.36 -34.08 10.60
C LYS F 114 0.17 -34.79 9.28
N LEU F 115 -0.05 -36.10 9.37
CA LEU F 115 -0.23 -36.97 8.22
C LEU F 115 -1.42 -37.87 8.50
N PHE F 116 -2.38 -37.93 7.58
CA PHE F 116 -3.63 -38.59 7.89
C PHE F 116 -4.38 -38.91 6.61
N ASN F 117 -5.52 -39.57 6.77
CA ASN F 117 -6.38 -40.00 5.68
C ASN F 117 -5.60 -40.79 4.64
N ILE F 118 -4.72 -41.66 5.13
CA ILE F 118 -3.89 -42.49 4.26
C ILE F 118 -4.78 -43.43 3.47
N GLN F 119 -4.52 -43.51 2.16
CA GLN F 119 -5.18 -44.42 1.27
C GLN F 119 -4.12 -45.10 0.43
N VAL F 120 -3.97 -46.40 0.56
CA VAL F 120 -3.05 -47.17 -0.27
C VAL F 120 -3.85 -47.84 -1.36
N LYS F 121 -3.49 -47.57 -2.61
CA LYS F 121 -4.18 -48.07 -3.78
C LYS F 121 -3.31 -49.11 -4.44
N GLU F 122 -3.92 -50.06 -5.12
CA GLU F 122 -3.20 -51.08 -5.87
C GLU F 122 -3.65 -51.06 -7.33
N VAL F 123 -2.68 -51.07 -8.23
CA VAL F 123 -2.92 -50.94 -9.66
C VAL F 123 -2.85 -52.30 -10.29
N THR F 124 -3.84 -52.62 -11.11
CA THR F 124 -3.82 -53.79 -11.96
C THR F 124 -3.97 -53.32 -13.40
N ASP F 125 -3.01 -53.66 -14.25
CA ASP F 125 -3.14 -53.39 -15.67
C ASP F 125 -3.49 -54.72 -16.34
N ASN F 126 -4.75 -54.83 -16.72
CA ASN F 126 -5.30 -56.07 -17.21
C ASN F 126 -5.85 -55.85 -18.61
N ASN F 127 -5.19 -56.43 -19.60
CA ASN F 127 -5.52 -56.24 -21.01
C ASN F 127 -5.47 -54.75 -21.30
N GLY F 128 -6.46 -54.17 -21.98
CA GLY F 128 -6.30 -52.84 -22.53
C GLY F 128 -6.18 -51.75 -21.48
N VAL F 129 -7.18 -51.63 -20.62
CA VAL F 129 -7.27 -50.51 -19.69
C VAL F 129 -6.96 -51.01 -18.29
N LYS F 130 -6.17 -50.24 -17.56
CA LYS F 130 -5.74 -50.58 -16.22
C LYS F 130 -6.85 -50.35 -15.21
N THR F 131 -6.73 -50.97 -14.04
CA THR F 131 -7.76 -50.93 -13.01
C THR F 131 -7.11 -50.58 -11.68
N ILE F 132 -7.77 -49.73 -10.91
CA ILE F 132 -7.31 -49.33 -9.58
C ILE F 132 -8.35 -49.76 -8.57
N ALA F 133 -7.89 -50.24 -7.42
CA ALA F 133 -8.77 -50.57 -6.31
C ALA F 133 -7.99 -50.43 -5.02
N ASN F 134 -8.72 -50.39 -3.90
CA ASN F 134 -8.08 -50.17 -2.61
C ASN F 134 -7.38 -51.44 -2.14
N ASN F 135 -6.17 -51.27 -1.60
CA ASN F 135 -5.52 -52.29 -0.81
C ASN F 135 -5.69 -51.86 0.64
N LEU F 136 -6.59 -52.53 1.35
CA LEU F 136 -6.97 -52.08 2.69
C LEU F 136 -5.98 -52.53 3.75
N THR F 137 -5.13 -53.51 3.46
CA THR F 137 -4.21 -54.06 4.43
C THR F 137 -2.79 -53.51 4.32
N SER F 138 -2.51 -52.67 3.32
CA SER F 138 -1.16 -52.16 3.12
C SER F 138 -0.81 -51.08 4.13
N THR F 139 0.50 -50.85 4.26
CA THR F 139 1.03 -49.84 5.16
C THR F 139 1.85 -48.83 4.38
N VAL F 140 2.15 -47.72 5.06
CA VAL F 140 3.05 -46.69 4.58
C VAL F 140 4.01 -46.35 5.72
N GLN F 141 5.29 -46.31 5.42
CA GLN F 141 6.29 -45.94 6.40
C GLN F 141 6.54 -44.45 6.36
N VAL F 142 6.62 -43.83 7.53
CA VAL F 142 7.03 -42.43 7.66
C VAL F 142 7.88 -42.30 8.91
N PHE F 143 8.95 -41.53 8.83
CA PHE F 143 9.72 -41.16 10.01
C PHE F 143 10.42 -39.84 9.74
N THR F 144 10.90 -39.22 10.81
CA THR F 144 11.66 -37.98 10.73
C THR F 144 13.05 -38.20 11.27
N ASP F 145 14.05 -37.58 10.63
CA ASP F 145 15.40 -37.65 11.16
C ASP F 145 15.56 -36.45 12.08
N SER F 146 15.45 -36.71 13.37
CA SER F 146 15.57 -35.66 14.38
C SER F 146 16.97 -35.55 14.94
N ASP F 147 17.83 -36.53 14.67
CA ASP F 147 19.23 -36.49 15.04
C ASP F 147 20.12 -36.00 13.92
N TYR F 148 19.52 -35.65 12.78
CA TYR F 148 20.23 -35.05 11.65
C TYR F 148 21.36 -35.96 11.18
N GLN F 149 21.09 -37.26 11.17
CA GLN F 149 22.08 -38.25 10.78
C GLN F 149 22.13 -38.45 9.27
N LEU F 150 21.09 -38.11 8.55
CA LEU F 150 21.08 -38.23 7.11
C LEU F 150 21.58 -36.96 6.45
N PRO F 151 22.10 -37.06 5.24
CA PRO F 151 22.37 -35.87 4.43
C PRO F 151 21.12 -35.01 4.29
N TYR F 152 21.29 -33.71 4.49
CA TYR F 152 20.16 -32.79 4.59
C TYR F 152 20.02 -32.07 3.25
N VAL F 153 18.98 -32.45 2.49
CA VAL F 153 18.80 -31.94 1.13
C VAL F 153 17.75 -30.84 1.03
N LEU F 154 17.15 -30.42 2.16
CA LEU F 154 16.07 -29.45 2.08
C LEU F 154 16.54 -28.03 1.81
N GLY F 155 17.69 -27.62 2.31
CA GLY F 155 18.14 -26.27 2.13
C GLY F 155 18.74 -25.93 0.78
N SER F 156 18.56 -26.80 -0.21
CA SER F 156 19.14 -26.61 -1.54
C SER F 156 18.18 -26.00 -2.54
N ALA F 157 16.98 -25.60 -2.11
CA ALA F 157 16.00 -24.93 -2.97
C ALA F 157 15.53 -25.82 -4.12
N HIS F 158 15.24 -27.08 -3.84
CA HIS F 158 14.71 -27.97 -4.85
C HIS F 158 13.22 -27.80 -5.03
N GLU F 159 12.76 -28.20 -6.21
CA GLU F 159 11.35 -28.17 -6.52
C GLU F 159 10.65 -29.30 -5.74
N GLY F 160 9.32 -29.36 -5.84
CA GLY F 160 8.58 -30.39 -5.14
C GLY F 160 7.84 -29.93 -3.91
N CYS F 161 7.79 -28.63 -3.65
CA CYS F 161 7.18 -28.12 -2.44
C CYS F 161 5.68 -28.37 -2.44
N LEU F 162 5.08 -28.28 -1.26
CA LEU F 162 3.63 -28.18 -1.17
C LEU F 162 3.16 -27.05 -2.08
N PRO F 163 2.17 -27.30 -2.94
CA PRO F 163 1.80 -26.30 -3.93
C PRO F 163 1.21 -25.07 -3.25
N PRO F 164 1.54 -23.88 -3.73
CA PRO F 164 1.03 -22.67 -3.08
C PRO F 164 -0.48 -22.59 -3.04
N PHE F 165 -1.15 -23.01 -4.08
CA PHE F 165 -2.61 -22.92 -4.12
C PHE F 165 -3.21 -24.21 -3.59
N PRO F 166 -4.04 -24.13 -2.55
CA PRO F 166 -4.41 -25.33 -1.80
C PRO F 166 -5.21 -26.35 -2.57
N ALA F 167 -5.96 -25.97 -3.60
CA ALA F 167 -6.75 -26.94 -4.33
C ALA F 167 -5.92 -27.80 -5.26
N ASP F 168 -4.64 -27.48 -5.43
CA ASP F 168 -3.78 -28.34 -6.22
C ASP F 168 -3.38 -29.57 -5.44
N VAL F 169 -3.02 -30.63 -6.16
CA VAL F 169 -2.58 -31.89 -5.56
C VAL F 169 -1.18 -32.18 -6.08
N PHE F 170 -0.25 -32.41 -5.16
CA PHE F 170 1.16 -32.45 -5.53
C PHE F 170 1.71 -33.86 -5.34
N MET F 171 2.72 -34.15 -6.12
CA MET F 171 3.45 -35.41 -6.09
C MET F 171 4.71 -35.25 -5.25
N ILE F 172 5.01 -36.28 -4.46
CA ILE F 172 6.11 -36.18 -3.50
C ILE F 172 7.43 -36.44 -4.23
N PRO F 173 8.48 -35.67 -3.93
CA PRO F 173 9.77 -35.90 -4.57
C PRO F 173 10.53 -37.07 -3.97
N GLN F 174 11.27 -37.75 -4.85
CA GLN F 174 12.11 -38.86 -4.43
C GLN F 174 13.28 -38.34 -3.62
N TYR F 175 13.68 -39.09 -2.60
CA TYR F 175 14.82 -38.71 -1.80
C TYR F 175 16.11 -39.25 -2.39
N GLY F 176 17.16 -38.44 -2.33
CA GLY F 176 18.47 -38.86 -2.79
C GLY F 176 19.51 -37.94 -2.21
N TYR F 177 20.73 -38.44 -2.14
CA TYR F 177 21.81 -37.66 -1.56
C TYR F 177 23.09 -37.95 -2.31
N LEU F 178 24.09 -37.11 -2.06
CA LEU F 178 25.43 -37.28 -2.60
C LEU F 178 26.42 -37.41 -1.47
N THR F 179 27.53 -38.08 -1.76
CA THR F 179 28.63 -38.21 -0.82
C THR F 179 29.90 -37.89 -1.58
N LEU F 180 31.05 -38.14 -0.96
CA LEU F 180 32.31 -37.81 -1.60
C LEU F 180 32.43 -38.49 -2.95
N ASN F 181 33.12 -37.83 -3.87
CA ASN F 181 33.40 -38.43 -5.16
C ASN F 181 34.77 -37.99 -5.65
N ASP F 182 35.40 -38.86 -6.42
CA ASP F 182 36.62 -38.57 -7.15
C ASP F 182 36.31 -38.78 -8.62
N GLY F 183 36.26 -37.67 -9.37
CA GLY F 183 35.59 -37.76 -10.66
C GLY F 183 34.19 -38.29 -10.45
N SER F 184 33.84 -39.33 -11.20
CA SER F 184 32.58 -40.02 -11.00
C SER F 184 32.68 -41.21 -10.05
N GLN F 185 33.89 -41.63 -9.70
CA GLN F 185 34.06 -42.77 -8.81
C GLN F 185 33.91 -42.39 -7.36
N ALA F 186 33.57 -43.38 -6.53
CA ALA F 186 33.54 -43.20 -5.10
C ALA F 186 34.94 -43.31 -4.51
N VAL F 187 35.04 -43.10 -3.20
CA VAL F 187 36.28 -43.16 -2.46
C VAL F 187 36.00 -43.86 -1.14
N GLY F 188 37.07 -44.27 -0.45
CA GLY F 188 36.89 -45.03 0.77
C GLY F 188 36.20 -44.22 1.86
N ARG F 189 36.42 -42.91 1.88
CA ARG F 189 35.86 -42.07 2.92
C ARG F 189 34.37 -41.80 2.70
N SER F 190 33.82 -42.21 1.55
CA SER F 190 32.41 -42.00 1.27
C SER F 190 31.55 -42.80 2.23
N SER F 191 30.29 -42.40 2.35
CA SER F 191 29.32 -43.10 3.19
C SER F 191 28.14 -43.58 2.38
N PHE F 192 27.42 -44.54 2.93
CA PHE F 192 26.19 -45.07 2.38
C PHE F 192 25.19 -45.23 3.51
N TYR F 193 23.98 -44.74 3.31
CA TYR F 193 22.97 -44.71 4.36
C TYR F 193 21.75 -45.49 3.92
N CYS F 194 21.38 -46.49 4.71
CA CYS F 194 20.16 -47.25 4.51
C CYS F 194 19.07 -46.67 5.39
N LEU F 195 18.00 -46.19 4.78
CA LEU F 195 16.95 -45.57 5.57
C LEU F 195 16.06 -46.59 6.25
N GLU F 196 16.06 -47.83 5.75
CA GLU F 196 15.42 -48.92 6.46
C GLU F 196 16.06 -49.20 7.81
N TYR F 197 17.27 -48.70 8.04
CA TYR F 197 18.03 -48.95 9.25
C TYR F 197 17.68 -47.98 10.38
N PHE F 198 16.76 -47.12 10.17
CA PHE F 198 16.04 -46.23 11.06
C PHE F 198 14.72 -46.86 11.49
N PRO F 199 14.33 -46.73 12.75
CA PRO F 199 12.97 -47.10 13.13
C PRO F 199 11.98 -46.12 12.53
N SER F 200 10.90 -46.64 11.98
CA SER F 200 9.89 -45.81 11.34
C SER F 200 8.51 -46.37 11.64
N GLN F 201 7.63 -45.48 12.07
CA GLN F 201 6.23 -45.84 12.30
C GLN F 201 5.58 -46.28 11.00
N MET F 202 4.79 -47.35 11.08
CA MET F 202 4.09 -47.92 9.94
C MET F 202 2.62 -47.60 10.07
N LEU F 203 1.99 -47.19 8.96
CA LEU F 203 0.63 -46.65 8.97
C LEU F 203 -0.22 -47.41 7.96
N ARG F 204 -1.35 -47.95 8.42
CA ARG F 204 -2.37 -48.45 7.53
C ARG F 204 -3.40 -47.36 7.24
N THR F 205 -4.50 -47.75 6.61
CA THR F 205 -5.48 -46.78 6.14
C THR F 205 -6.18 -46.04 7.29
N GLY F 206 -6.17 -46.59 8.50
CA GLY F 206 -6.82 -45.92 9.59
C GLY F 206 -5.90 -45.13 10.49
N ASN F 207 -4.60 -45.29 10.33
CA ASN F 207 -3.60 -44.66 11.18
C ASN F 207 -3.30 -43.24 10.74
N ASN F 208 -2.78 -42.44 11.67
CA ASN F 208 -2.26 -41.12 11.38
C ASN F 208 -0.89 -40.96 12.03
N PHE F 209 -0.20 -39.90 11.64
CA PHE F 209 1.15 -39.61 12.10
C PHE F 209 1.27 -38.12 12.36
N GLN F 210 1.84 -37.76 13.49
CA GLN F 210 2.07 -36.35 13.76
C GLN F 210 3.31 -36.20 14.64
N PHE F 211 4.01 -35.08 14.45
CA PHE F 211 5.10 -34.72 15.34
C PHE F 211 5.20 -33.20 15.37
N SER F 212 5.70 -32.69 16.48
CA SER F 212 5.87 -31.26 16.64
C SER F 212 7.36 -30.92 16.79
N TYR F 213 7.71 -29.72 16.36
CA TYR F 213 9.08 -29.26 16.32
C TYR F 213 9.16 -27.83 16.83
N GLU F 214 10.27 -27.51 17.48
CA GLU F 214 10.53 -26.19 18.03
C GLU F 214 11.77 -25.60 17.36
N PHE F 215 11.58 -24.53 16.58
CA PHE F 215 12.70 -23.83 15.96
C PHE F 215 13.68 -23.33 17.00
N GLU F 216 14.97 -23.43 16.70
CA GLU F 216 15.95 -22.82 17.57
C GLU F 216 16.02 -21.31 17.31
N ASN F 217 16.44 -20.58 18.33
CA ASN F 217 16.30 -19.13 18.32
C ASN F 217 17.12 -18.51 17.20
N VAL F 218 16.46 -17.72 16.35
CA VAL F 218 17.10 -17.04 15.23
C VAL F 218 16.80 -15.56 15.34
N PRO F 219 17.56 -14.71 14.66
CA PRO F 219 17.22 -13.29 14.63
C PRO F 219 16.07 -13.04 13.68
N PHE F 220 15.32 -11.98 13.95
CA PHE F 220 14.24 -11.60 13.05
C PHE F 220 14.79 -11.27 11.67
N HIS F 221 14.05 -11.68 10.65
CA HIS F 221 14.41 -11.31 9.30
C HIS F 221 14.03 -9.83 9.24
N SER F 222 14.85 -9.01 8.60
CA SER F 222 14.53 -7.60 8.57
C SER F 222 13.69 -7.20 7.38
N SER F 223 12.38 -7.11 7.58
CA SER F 223 11.49 -6.69 6.51
C SER F 223 11.31 -5.18 6.50
N TYR F 224 12.39 -4.47 6.20
CA TYR F 224 12.35 -3.02 6.15
C TYR F 224 13.53 -2.53 5.32
N ALA F 225 13.43 -1.30 4.84
CA ALA F 225 14.50 -0.68 4.08
C ALA F 225 14.91 0.55 4.84
N HIS F 226 16.22 0.80 4.94
CA HIS F 226 16.69 1.97 5.67
C HIS F 226 16.29 3.27 4.99
N SER F 227 15.91 4.26 5.79
CA SER F 227 15.51 5.56 5.26
C SER F 227 16.71 6.49 5.22
N GLN F 228 17.86 5.95 5.59
CA GLN F 228 19.13 6.65 5.55
C GLN F 228 20.15 5.77 4.85
N SER F 229 21.21 6.39 4.35
CA SER F 229 22.34 5.64 3.82
C SER F 229 23.53 5.77 4.75
N LEU F 230 24.37 4.74 4.74
CA LEU F 230 25.50 4.66 5.66
C LEU F 230 26.38 5.89 5.60
N ASP F 231 26.54 6.48 4.42
CA ASP F 231 27.45 7.59 4.24
C ASP F 231 26.82 8.95 4.53
N ARG F 232 25.53 9.01 4.81
CA ARG F 232 24.84 10.25 5.10
C ARG F 232 24.47 10.47 6.56
N LEU F 233 24.96 9.66 7.49
CA LEU F 233 24.48 9.67 8.87
C LEU F 233 24.74 10.99 9.62
N MET F 234 25.47 11.93 9.02
CA MET F 234 25.92 13.17 9.66
C MET F 234 24.79 14.19 9.84
N ASN F 235 25.06 15.15 10.72
CA ASN F 235 24.23 16.35 10.81
C ASN F 235 24.60 17.31 9.70
N PRO F 236 23.70 17.61 8.77
CA PRO F 236 24.05 18.44 7.62
C PRO F 236 24.33 19.89 7.97
N LEU F 237 24.00 20.35 9.18
CA LEU F 237 24.17 21.74 9.53
C LEU F 237 25.51 22.08 10.15
N ILE F 238 26.26 21.10 10.63
CA ILE F 238 27.35 21.37 11.55
C ILE F 238 28.63 20.75 11.03
N ASP F 239 29.74 21.47 11.23
CA ASP F 239 31.06 20.98 10.88
C ASP F 239 31.53 19.89 11.85
N GLN F 240 32.43 19.06 11.35
CA GLN F 240 33.26 18.20 12.19
C GLN F 240 34.42 19.00 12.78
N TYR F 241 34.99 18.48 13.87
CA TYR F 241 36.25 18.98 14.38
C TYR F 241 37.45 18.22 13.86
N LEU F 242 37.24 17.25 12.96
CA LEU F 242 38.35 16.64 12.25
C LEU F 242 38.74 17.46 11.03
N TYR F 243 39.99 17.28 10.60
CA TYR F 243 40.53 17.89 9.40
C TYR F 243 40.90 16.83 8.38
N TYR F 244 40.94 17.24 7.12
CA TYR F 244 41.42 16.41 6.03
C TYR F 244 42.38 17.24 5.21
N LEU F 245 43.20 16.58 4.42
CA LEU F 245 44.28 17.27 3.70
C LEU F 245 43.74 17.73 2.36
N SER F 246 43.55 19.04 2.22
CA SER F 246 42.96 19.56 0.98
C SER F 246 43.99 19.74 -0.12
N LYS F 247 45.13 20.36 0.17
CA LYS F 247 46.12 20.63 -0.87
C LYS F 247 47.43 19.93 -0.54
N THR F 248 48.04 19.29 -1.55
CA THR F 248 49.42 18.86 -1.44
C THR F 248 50.39 19.78 -2.16
N ILE F 249 49.92 20.80 -2.88
CA ILE F 249 50.77 21.72 -3.61
C ILE F 249 50.10 23.09 -3.65
N ASN F 250 50.91 24.12 -3.87
CA ASN F 250 50.36 25.47 -3.94
C ASN F 250 49.73 25.74 -5.29
N GLY F 251 50.39 25.32 -6.37
CA GLY F 251 49.84 25.54 -7.68
C GLY F 251 50.85 25.16 -8.75
N SER F 252 50.56 25.58 -9.97
CA SER F 252 51.46 25.30 -11.08
C SER F 252 52.84 25.90 -10.80
N GLY F 253 53.84 25.06 -10.88
CA GLY F 253 55.19 25.45 -10.60
C GLY F 253 56.00 24.23 -10.21
N GLN F 254 57.23 24.47 -9.80
CA GLN F 254 58.12 23.41 -9.34
C GLN F 254 58.35 23.58 -7.84
N ASN F 255 58.61 22.47 -7.17
CA ASN F 255 58.92 22.47 -5.74
C ASN F 255 57.79 23.14 -4.93
N GLN F 256 56.56 22.89 -5.35
CA GLN F 256 55.39 23.53 -4.77
C GLN F 256 54.77 22.74 -3.64
N GLN F 257 55.40 21.65 -3.23
CA GLN F 257 54.84 20.77 -2.20
C GLN F 257 54.45 21.57 -0.97
N THR F 258 53.23 21.32 -0.48
CA THR F 258 52.75 21.95 0.74
C THR F 258 51.79 20.98 1.41
N LEU F 259 51.43 21.29 2.65
CA LEU F 259 50.39 20.58 3.37
C LEU F 259 49.32 21.58 3.80
N LYS F 260 48.10 21.37 3.32
CA LYS F 260 46.99 22.25 3.61
C LYS F 260 45.83 21.42 4.13
N PHE F 261 45.16 21.94 5.14
CA PHE F 261 44.13 21.21 5.85
C PHE F 261 42.88 22.05 5.96
N SER F 262 41.74 21.38 5.89
CA SER F 262 40.45 22.04 5.96
C SER F 262 39.54 21.27 6.90
N VAL F 263 38.55 21.97 7.44
CA VAL F 263 37.53 21.31 8.24
C VAL F 263 36.57 20.58 7.34
N ALA F 264 36.17 19.39 7.74
CA ALA F 264 35.15 18.63 7.01
C ALA F 264 33.77 19.06 7.46
N GLY F 265 32.93 19.42 6.50
CA GLY F 265 31.66 20.03 6.82
C GLY F 265 30.60 19.78 5.78
N PRO F 266 29.43 20.39 5.99
CA PRO F 266 28.30 20.16 5.08
C PRO F 266 28.62 20.39 3.62
N SER F 267 29.62 21.21 3.31
CA SER F 267 29.94 21.48 1.92
C SER F 267 30.51 20.25 1.24
N ASN F 268 31.54 19.64 1.84
CA ASN F 268 32.16 18.43 1.30
C ASN F 268 31.90 17.31 2.30
N MET F 269 30.95 16.43 1.98
CA MET F 269 30.62 15.36 2.92
C MET F 269 31.42 14.11 2.64
N ALA F 270 32.05 14.03 1.48
CA ALA F 270 32.73 12.79 1.10
C ALA F 270 33.98 12.56 1.94
N VAL F 271 34.61 13.65 2.41
CA VAL F 271 35.91 13.52 3.07
C VAL F 271 35.74 13.42 4.57
N GLN F 272 34.51 13.37 5.06
CA GLN F 272 34.31 13.41 6.50
C GLN F 272 34.65 12.08 7.15
N GLY F 273 35.14 12.14 8.38
CA GLY F 273 35.48 10.91 9.09
C GLY F 273 34.23 10.17 9.54
N ARG F 274 34.25 8.86 9.36
CA ARG F 274 33.07 8.03 9.60
C ARG F 274 33.40 6.87 10.52
N ASN F 275 32.43 6.51 11.35
CA ASN F 275 32.56 5.41 12.30
C ASN F 275 32.33 4.04 11.69
N TYR F 276 31.55 3.92 10.61
CA TYR F 276 31.19 2.62 10.10
C TYR F 276 31.19 2.64 8.57
N ILE F 277 31.50 1.49 7.99
CA ILE F 277 31.76 1.38 6.55
C ILE F 277 30.90 0.27 5.98
N PRO F 278 30.69 0.26 4.66
CA PRO F 278 29.75 -0.71 4.08
C PRO F 278 30.26 -2.14 4.11
N GLY F 279 29.33 -3.06 3.90
CA GLY F 279 29.60 -4.48 4.01
C GLY F 279 30.45 -5.06 2.90
N PRO F 280 30.80 -6.34 3.05
CA PRO F 280 31.79 -6.94 2.14
C PRO F 280 31.25 -7.16 0.75
N SER F 281 32.17 -7.40 -0.18
CA SER F 281 31.89 -7.42 -1.60
C SER F 281 32.67 -8.51 -2.31
N TYR F 282 32.00 -9.22 -3.21
CA TYR F 282 32.63 -10.12 -4.16
C TYR F 282 31.98 -9.86 -5.50
N ARG F 283 32.70 -9.26 -6.43
CA ARG F 283 32.08 -8.54 -7.54
C ARG F 283 31.51 -9.48 -8.60
N GLN F 284 30.37 -9.06 -9.18
CA GLN F 284 29.66 -9.80 -10.21
C GLN F 284 29.72 -9.04 -11.53
N GLN F 285 29.67 -9.78 -12.63
CA GLN F 285 29.60 -9.14 -13.93
C GLN F 285 28.19 -8.60 -14.17
N ARG F 286 28.09 -7.56 -14.99
CA ARG F 286 26.85 -6.81 -15.15
C ARG F 286 26.21 -7.09 -16.50
N VAL F 287 24.93 -7.45 -16.47
CA VAL F 287 24.16 -7.78 -17.67
C VAL F 287 22.95 -6.87 -17.74
N SER F 288 22.66 -6.36 -18.92
CA SER F 288 21.51 -5.50 -19.12
C SER F 288 20.37 -6.29 -19.75
N THR F 289 19.14 -5.92 -19.37
CA THR F 289 17.98 -6.55 -19.97
C THR F 289 17.74 -6.04 -21.38
N THR F 290 18.37 -4.93 -21.75
CA THR F 290 18.35 -4.44 -23.12
C THR F 290 19.55 -5.05 -23.84
N VAL F 291 19.28 -5.98 -24.76
CA VAL F 291 20.32 -6.90 -25.22
C VAL F 291 21.40 -6.16 -26.00
N THR F 292 21.03 -5.11 -26.73
CA THR F 292 22.02 -4.45 -27.57
C THR F 292 23.08 -3.73 -26.74
N GLN F 293 22.81 -3.55 -25.45
CA GLN F 293 23.83 -2.99 -24.57
C GLN F 293 24.83 -4.05 -24.14
N ASN F 294 24.42 -5.31 -24.18
CA ASN F 294 25.32 -6.38 -23.79
C ASN F 294 26.34 -6.64 -24.89
N ASN F 295 27.50 -7.15 -24.50
CA ASN F 295 28.56 -7.47 -25.45
C ASN F 295 28.14 -8.65 -26.32
N ASN F 296 28.55 -8.63 -27.58
CA ASN F 296 28.19 -9.70 -28.52
C ASN F 296 29.14 -10.89 -28.40
N SER F 297 29.05 -11.62 -27.30
CA SER F 297 29.88 -12.80 -27.09
C SER F 297 29.22 -13.70 -26.07
N GLU F 298 29.64 -14.96 -26.01
CA GLU F 298 29.06 -15.88 -25.05
C GLU F 298 29.91 -15.83 -23.80
N PHE F 299 29.44 -15.07 -22.81
CA PHE F 299 30.16 -14.90 -21.56
C PHE F 299 29.40 -15.37 -20.33
N ALA F 300 28.36 -16.16 -20.49
CA ALA F 300 27.57 -16.58 -19.34
C ALA F 300 28.37 -17.39 -18.32
N TRP F 301 29.18 -18.34 -18.76
CA TRP F 301 29.98 -19.10 -17.80
C TRP F 301 31.40 -18.55 -17.71
N PRO F 302 31.95 -18.12 -18.84
CA PRO F 302 33.31 -17.58 -18.88
C PRO F 302 33.49 -16.27 -18.13
N GLY F 303 32.51 -15.37 -18.21
CA GLY F 303 32.65 -14.10 -17.55
C GLY F 303 32.03 -14.04 -16.17
N ALA F 304 31.84 -15.19 -15.55
CA ALA F 304 31.12 -15.28 -14.30
C ALA F 304 32.06 -15.46 -13.11
N SER F 305 31.66 -14.88 -11.98
CA SER F 305 32.41 -14.98 -10.74
C SER F 305 32.18 -16.34 -10.10
N SER F 306 33.24 -16.92 -9.56
CA SER F 306 33.13 -18.29 -9.07
C SER F 306 34.16 -18.56 -8.00
N TRP F 307 33.95 -19.65 -7.27
CA TRP F 307 34.90 -20.15 -6.30
C TRP F 307 35.24 -21.60 -6.58
N ALA F 308 36.48 -21.97 -6.32
CA ALA F 308 36.98 -23.30 -6.55
C ALA F 308 37.07 -24.06 -5.25
N LEU F 309 36.66 -25.32 -5.27
CA LEU F 309 36.74 -26.20 -4.11
C LEU F 309 37.24 -27.56 -4.56
N ASN F 310 38.40 -27.98 -4.06
CA ASN F 310 39.02 -29.26 -4.39
C ASN F 310 39.01 -29.52 -5.90
N GLY F 311 39.48 -28.56 -6.66
CA GLY F 311 39.58 -28.72 -8.09
C GLY F 311 38.35 -28.38 -8.88
N ARG F 312 37.20 -28.26 -8.25
CA ARG F 312 35.94 -27.97 -8.94
C ARG F 312 35.57 -26.51 -8.79
N ASN F 313 34.98 -25.96 -9.85
CA ASN F 313 34.53 -24.58 -9.88
C ASN F 313 33.03 -24.51 -9.69
N SER F 314 32.60 -24.01 -8.54
CA SER F 314 31.20 -23.71 -8.30
C SER F 314 30.97 -22.24 -8.60
N LEU F 315 30.00 -21.96 -9.46
CA LEU F 315 29.62 -20.58 -9.72
C LEU F 315 29.19 -19.91 -8.43
N MET F 316 29.46 -18.61 -8.31
CA MET F 316 29.12 -17.89 -7.08
C MET F 316 27.70 -17.37 -7.24
N ASN F 317 26.76 -18.08 -6.63
CA ASN F 317 25.34 -17.86 -6.82
C ASN F 317 24.60 -18.18 -5.53
N PRO F 318 23.67 -17.32 -5.11
CA PRO F 318 23.55 -15.93 -5.53
C PRO F 318 24.72 -15.10 -5.02
N GLY F 319 25.32 -15.54 -3.91
CA GLY F 319 26.51 -14.92 -3.39
C GLY F 319 26.23 -14.04 -2.19
N PRO F 320 27.23 -13.24 -1.80
CA PRO F 320 27.02 -12.28 -0.71
C PRO F 320 25.94 -11.28 -1.08
N ALA F 321 25.30 -10.73 -0.05
CA ALA F 321 24.23 -9.77 -0.26
C ALA F 321 24.84 -8.45 -0.71
N MET F 322 24.46 -8.00 -1.90
CA MET F 322 24.96 -6.76 -2.47
C MET F 322 23.86 -6.18 -3.34
N ALA F 323 23.81 -4.86 -3.40
CA ALA F 323 22.76 -4.20 -4.18
C ALA F 323 22.90 -4.58 -5.65
N SER F 324 21.76 -4.86 -6.28
CA SER F 324 21.79 -5.33 -7.66
C SER F 324 22.25 -4.24 -8.62
N HIS F 325 21.98 -2.99 -8.28
CA HIS F 325 22.38 -1.91 -9.16
C HIS F 325 22.40 -0.61 -8.43
N LYS F 326 22.96 0.40 -9.09
CA LYS F 326 22.99 1.75 -8.58
C LYS F 326 21.62 2.37 -8.82
N GLU F 327 21.31 3.44 -8.10
CA GLU F 327 20.02 4.08 -8.23
C GLU F 327 19.76 4.51 -9.66
N GLY F 328 18.56 4.19 -10.14
CA GLY F 328 18.14 4.53 -11.49
C GLY F 328 18.56 3.64 -12.65
N GLU F 329 19.18 2.50 -12.37
CA GLU F 329 19.62 1.60 -13.44
C GLU F 329 19.02 0.23 -13.22
N ASP F 330 17.75 0.05 -13.56
CA ASP F 330 17.07 -1.19 -13.24
C ASP F 330 17.30 -2.22 -14.33
N ARG F 331 17.86 -1.80 -15.46
CA ARG F 331 18.00 -2.73 -16.56
C ARG F 331 19.21 -3.63 -16.35
N PHE F 332 20.14 -3.24 -15.49
CA PHE F 332 21.28 -4.07 -15.20
C PHE F 332 21.00 -5.01 -14.05
N PHE F 333 21.59 -6.20 -14.11
CA PHE F 333 21.53 -7.12 -12.99
C PHE F 333 22.84 -7.90 -12.93
N PRO F 334 23.24 -8.33 -11.74
CA PRO F 334 24.45 -9.16 -11.64
C PRO F 334 24.22 -10.53 -12.24
N LEU F 335 25.26 -11.06 -12.89
CA LEU F 335 25.14 -12.28 -13.66
C LEU F 335 24.59 -13.43 -12.82
N SER F 336 25.32 -13.85 -11.80
CA SER F 336 24.82 -14.87 -10.88
C SER F 336 24.26 -14.26 -9.60
N GLY F 337 24.20 -12.94 -9.49
CA GLY F 337 23.94 -12.31 -8.22
C GLY F 337 22.52 -12.32 -7.69
N SER F 338 21.52 -12.59 -8.51
CA SER F 338 20.12 -12.47 -8.08
C SER F 338 19.46 -13.83 -8.07
N LEU F 339 18.42 -13.95 -7.25
CA LEU F 339 17.50 -15.07 -7.37
C LEU F 339 16.54 -14.83 -8.52
N ILE F 340 16.38 -15.81 -9.38
CA ILE F 340 15.55 -15.70 -10.58
C ILE F 340 14.54 -16.83 -10.56
N PHE F 341 13.27 -16.49 -10.61
CA PHE F 341 12.18 -17.46 -10.57
C PHE F 341 11.56 -17.58 -11.95
N GLY F 342 11.02 -18.74 -12.22
CA GLY F 342 10.27 -18.98 -13.46
C GLY F 342 8.83 -18.55 -13.30
N LYS F 343 8.24 -18.05 -14.37
CA LYS F 343 6.81 -17.82 -14.42
C LYS F 343 6.07 -19.15 -14.58
N GLN F 344 4.78 -19.13 -14.25
CA GLN F 344 3.98 -20.33 -14.37
C GLN F 344 3.94 -20.82 -15.80
N GLY F 345 4.33 -22.08 -16.00
CA GLY F 345 4.29 -22.69 -17.30
C GLY F 345 5.51 -22.41 -18.15
N THR F 346 6.62 -22.08 -17.51
CA THR F 346 7.87 -21.76 -18.19
C THR F 346 8.70 -23.02 -18.33
N GLY F 347 9.30 -23.21 -19.50
CA GLY F 347 10.05 -24.42 -19.75
C GLY F 347 11.29 -24.51 -18.88
N ARG F 348 11.99 -25.64 -19.02
CA ARG F 348 13.15 -25.89 -18.20
C ARG F 348 14.41 -25.25 -18.78
N ASP F 349 14.50 -25.12 -20.09
CA ASP F 349 15.77 -24.90 -20.75
C ASP F 349 15.70 -23.78 -21.79
N ASN F 350 16.59 -22.79 -21.63
CA ASN F 350 16.78 -21.69 -22.57
C ASN F 350 15.48 -20.91 -22.84
N VAL F 351 14.84 -20.47 -21.79
CA VAL F 351 13.67 -19.61 -21.91
C VAL F 351 14.10 -18.15 -22.07
N ASP F 352 13.22 -17.35 -22.66
CA ASP F 352 13.47 -15.93 -22.85
C ASP F 352 13.35 -15.16 -21.54
N ALA F 353 13.93 -13.96 -21.53
CA ALA F 353 13.92 -13.14 -20.32
C ALA F 353 12.50 -12.86 -19.83
N ASP F 354 11.54 -12.77 -20.74
CA ASP F 354 10.18 -12.48 -20.33
C ASP F 354 9.51 -13.68 -19.68
N LYS F 355 10.16 -14.83 -19.70
CA LYS F 355 9.56 -16.03 -19.10
C LYS F 355 9.96 -16.18 -17.65
N VAL F 356 10.90 -15.37 -17.18
CA VAL F 356 11.46 -15.51 -15.84
C VAL F 356 11.29 -14.20 -15.09
N MET F 357 11.45 -14.26 -13.78
CA MET F 357 11.27 -13.10 -12.93
C MET F 357 12.55 -12.89 -12.11
N ILE F 358 13.26 -11.81 -12.38
CA ILE F 358 14.55 -11.56 -11.78
C ILE F 358 14.36 -10.66 -10.56
N THR F 359 14.65 -11.17 -9.37
CA THR F 359 14.50 -10.36 -8.17
C THR F 359 15.71 -9.46 -8.03
N ASN F 360 15.51 -8.24 -7.54
CA ASN F 360 16.62 -7.31 -7.35
C ASN F 360 16.64 -6.74 -5.94
N GLU F 361 17.80 -6.79 -5.30
CA GLU F 361 17.93 -6.25 -3.95
C GLU F 361 18.32 -4.76 -3.93
N GLU F 362 17.48 -3.90 -4.47
CA GLU F 362 17.76 -2.46 -4.49
C GLU F 362 17.76 -1.79 -3.12
N GLU F 363 16.90 -2.29 -2.23
CA GLU F 363 16.73 -1.74 -0.88
C GLU F 363 17.95 -1.77 0.01
N ILE F 364 18.92 -2.61 -0.31
CA ILE F 364 20.11 -2.70 0.53
C ILE F 364 21.23 -1.76 0.10
N LYS F 365 20.99 -0.93 -0.91
CA LYS F 365 22.01 -0.01 -1.43
C LYS F 365 22.58 0.99 -0.41
N THR F 366 21.80 1.38 0.59
CA THR F 366 22.23 2.30 1.61
C THR F 366 23.43 1.81 2.44
N THR F 367 23.50 0.52 2.77
CA THR F 367 24.62 -0.01 3.56
C THR F 367 25.45 -1.07 2.85
N ASN F 368 24.95 -1.58 1.74
CA ASN F 368 25.61 -2.62 0.96
C ASN F 368 26.14 -2.09 -0.36
N PRO F 369 27.38 -2.45 -0.71
CA PRO F 369 27.99 -2.04 -1.98
C PRO F 369 27.29 -2.68 -3.18
N VAL F 370 27.26 -1.99 -4.30
CA VAL F 370 26.63 -2.53 -5.50
C VAL F 370 27.38 -3.78 -5.93
N ALA F 371 26.64 -4.82 -6.34
CA ALA F 371 27.26 -6.08 -6.71
C ALA F 371 28.18 -5.93 -7.92
N THR F 372 27.85 -5.04 -8.83
CA THR F 372 28.61 -4.87 -10.06
C THR F 372 29.64 -3.75 -9.98
N GLU F 373 29.88 -3.18 -8.81
CA GLU F 373 30.86 -2.13 -8.58
C GLU F 373 32.01 -2.63 -7.73
N SER F 374 33.16 -1.98 -7.89
CA SER F 374 34.30 -2.25 -7.02
C SER F 374 33.99 -1.76 -5.61
N TYR F 375 34.68 -2.33 -4.63
CA TYR F 375 34.42 -1.91 -3.26
C TYR F 375 34.93 -0.50 -3.03
N GLY F 376 36.02 -0.12 -3.69
CA GLY F 376 36.65 1.15 -3.42
C GLY F 376 38.02 1.17 -4.07
N GLN F 377 38.92 1.97 -3.51
CA GLN F 377 40.31 1.98 -3.94
C GLN F 377 41.22 1.91 -2.73
N VAL F 378 42.44 1.42 -2.96
CA VAL F 378 43.51 1.40 -1.98
C VAL F 378 44.75 2.04 -2.60
N ALA F 379 45.67 2.44 -1.74
CA ALA F 379 46.97 2.92 -2.18
C ALA F 379 47.84 1.74 -2.56
N THR F 380 48.48 1.82 -3.72
CA THR F 380 49.33 0.72 -4.17
C THR F 380 50.83 0.96 -4.05
N ASN F 381 51.28 2.14 -3.61
CA ASN F 381 52.72 2.40 -3.62
C ASN F 381 53.07 3.43 -2.54
N HIS F 382 54.35 3.83 -2.51
CA HIS F 382 54.84 4.96 -1.75
C HIS F 382 55.13 6.11 -2.70
N GLN F 383 54.36 7.18 -2.57
CA GLN F 383 54.68 8.40 -3.30
C GLN F 383 55.99 8.98 -2.76
N SER F 384 56.63 9.78 -3.58
CA SER F 384 57.87 10.45 -3.19
C SER F 384 58.15 11.51 -4.25
N ALA F 385 59.21 12.27 -4.04
CA ALA F 385 59.60 13.28 -5.02
C ALA F 385 59.74 12.67 -6.40
N GLN F 386 60.05 11.39 -6.48
CA GLN F 386 60.24 10.70 -7.75
C GLN F 386 59.03 9.90 -8.21
N ALA F 387 57.98 9.76 -7.40
CA ALA F 387 56.90 8.82 -7.72
C ALA F 387 55.54 9.37 -7.34
N GLN F 388 54.60 9.30 -8.29
CA GLN F 388 53.24 9.75 -8.04
C GLN F 388 52.47 8.75 -7.19
N ALA F 389 51.41 9.25 -6.58
CA ALA F 389 50.50 8.37 -5.87
C ALA F 389 49.77 7.48 -6.87
N GLN F 390 49.65 6.20 -6.53
CA GLN F 390 48.93 5.25 -7.36
C GLN F 390 47.90 4.51 -6.52
N THR F 391 46.81 4.14 -7.16
CA THR F 391 45.74 3.37 -6.55
C THR F 391 45.37 2.21 -7.47
N GLY F 392 44.58 1.29 -6.93
CA GLY F 392 44.05 0.21 -7.72
C GLY F 392 42.73 -0.25 -7.14
N TRP F 393 41.90 -0.80 -8.00
CA TRP F 393 40.52 -1.07 -7.65
C TRP F 393 40.43 -2.30 -6.77
N VAL F 394 39.54 -2.25 -5.80
CA VAL F 394 39.28 -3.39 -4.94
C VAL F 394 38.12 -4.16 -5.55
N GLN F 395 38.41 -5.34 -6.09
CA GLN F 395 37.35 -6.10 -6.74
C GLN F 395 36.63 -7.03 -5.78
N ASN F 396 37.22 -7.28 -4.62
CA ASN F 396 36.59 -8.11 -3.60
C ASN F 396 37.12 -7.67 -2.25
N GLN F 397 36.28 -7.74 -1.22
CA GLN F 397 36.69 -7.30 0.10
C GLN F 397 36.10 -8.22 1.13
N GLY F 398 36.92 -8.70 2.04
CA GLY F 398 36.42 -9.48 3.15
C GLY F 398 36.08 -8.59 4.31
N ILE F 399 35.50 -9.22 5.33
CA ILE F 399 35.04 -8.49 6.50
C ILE F 399 36.16 -7.66 7.11
N LEU F 400 35.85 -6.41 7.41
CA LEU F 400 36.69 -5.51 8.18
C LEU F 400 35.96 -5.10 9.45
N PRO F 401 36.69 -4.86 10.54
CA PRO F 401 36.03 -4.33 11.74
C PRO F 401 35.33 -3.03 11.43
N GLY F 402 34.07 -2.93 11.84
CA GLY F 402 33.26 -1.78 11.56
C GLY F 402 32.46 -1.83 10.27
N MET F 403 32.29 -3.00 9.68
CA MET F 403 31.35 -3.16 8.59
C MET F 403 29.95 -3.43 9.13
N VAL F 404 28.95 -2.97 8.38
CA VAL F 404 27.56 -3.30 8.63
C VAL F 404 26.92 -3.62 7.29
N TRP F 405 25.96 -4.54 7.31
CA TRP F 405 25.35 -4.98 6.07
C TRP F 405 23.99 -5.57 6.36
N GLN F 406 23.17 -5.64 5.31
CA GLN F 406 21.87 -6.28 5.33
C GLN F 406 21.97 -7.64 4.65
N ASP F 407 21.21 -8.60 5.16
CA ASP F 407 21.15 -9.91 4.55
C ASP F 407 20.28 -9.85 3.30
N ARG F 408 20.18 -10.96 2.60
CA ARG F 408 19.34 -11.01 1.42
C ARG F 408 17.88 -11.14 1.82
N ASP F 409 17.03 -10.43 1.09
CA ASP F 409 15.61 -10.39 1.37
C ASP F 409 14.97 -11.74 1.07
N VAL F 410 13.85 -11.99 1.72
CA VAL F 410 13.10 -13.23 1.53
C VAL F 410 11.90 -12.94 0.65
N TYR F 411 11.49 -13.93 -0.12
CA TYR F 411 10.43 -13.77 -1.10
C TYR F 411 9.31 -14.77 -0.84
N LEU F 412 8.12 -14.46 -1.36
CA LEU F 412 6.98 -15.35 -1.20
C LEU F 412 7.23 -16.70 -1.86
N GLN F 413 8.01 -16.70 -2.93
CA GLN F 413 8.38 -17.92 -3.62
C GLN F 413 9.70 -18.50 -3.14
N GLY F 414 10.34 -17.88 -2.16
CA GLY F 414 11.68 -18.22 -1.80
C GLY F 414 11.78 -19.16 -0.62
N PRO F 415 13.00 -19.57 -0.30
CA PRO F 415 13.21 -20.50 0.81
C PRO F 415 12.94 -19.86 2.15
N ILE F 416 12.77 -20.72 3.16
CA ILE F 416 12.59 -20.23 4.52
C ILE F 416 13.88 -20.43 5.30
N TRP F 417 14.32 -21.67 5.44
CA TRP F 417 15.46 -22.00 6.28
C TRP F 417 16.49 -22.80 5.49
N ALA F 418 17.66 -22.94 6.10
CA ALA F 418 18.70 -23.84 5.61
C ALA F 418 19.35 -24.51 6.80
N LYS F 419 20.11 -25.57 6.55
CA LYS F 419 20.88 -26.20 7.61
C LYS F 419 22.29 -25.61 7.61
N ILE F 420 22.69 -25.04 8.73
CA ILE F 420 24.06 -24.54 8.84
C ILE F 420 25.02 -25.73 8.81
N PRO F 421 25.96 -25.77 7.88
CA PRO F 421 26.88 -26.91 7.81
C PRO F 421 27.59 -27.11 9.12
N HIS F 422 27.95 -28.35 9.40
CA HIS F 422 28.56 -28.69 10.68
C HIS F 422 30.07 -28.54 10.51
N THR F 423 30.61 -27.51 11.12
CA THR F 423 32.00 -27.12 10.89
C THR F 423 32.57 -26.59 12.19
N ASP F 424 33.89 -26.43 12.21
CA ASP F 424 34.55 -25.85 13.38
C ASP F 424 34.29 -24.36 13.47
N GLY F 425 34.05 -23.71 12.35
CA GLY F 425 33.77 -22.29 12.37
C GLY F 425 32.91 -21.85 11.21
N ASN F 426 32.18 -20.76 11.44
CA ASN F 426 31.43 -20.09 10.40
C ASN F 426 31.29 -18.64 10.79
N PHE F 427 31.02 -17.81 9.81
CA PHE F 427 30.80 -16.40 10.08
C PHE F 427 29.47 -15.99 9.50
N HIS F 428 28.62 -15.39 10.34
CA HIS F 428 27.31 -14.90 9.99
C HIS F 428 26.58 -15.98 9.19
N PRO F 429 26.16 -17.05 9.84
CA PRO F 429 25.60 -18.20 9.14
C PRO F 429 24.36 -17.96 8.29
N SER F 430 23.79 -16.76 8.32
CA SER F 430 22.58 -16.48 7.56
C SER F 430 22.73 -16.95 6.11
N PRO F 431 21.86 -17.83 5.64
CA PRO F 431 22.10 -18.47 4.34
C PRO F 431 21.97 -17.49 3.19
N LEU F 432 22.76 -17.74 2.15
CA LEU F 432 22.98 -16.74 1.11
C LEU F 432 21.83 -16.64 0.14
N MET F 433 20.94 -17.62 0.07
CA MET F 433 19.72 -17.44 -0.69
C MET F 433 18.62 -16.76 0.11
N GLY F 434 18.89 -16.41 1.36
CA GLY F 434 17.92 -15.75 2.20
C GLY F 434 17.22 -16.71 3.14
N GLY F 435 16.78 -16.17 4.26
CA GLY F 435 16.14 -16.99 5.27
C GLY F 435 16.98 -17.22 6.50
N PHE F 436 16.52 -18.18 7.29
CA PHE F 436 16.96 -18.39 8.66
C PHE F 436 17.90 -19.58 8.73
N GLY F 437 19.17 -19.34 9.00
CA GLY F 437 20.10 -20.43 9.19
C GLY F 437 19.93 -21.04 10.57
N MET F 438 19.99 -22.36 10.62
CA MET F 438 19.80 -23.09 11.86
C MET F 438 20.73 -24.30 11.90
N LYS F 439 21.47 -24.47 12.99
CA LYS F 439 22.23 -25.69 13.14
C LYS F 439 21.33 -26.90 13.38
N HIS F 440 20.12 -26.70 13.88
CA HIS F 440 19.14 -27.77 14.04
C HIS F 440 17.85 -27.34 13.34
N PRO F 441 17.82 -27.42 12.02
CA PRO F 441 16.66 -26.94 11.28
C PRO F 441 15.51 -27.93 11.41
N PRO F 442 14.34 -27.62 10.85
CA PRO F 442 13.24 -28.58 10.87
C PRO F 442 13.67 -29.91 10.28
N PRO F 443 13.44 -31.01 11.00
CA PRO F 443 13.92 -32.30 10.52
C PRO F 443 13.23 -32.73 9.25
N GLN F 444 13.98 -33.46 8.43
CA GLN F 444 13.45 -34.07 7.24
C GLN F 444 12.42 -35.13 7.59
N ILE F 445 11.41 -35.28 6.73
CA ILE F 445 10.32 -36.22 6.94
C ILE F 445 10.35 -37.19 5.78
N LEU F 446 10.68 -38.43 6.06
CA LEU F 446 10.87 -39.45 5.04
C LEU F 446 9.67 -40.38 5.01
N ILE F 447 9.22 -40.70 3.81
CA ILE F 447 8.02 -41.51 3.65
C ILE F 447 8.21 -42.40 2.44
N LYS F 448 7.70 -43.63 2.54
CA LYS F 448 7.70 -44.56 1.42
C LYS F 448 6.56 -45.55 1.62
N ASN F 449 6.20 -46.22 0.53
CA ASN F 449 5.25 -47.32 0.59
C ASN F 449 5.97 -48.58 1.04
N THR F 450 5.29 -49.42 1.81
CA THR F 450 5.87 -50.71 2.20
C THR F 450 5.77 -51.67 1.02
N PRO F 451 6.85 -52.37 0.68
CA PRO F 451 6.78 -53.32 -0.43
C PRO F 451 5.82 -54.48 -0.14
N VAL F 452 5.11 -54.91 -1.17
CA VAL F 452 4.11 -55.95 -1.05
C VAL F 452 4.36 -57.09 -2.04
N PHE F 468 6.67 -57.73 -7.07
CA PHE F 468 5.91 -56.77 -6.26
C PHE F 468 4.65 -56.35 -6.98
N ILE F 469 3.66 -55.95 -6.19
CA ILE F 469 2.37 -55.53 -6.74
C ILE F 469 2.40 -54.02 -6.98
N THR F 470 1.92 -53.59 -8.14
CA THR F 470 1.98 -52.18 -8.49
C THR F 470 1.04 -51.38 -7.62
N GLN F 471 1.58 -50.41 -6.89
CA GLN F 471 0.88 -49.87 -5.75
C GLN F 471 1.31 -48.42 -5.53
N TYR F 472 0.35 -47.59 -5.14
CA TYR F 472 0.68 -46.21 -4.78
C TYR F 472 -0.23 -45.79 -3.64
N SER F 473 0.15 -44.73 -2.96
CA SER F 473 -0.64 -44.22 -1.86
C SER F 473 -0.91 -42.74 -2.05
N THR F 474 -1.92 -42.27 -1.32
CA THR F 474 -2.30 -40.87 -1.31
C THR F 474 -2.90 -40.57 0.05
N GLY F 475 -3.02 -39.28 0.34
CA GLY F 475 -3.53 -38.88 1.64
C GLY F 475 -3.46 -37.38 1.79
N GLN F 476 -3.47 -36.93 3.03
CA GLN F 476 -3.46 -35.51 3.34
C GLN F 476 -2.22 -35.19 4.16
N VAL F 477 -1.75 -33.95 4.04
CA VAL F 477 -0.68 -33.43 4.87
C VAL F 477 -1.03 -32.03 5.33
N SER F 478 -0.99 -31.80 6.63
CA SER F 478 -1.21 -30.48 7.21
C SER F 478 0.04 -30.06 7.96
N VAL F 479 0.43 -28.80 7.80
CA VAL F 479 1.60 -28.26 8.48
C VAL F 479 1.23 -26.92 9.08
N GLU F 480 1.69 -26.67 10.30
CA GLU F 480 1.31 -25.49 11.07
C GLU F 480 2.55 -24.86 11.67
N ILE F 481 2.82 -23.61 11.28
CA ILE F 481 3.97 -22.87 11.77
C ILE F 481 3.47 -21.67 12.54
N GLU F 482 4.05 -21.42 13.71
CA GLU F 482 3.80 -20.20 14.45
C GLU F 482 4.90 -19.20 14.15
N TRP F 483 4.53 -17.95 13.94
CA TRP F 483 5.46 -16.92 13.52
C TRP F 483 5.44 -15.76 14.49
N GLU F 484 6.60 -15.40 15.01
CA GLU F 484 6.73 -14.23 15.87
C GLU F 484 6.88 -12.99 14.99
N LEU F 485 6.35 -11.87 15.45
CA LEU F 485 6.35 -10.63 14.70
C LEU F 485 7.11 -9.55 15.46
N GLN F 486 7.52 -8.53 14.75
CA GLN F 486 8.15 -7.35 15.34
C GLN F 486 7.49 -6.10 14.76
N LYS F 487 6.81 -5.34 15.61
CA LYS F 487 5.96 -4.26 15.13
C LYS F 487 6.78 -3.02 14.77
N GLU F 488 6.33 -2.35 13.73
CA GLU F 488 6.91 -1.08 13.32
C GLU F 488 6.43 0.05 14.22
N ASN F 489 7.37 0.67 14.93
CA ASN F 489 7.10 1.72 15.91
C ASN F 489 7.30 3.14 15.35
N SER F 490 7.50 3.27 14.04
CA SER F 490 8.11 4.44 13.44
C SER F 490 7.39 5.75 13.75
N LYS F 491 8.18 6.81 13.84
CA LYS F 491 7.72 8.19 13.95
C LYS F 491 7.73 8.94 12.64
N ARG F 492 8.05 8.28 11.53
CA ARG F 492 8.00 8.90 10.22
C ARG F 492 6.68 9.62 9.99
N TRP F 493 6.76 10.86 9.50
CA TRP F 493 5.54 11.65 9.31
C TRP F 493 4.81 11.26 8.04
N ASN F 494 5.52 11.18 6.92
CA ASN F 494 4.85 10.96 5.64
C ASN F 494 4.57 9.48 5.43
N PRO F 495 3.60 9.16 4.58
CA PRO F 495 3.18 7.76 4.44
C PRO F 495 4.26 6.88 3.84
N GLU F 496 4.19 5.59 4.15
CA GLU F 496 5.18 4.61 3.75
C GLU F 496 5.03 4.23 2.29
N ILE F 497 5.79 3.24 1.89
CA ILE F 497 5.52 2.49 0.68
C ILE F 497 4.95 1.14 1.07
N GLN F 498 3.81 0.79 0.50
CA GLN F 498 3.17 -0.46 0.84
C GLN F 498 3.09 -1.33 -0.38
N TYR F 499 3.13 -2.65 -0.20
CA TYR F 499 2.99 -3.50 -1.35
C TYR F 499 1.52 -3.44 -1.66
N THR F 500 1.17 -3.17 -2.90
CA THR F 500 -0.23 -3.06 -3.24
C THR F 500 -0.58 -3.52 -4.63
N SER F 501 -1.85 -3.87 -4.81
CA SER F 501 -2.35 -4.25 -6.10
C SER F 501 -3.01 -2.97 -6.56
N ASN F 502 -2.47 -2.36 -7.61
CA ASN F 502 -3.02 -1.11 -8.14
C ASN F 502 -4.30 -1.36 -8.91
N TYR F 503 -5.16 -0.36 -9.07
CA TYR F 503 -6.37 -0.59 -9.83
C TYR F 503 -5.98 -0.90 -11.26
N TYR F 504 -6.57 -1.94 -11.84
CA TYR F 504 -6.27 -2.34 -13.21
C TYR F 504 -7.41 -3.15 -13.75
N LYS F 505 -7.47 -3.30 -15.07
CA LYS F 505 -8.51 -4.14 -15.63
C LYS F 505 -7.88 -5.02 -16.72
N SER F 506 -7.75 -6.30 -16.40
CA SER F 506 -7.16 -7.30 -17.28
C SER F 506 -8.13 -8.46 -17.39
N ASN F 507 -7.75 -9.44 -18.19
CA ASN F 507 -8.62 -10.61 -18.36
C ASN F 507 -8.71 -11.42 -17.08
N ASN F 508 -7.63 -11.48 -16.33
CA ASN F 508 -7.53 -12.35 -15.18
C ASN F 508 -7.28 -11.51 -13.94
N VAL F 509 -7.51 -12.10 -12.81
CA VAL F 509 -7.13 -11.52 -11.53
C VAL F 509 -5.74 -12.00 -11.16
N GLU F 510 -4.89 -11.07 -10.70
CA GLU F 510 -3.57 -11.43 -10.24
C GLU F 510 -3.65 -12.30 -9.00
N PHE F 511 -2.81 -13.33 -8.96
CA PHE F 511 -2.85 -14.34 -7.90
C PHE F 511 -4.20 -15.03 -7.85
N ALA F 512 -4.64 -15.53 -9.00
CA ALA F 512 -5.91 -16.20 -9.13
C ALA F 512 -5.80 -17.21 -10.25
N VAL F 513 -6.79 -18.09 -10.35
CA VAL F 513 -6.83 -19.04 -11.45
C VAL F 513 -7.37 -18.36 -12.71
N ASN F 514 -6.99 -18.88 -13.86
CA ASN F 514 -7.52 -18.45 -15.13
C ASN F 514 -8.70 -19.35 -15.53
N THR F 515 -9.13 -19.27 -16.79
CA THR F 515 -10.30 -20.03 -17.21
C THR F 515 -9.97 -21.50 -17.34
N GLU F 516 -8.69 -21.86 -17.35
CA GLU F 516 -8.30 -23.27 -17.37
C GLU F 516 -8.19 -23.86 -15.98
N GLY F 517 -8.18 -23.03 -14.94
CA GLY F 517 -7.95 -23.50 -13.61
C GLY F 517 -6.49 -23.52 -13.20
N VAL F 518 -5.66 -22.72 -13.86
CA VAL F 518 -4.23 -22.69 -13.57
C VAL F 518 -3.91 -21.50 -12.70
N TYR F 519 -3.46 -21.77 -11.48
CA TYR F 519 -3.06 -20.72 -10.55
C TYR F 519 -1.70 -20.19 -10.97
N SER F 520 -1.48 -18.90 -10.79
CA SER F 520 -0.21 -18.30 -11.13
C SER F 520 0.10 -17.13 -10.20
N GLU F 521 1.36 -17.01 -9.86
CA GLU F 521 1.92 -15.87 -9.16
C GLU F 521 2.57 -14.96 -10.18
N PRO F 522 2.05 -13.76 -10.43
CA PRO F 522 2.59 -12.95 -11.53
C PRO F 522 3.96 -12.37 -11.30
N ARG F 523 4.36 -12.12 -10.04
CA ARG F 523 5.65 -11.47 -9.77
C ARG F 523 6.19 -12.00 -8.47
N PRO F 524 7.50 -11.90 -8.25
CA PRO F 524 8.04 -12.16 -6.91
C PRO F 524 7.77 -10.98 -5.99
N ILE F 525 7.44 -11.29 -4.75
CA ILE F 525 7.10 -10.26 -3.77
C ILE F 525 8.17 -10.26 -2.68
N GLY F 526 8.82 -9.13 -2.51
CA GLY F 526 9.80 -8.99 -1.47
C GLY F 526 9.18 -8.72 -0.13
N THR F 527 10.02 -8.62 0.88
CA THR F 527 9.53 -8.35 2.22
C THR F 527 9.76 -6.92 2.69
N ARG F 528 10.45 -6.07 1.93
CA ARG F 528 10.95 -4.81 2.45
C ARG F 528 10.21 -3.63 1.84
N TYR F 529 9.33 -3.02 2.64
CA TYR F 529 8.49 -1.90 2.23
C TYR F 529 8.56 -0.80 3.27
N LEU F 530 8.22 -1.12 4.52
CA LEU F 530 8.39 -0.19 5.61
C LEU F 530 9.85 0.22 5.76
N THR F 531 10.08 1.34 6.44
CA THR F 531 11.42 1.85 6.58
C THR F 531 11.82 2.02 8.03
N ARG F 532 13.12 2.16 8.24
CA ARG F 532 13.71 2.50 9.53
C ARG F 532 14.81 3.52 9.32
N ASN F 533 15.24 4.11 10.42
CA ASN F 533 16.48 4.87 10.43
C ASN F 533 17.67 3.96 10.51
N LEU F 534 18.81 4.45 10.04
CA LEU F 534 20.02 3.65 9.99
C LEU F 534 20.87 3.86 11.24
N GLN G 1 6.56 -4.60 -17.57
CA GLN G 1 7.09 -5.02 -18.87
C GLN G 1 6.11 -4.85 -20.00
N VAL G 2 5.57 -3.64 -20.16
CA VAL G 2 4.69 -3.31 -21.28
C VAL G 2 5.56 -3.27 -22.54
N GLN G 3 5.10 -3.91 -23.60
CA GLN G 3 5.79 -3.83 -24.88
C GLN G 3 4.79 -3.57 -25.99
N LEU G 4 4.96 -2.45 -26.68
CA LEU G 4 4.07 -2.02 -27.74
C LEU G 4 4.63 -2.48 -29.07
N GLN G 5 3.74 -2.92 -29.96
CA GLN G 5 4.12 -3.30 -31.31
C GLN G 5 3.03 -2.83 -32.26
N GLU G 6 3.39 -2.09 -33.29
CA GLU G 6 2.43 -1.66 -34.28
C GLU G 6 2.81 -2.19 -35.65
N SER G 7 1.80 -2.31 -36.50
CA SER G 7 1.93 -2.91 -37.82
C SER G 7 1.04 -2.14 -38.77
N GLY G 8 1.43 -2.11 -40.05
CA GLY G 8 0.68 -1.39 -41.05
C GLY G 8 1.37 -1.40 -42.40
N PRO G 9 0.91 -0.55 -43.30
CA PRO G 9 1.52 -0.48 -44.63
C PRO G 9 2.78 0.35 -44.64
N GLY G 10 3.70 -0.01 -45.54
CA GLY G 10 4.83 0.86 -45.79
C GLY G 10 4.47 2.02 -46.70
N LEU G 11 3.79 1.73 -47.81
CA LEU G 11 3.45 2.72 -48.83
C LEU G 11 1.94 2.82 -48.96
N VAL G 12 1.46 4.04 -49.17
CA VAL G 12 0.03 4.32 -49.26
C VAL G 12 -0.17 5.40 -50.31
N LYS G 13 -1.12 5.19 -51.21
CA LYS G 13 -1.42 6.18 -52.22
C LYS G 13 -2.17 7.35 -51.61
N PRO G 14 -2.17 8.51 -52.26
CA PRO G 14 -2.90 9.65 -51.72
C PRO G 14 -4.41 9.42 -51.74
N SER G 15 -5.11 10.28 -51.00
CA SER G 15 -6.57 10.25 -50.86
C SER G 15 -7.12 8.92 -50.37
N VAL G 16 -6.27 8.11 -49.76
CA VAL G 16 -6.70 6.82 -49.22
C VAL G 16 -6.53 6.80 -47.70
N THR G 17 -7.56 6.37 -46.99
CA THR G 17 -7.51 6.32 -45.54
C THR G 17 -6.43 5.36 -45.04
N LEU G 18 -5.72 5.75 -43.99
CA LEU G 18 -4.64 4.93 -43.44
C LEU G 18 -5.04 4.28 -42.12
N SER G 19 -4.87 2.97 -42.05
CA SER G 19 -5.23 2.20 -40.87
C SER G 19 -4.01 1.57 -40.20
N LEU G 20 -3.88 1.77 -38.89
CA LEU G 20 -2.76 1.23 -38.13
C LEU G 20 -3.21 0.69 -36.79
N THR G 21 -2.69 -0.47 -36.42
CA THR G 21 -3.03 -1.07 -35.14
C THR G 21 -1.77 -1.15 -34.28
N CYS G 22 -1.94 -1.25 -32.96
CA CYS G 22 -0.82 -1.37 -32.03
C CYS G 22 -1.23 -2.43 -31.02
N THR G 23 -0.38 -3.41 -30.78
CA THR G 23 -0.70 -4.47 -29.83
C THR G 23 0.13 -4.40 -28.57
N VAL G 24 -0.54 -4.25 -27.43
CA VAL G 24 0.13 -4.20 -26.14
C VAL G 24 0.39 -5.62 -25.66
N SER G 25 1.64 -5.95 -25.42
CA SER G 25 2.02 -7.28 -24.96
C SER G 25 2.78 -7.24 -23.65
N GLY G 26 2.48 -8.19 -22.76
CA GLY G 26 3.12 -8.29 -21.46
C GLY G 26 2.39 -7.55 -20.36
N ASP G 27 1.39 -6.79 -20.76
CA ASP G 27 0.51 -6.01 -19.92
C ASP G 27 -0.76 -5.75 -20.72
N SER G 28 -1.84 -5.37 -20.07
CA SER G 28 -3.06 -5.12 -20.82
C SER G 28 -3.32 -3.64 -21.04
N ILE G 29 -4.23 -3.35 -21.94
CA ILE G 29 -4.66 -1.98 -22.20
C ILE G 29 -5.07 -1.34 -20.88
N SER G 30 -5.64 -2.16 -19.99
CA SER G 30 -6.04 -1.71 -18.66
C SER G 30 -6.76 -0.37 -18.59
N THR G 31 -6.35 0.45 -17.63
CA THR G 31 -6.97 1.74 -17.38
C THR G 31 -6.17 2.92 -17.93
N TYR G 32 -5.14 2.66 -18.72
CA TYR G 32 -4.31 3.73 -19.27
C TYR G 32 -4.91 4.34 -20.52
N TYR G 33 -4.50 5.57 -20.82
CA TYR G 33 -4.67 6.18 -22.13
C TYR G 33 -3.62 5.66 -23.10
N TRP G 34 -3.93 5.72 -24.38
CA TRP G 34 -3.06 5.18 -25.44
C TRP G 34 -3.04 6.16 -26.59
N SER G 35 -1.85 6.64 -26.94
CA SER G 35 -1.69 7.78 -27.83
C SER G 35 -0.99 7.36 -29.12
N TRP G 36 -1.17 8.18 -30.15
CA TRP G 36 -0.44 8.04 -31.40
C TRP G 36 0.37 9.30 -31.63
N VAL G 37 1.66 9.14 -31.89
CA VAL G 37 2.56 10.26 -32.16
C VAL G 37 3.28 9.96 -33.45
N ARG G 38 3.28 10.93 -34.38
CA ARG G 38 3.97 10.77 -35.65
C ARG G 38 5.10 11.76 -35.75
N GLN G 39 6.23 11.30 -36.30
CA GLN G 39 7.38 12.15 -36.55
C GLN G 39 7.71 12.13 -38.03
N PRO G 40 7.51 13.22 -38.77
CA PRO G 40 8.02 13.29 -40.13
C PRO G 40 9.54 13.24 -40.10
N PRO G 41 10.17 12.66 -41.13
CA PRO G 41 11.63 12.56 -41.12
C PRO G 41 12.32 13.90 -40.95
N GLY G 42 13.23 13.99 -39.99
CA GLY G 42 13.89 15.25 -39.69
C GLY G 42 12.98 16.36 -39.24
N LYS G 43 11.93 16.03 -38.49
CA LYS G 43 10.98 17.01 -37.99
C LYS G 43 10.63 16.68 -36.55
N GLY G 44 9.93 17.59 -35.90
CA GLY G 44 9.58 17.40 -34.52
C GLY G 44 8.46 16.41 -34.32
N LEU G 45 8.29 16.00 -33.07
CA LEU G 45 7.21 15.10 -32.71
C LEU G 45 5.87 15.82 -32.72
N GLU G 46 4.82 15.09 -33.08
CA GLU G 46 3.48 15.64 -33.11
C GLU G 46 2.51 14.63 -32.51
N TRP G 47 1.69 15.10 -31.58
CA TRP G 47 0.72 14.24 -30.90
C TRP G 47 -0.57 14.21 -31.70
N ILE G 48 -0.92 13.03 -32.21
CA ILE G 48 -2.13 12.90 -33.00
C ILE G 48 -3.36 12.90 -32.11
N GLY G 49 -3.33 12.09 -31.06
CA GLY G 49 -4.45 11.99 -30.15
C GLY G 49 -4.31 10.72 -29.33
N TYR G 50 -5.19 10.58 -28.35
CA TYR G 50 -5.24 9.34 -27.61
C TYR G 50 -6.66 8.83 -27.44
N ILE G 51 -6.74 7.58 -27.03
CA ILE G 51 -7.98 6.89 -26.77
C ILE G 51 -7.86 6.26 -25.40
N TYR G 52 -9.01 6.03 -24.78
CA TYR G 52 -9.09 5.44 -23.47
C TYR G 52 -9.85 4.14 -23.61
N TYR G 53 -9.68 3.23 -22.66
CA TYR G 53 -10.29 1.92 -22.75
C TYR G 53 -11.82 1.88 -22.90
N SER G 54 -12.48 2.96 -22.50
CA SER G 54 -13.93 3.01 -22.61
C SER G 54 -14.39 3.66 -23.90
N GLY G 55 -13.43 4.00 -24.76
CA GLY G 55 -13.70 4.61 -26.05
C GLY G 55 -13.69 6.11 -26.05
N ASN G 56 -13.55 6.72 -24.88
CA ASN G 56 -13.47 8.17 -24.79
C ASN G 56 -12.20 8.55 -25.51
N THR G 57 -12.26 9.55 -26.38
CA THR G 57 -11.08 9.95 -27.15
C THR G 57 -10.84 11.44 -27.19
N ASN G 58 -9.60 11.82 -27.38
CA ASN G 58 -9.24 13.22 -27.52
C ASN G 58 -8.27 13.30 -28.67
N TYR G 59 -8.38 14.32 -29.51
CA TYR G 59 -7.47 14.43 -30.64
C TYR G 59 -6.85 15.79 -30.80
N ASN G 60 -5.78 15.83 -31.59
CA ASN G 60 -5.07 17.04 -31.92
C ASN G 60 -6.09 17.84 -32.73
N PRO G 61 -6.26 19.12 -32.40
CA PRO G 61 -7.25 19.96 -33.09
C PRO G 61 -6.96 20.08 -34.59
N SER G 62 -5.70 20.21 -34.97
CA SER G 62 -5.36 20.34 -36.38
C SER G 62 -5.74 19.10 -37.18
N LEU G 63 -5.52 17.92 -36.60
CA LEU G 63 -5.85 16.67 -37.28
C LEU G 63 -7.22 16.12 -36.91
N LYS G 64 -7.94 16.81 -36.04
CA LYS G 64 -9.22 16.30 -35.54
C LYS G 64 -10.30 16.00 -36.56
N SER G 65 -10.42 16.81 -37.60
CA SER G 65 -11.46 16.56 -38.58
C SER G 65 -11.38 15.20 -39.26
N ARG G 66 -10.17 14.74 -39.54
CA ARG G 66 -9.97 13.47 -40.25
C ARG G 66 -9.38 12.29 -39.49
N VAL G 67 -9.37 12.32 -38.16
CA VAL G 67 -8.79 11.22 -37.40
C VAL G 67 -9.76 10.43 -36.51
N THR G 68 -9.76 9.11 -36.66
CA THR G 68 -10.60 8.25 -35.84
C THR G 68 -9.77 7.16 -35.17
N MET G 69 -9.95 6.98 -33.87
CA MET G 69 -9.22 5.95 -33.15
C MET G 69 -10.20 4.96 -32.54
N SER G 70 -9.75 3.72 -32.38
CA SER G 70 -10.57 2.67 -31.81
C SER G 70 -9.73 1.75 -30.94
N VAL G 71 -10.31 1.32 -29.84
CA VAL G 71 -9.63 0.40 -28.92
C VAL G 71 -10.41 -0.90 -28.94
N ASP G 72 -9.69 -2.01 -28.86
CA ASP G 72 -10.31 -3.33 -28.75
C ASP G 72 -9.69 -4.05 -27.57
N THR G 73 -10.45 -4.22 -26.51
CA THR G 73 -9.88 -4.71 -25.27
C THR G 73 -9.74 -6.23 -25.29
N SER G 74 -10.58 -6.91 -26.06
CA SER G 74 -10.52 -8.37 -26.15
C SER G 74 -9.21 -8.81 -26.80
N LYS G 75 -8.85 -8.18 -27.91
CA LYS G 75 -7.62 -8.52 -28.62
C LYS G 75 -6.42 -7.79 -28.05
N ASN G 76 -6.66 -6.98 -27.03
CA ASN G 76 -5.65 -6.19 -26.32
C ASN G 76 -4.84 -5.25 -27.22
N GLN G 77 -5.51 -4.62 -28.18
CA GLN G 77 -4.83 -3.70 -29.09
C GLN G 77 -5.71 -2.50 -29.45
N PHE G 78 -5.08 -1.41 -29.89
CA PHE G 78 -5.80 -0.21 -30.30
C PHE G 78 -5.35 0.21 -31.69
N SER G 79 -6.18 0.96 -32.41
CA SER G 79 -5.81 1.34 -33.77
C SER G 79 -6.04 2.81 -34.12
N LEU G 80 -5.56 3.19 -35.30
CA LEU G 80 -5.68 4.56 -35.79
C LEU G 80 -6.17 4.61 -37.24
N LYS G 81 -7.06 5.55 -37.55
CA LYS G 81 -7.54 5.73 -38.91
C LYS G 81 -7.31 7.17 -39.36
N LEU G 82 -6.69 7.33 -40.52
CA LEU G 82 -6.45 8.66 -41.05
C LEU G 82 -7.10 8.80 -42.43
N ASN G 83 -7.82 9.89 -42.63
CA ASN G 83 -8.51 10.12 -43.89
C ASN G 83 -7.75 11.06 -44.81
N SER G 84 -7.86 10.83 -46.11
CA SER G 84 -7.24 11.67 -47.13
C SER G 84 -5.74 11.89 -46.94
N VAL G 85 -4.98 10.82 -46.73
CA VAL G 85 -3.55 10.95 -46.55
C VAL G 85 -2.91 11.55 -47.81
N THR G 86 -1.97 12.46 -47.58
CA THR G 86 -1.25 13.16 -48.63
C THR G 86 0.26 13.10 -48.39
N ALA G 87 0.97 14.06 -48.98
CA ALA G 87 2.43 14.14 -48.84
C ALA G 87 2.85 14.40 -47.40
N ALA G 88 2.09 15.25 -46.72
CA ALA G 88 2.36 15.63 -45.35
C ALA G 88 2.34 14.46 -44.36
N ASP G 89 1.46 13.50 -44.61
CA ASP G 89 1.27 12.34 -43.75
C ASP G 89 2.47 11.39 -43.56
N THR G 90 3.39 11.34 -44.52
CA THR G 90 4.58 10.49 -44.39
C THR G 90 5.27 10.78 -43.05
N ALA G 91 5.38 9.76 -42.20
CA ALA G 91 5.94 9.91 -40.86
C ALA G 91 6.26 8.53 -40.31
N VAL G 92 7.04 8.53 -39.25
CA VAL G 92 7.14 7.36 -38.40
C VAL G 92 6.06 7.48 -37.34
N TYR G 93 5.21 6.47 -37.24
CA TYR G 93 4.08 6.49 -36.32
C TYR G 93 4.40 5.62 -35.11
N TYR G 94 4.37 6.22 -33.93
CA TYR G 94 4.62 5.55 -32.67
C TYR G 94 3.31 5.39 -31.93
N CYS G 95 3.16 4.29 -31.20
CA CYS G 95 1.98 4.13 -30.36
C CYS G 95 2.54 4.11 -28.95
N ALA G 96 2.26 5.15 -28.18
CA ALA G 96 2.79 5.28 -26.83
C ALA G 96 1.76 5.30 -25.71
N ARG G 97 2.00 4.54 -24.67
CA ARG G 97 1.11 4.52 -23.52
C ARG G 97 1.20 5.87 -22.83
N THR G 98 0.06 6.39 -22.39
CA THR G 98 0.05 7.68 -21.71
C THR G 98 -0.34 7.41 -20.28
N HIS G 99 0.50 7.84 -19.35
CA HIS G 99 0.23 7.57 -17.95
C HIS G 99 -1.06 8.16 -17.41
N HIS G 100 -1.85 7.33 -16.75
CA HIS G 100 -3.07 7.79 -16.11
C HIS G 100 -3.33 6.98 -14.85
N ASP G 101 -3.56 7.67 -13.73
CA ASP G 101 -3.96 7.04 -12.48
C ASP G 101 -5.48 7.02 -12.42
N TYR G 102 -6.05 5.82 -12.43
CA TYR G 102 -7.49 5.69 -12.43
C TYR G 102 -8.07 6.30 -11.17
N GLY G 103 -9.08 7.14 -11.34
CA GLY G 103 -9.87 7.56 -10.21
C GLY G 103 -9.63 8.96 -9.72
N ASP G 104 -8.57 9.62 -10.14
CA ASP G 104 -8.36 11.00 -9.74
C ASP G 104 -8.50 11.87 -10.97
N TYR G 105 -8.86 13.13 -10.78
CA TYR G 105 -9.07 13.96 -11.95
C TYR G 105 -7.81 14.77 -12.17
N ARG G 106 -6.90 14.13 -12.89
CA ARG G 106 -5.60 14.60 -13.26
C ARG G 106 -5.43 14.40 -14.75
N PRO G 107 -5.19 15.44 -15.54
CA PRO G 107 -5.00 15.22 -16.98
C PRO G 107 -3.83 14.30 -17.26
N SER G 108 -3.94 13.52 -18.32
CA SER G 108 -2.90 12.56 -18.69
C SER G 108 -2.16 13.09 -19.92
N TYR G 109 -0.98 13.67 -19.69
CA TYR G 109 -0.24 14.34 -20.74
C TYR G 109 1.06 13.71 -21.22
N TYR G 110 1.58 12.66 -20.61
CA TYR G 110 2.94 12.25 -20.91
C TYR G 110 3.05 10.75 -21.12
N PHE G 111 4.07 10.36 -21.87
CA PHE G 111 4.14 9.04 -22.48
C PHE G 111 5.27 8.27 -21.83
N ASP G 112 4.93 7.26 -21.03
CA ASP G 112 5.99 6.56 -20.30
C ASP G 112 6.41 5.26 -20.99
N TYR G 113 5.75 4.88 -22.07
CA TYR G 113 6.19 3.76 -22.88
C TYR G 113 5.94 4.06 -24.35
N TRP G 114 6.73 3.44 -25.22
CA TRP G 114 6.71 3.78 -26.62
C TRP G 114 6.81 2.53 -27.48
N GLY G 115 6.23 2.60 -28.67
CA GLY G 115 6.36 1.49 -29.59
C GLY G 115 7.64 1.71 -30.38
N GLN G 116 8.06 0.71 -31.13
CA GLN G 116 9.26 0.82 -31.95
C GLN G 116 9.10 1.89 -33.03
N GLY G 117 7.90 1.95 -33.59
CA GLY G 117 7.54 2.91 -34.62
C GLY G 117 7.41 2.23 -35.95
N THR G 118 6.58 2.79 -36.81
CA THR G 118 6.34 2.24 -38.12
C THR G 118 6.47 3.37 -39.13
N LEU G 119 7.11 3.10 -40.26
CA LEU G 119 7.27 4.14 -41.27
C LEU G 119 6.19 3.99 -42.31
N VAL G 120 5.47 5.06 -42.55
CA VAL G 120 4.41 5.04 -43.54
C VAL G 120 4.73 6.04 -44.61
N THR G 121 4.69 5.60 -45.86
CA THR G 121 5.01 6.50 -46.97
C THR G 121 3.78 6.78 -47.81
N VAL G 122 3.50 8.06 -48.01
CA VAL G 122 2.37 8.44 -48.83
C VAL G 122 2.96 8.88 -50.16
N SER G 123 2.66 8.11 -51.20
CA SER G 123 3.17 8.39 -52.53
C SER G 123 2.40 7.65 -53.62
N SER G 124 2.45 8.18 -54.83
CA SER G 124 1.77 7.59 -55.96
C SER G 124 2.74 6.79 -56.81
N GLN H 1 -3.21 23.32 -29.70
CA GLN H 1 -2.91 24.74 -29.90
C GLN H 1 -1.54 24.96 -30.51
N SER H 2 -1.05 26.19 -30.40
CA SER H 2 0.25 26.53 -30.98
C SER H 2 1.37 25.79 -30.27
N ALA H 3 2.46 25.56 -31.00
CA ALA H 3 3.54 24.72 -30.53
C ALA H 3 4.41 25.43 -29.50
N LEU H 4 5.09 24.64 -28.68
CA LEU H 4 6.09 25.16 -27.78
C LEU H 4 7.35 25.51 -28.56
N THR H 5 8.06 26.55 -28.13
CA THR H 5 9.18 27.09 -28.88
C THR H 5 10.48 26.75 -28.18
N GLN H 6 11.43 26.22 -28.94
CA GLN H 6 12.73 25.82 -28.43
C GLN H 6 13.84 26.33 -29.33
N PRO H 7 15.05 26.46 -28.77
CA PRO H 7 16.21 26.85 -29.57
C PRO H 7 16.56 25.67 -30.48
N ALA H 8 16.99 25.91 -31.71
CA ALA H 8 17.28 24.82 -32.64
C ALA H 8 18.40 23.87 -32.23
N SER H 9 19.50 24.40 -31.71
CA SER H 9 20.62 23.57 -31.27
C SER H 9 21.37 24.15 -30.08
N VAL H 10 21.96 23.27 -29.29
CA VAL H 10 22.78 23.68 -28.16
C VAL H 10 23.97 22.73 -28.11
N SER H 11 25.12 23.22 -27.69
CA SER H 11 26.31 22.37 -27.59
C SER H 11 27.10 22.69 -26.34
N GLY H 12 27.71 21.66 -25.75
CA GLY H 12 28.53 21.85 -24.57
C GLY H 12 29.69 20.87 -24.53
N SER H 13 30.80 21.28 -23.93
CA SER H 13 31.95 20.40 -23.82
C SER H 13 31.71 19.38 -22.71
N PRO H 14 32.21 18.16 -22.90
CA PRO H 14 32.04 17.08 -21.94
C PRO H 14 32.39 17.47 -20.50
N GLY H 15 31.49 17.14 -19.57
CA GLY H 15 31.68 17.44 -18.16
C GLY H 15 31.13 18.78 -17.68
N GLN H 16 30.49 19.53 -18.56
CA GLN H 16 29.94 20.84 -18.16
C GLN H 16 28.42 20.94 -18.30
N SER H 17 27.77 21.50 -17.28
CA SER H 17 26.32 21.63 -17.30
C SER H 17 25.82 22.54 -18.42
N ILE H 18 24.71 22.13 -19.03
CA ILE H 18 24.09 22.88 -20.12
C ILE H 18 22.57 22.93 -19.89
N THR H 19 21.94 24.00 -20.35
CA THR H 19 20.49 24.15 -20.15
C THR H 19 19.74 24.37 -21.46
N ILE H 20 18.63 23.67 -21.62
CA ILE H 20 17.78 23.83 -22.79
C ILE H 20 16.47 24.43 -22.28
N SER H 21 15.94 25.42 -23.00
CA SER H 21 14.72 26.08 -22.57
C SER H 21 13.62 25.83 -23.58
N CYS H 22 12.36 25.91 -23.14
CA CYS H 22 11.22 25.92 -24.04
C CYS H 22 10.21 26.93 -23.55
N THR H 23 9.77 27.79 -24.45
CA THR H 23 8.85 28.86 -24.12
C THR H 23 7.44 28.47 -24.57
N GLY H 24 6.45 28.88 -23.79
CA GLY H 24 5.08 28.59 -24.10
C GLY H 24 4.20 29.74 -23.68
N THR H 25 2.93 29.65 -24.03
CA THR H 25 2.02 30.73 -23.70
C THR H 25 1.53 30.59 -22.27
N SER H 26 0.72 31.56 -21.86
CA SER H 26 0.18 31.52 -20.49
C SER H 26 -0.85 30.41 -20.36
N SER H 27 -1.16 29.73 -21.44
CA SER H 27 -2.14 28.66 -21.41
C SER H 27 -1.55 27.26 -21.23
N ASP H 28 -0.28 27.09 -21.60
CA ASP H 28 0.35 25.78 -21.48
C ASP H 28 1.36 25.72 -20.34
N VAL H 29 2.59 26.12 -20.63
CA VAL H 29 3.65 26.08 -19.64
C VAL H 29 3.36 27.02 -18.46
N GLY H 30 2.84 28.20 -18.77
CA GLY H 30 2.53 29.19 -17.77
C GLY H 30 1.45 28.85 -16.75
N ALA H 31 0.39 28.20 -17.21
CA ALA H 31 -0.74 27.88 -16.34
C ALA H 31 -0.64 26.61 -15.53
N TYR H 32 0.11 25.64 -16.02
CA TYR H 32 0.14 24.33 -15.38
C TYR H 32 1.55 23.91 -15.03
N ASP H 33 1.65 22.89 -14.20
CA ASP H 33 2.93 22.32 -13.86
C ASP H 33 3.11 21.00 -14.62
N TYR H 34 2.34 20.85 -15.70
CA TYR H 34 2.41 19.65 -16.54
C TYR H 34 3.41 19.73 -17.68
N VAL H 35 4.69 19.70 -17.37
CA VAL H 35 5.73 19.79 -18.38
C VAL H 35 6.60 18.54 -18.36
N SER H 36 6.86 17.98 -19.54
CA SER H 36 7.70 16.79 -19.65
C SER H 36 8.76 16.96 -20.73
N TRP H 37 9.83 16.18 -20.62
CA TRP H 37 10.91 16.25 -21.58
C TRP H 37 11.22 14.87 -22.08
N TYR H 38 11.50 14.77 -23.38
CA TYR H 38 11.81 13.50 -24.00
C TYR H 38 13.16 13.58 -24.67
N GLN H 39 13.90 12.49 -24.59
CA GLN H 39 15.21 12.41 -25.19
C GLN H 39 15.14 11.38 -26.29
N GLN H 40 15.54 11.75 -27.50
CA GLN H 40 15.50 10.81 -28.60
C GLN H 40 16.80 10.65 -29.35
N HIS H 41 17.20 9.40 -29.57
CA HIS H 41 18.40 9.10 -30.33
C HIS H 41 17.96 8.78 -31.75
N PRO H 42 18.84 8.99 -32.73
CA PRO H 42 18.41 8.72 -34.10
C PRO H 42 18.00 7.28 -34.33
N GLY H 43 16.88 7.09 -35.02
CA GLY H 43 16.37 5.76 -35.33
C GLY H 43 15.71 5.03 -34.19
N LYS H 44 15.40 5.74 -33.11
CA LYS H 44 14.77 5.11 -31.96
C LYS H 44 13.60 5.91 -31.42
N ALA H 45 12.85 5.31 -30.50
CA ALA H 45 11.70 5.99 -29.92
C ALA H 45 12.13 6.96 -28.85
N PRO H 46 11.34 8.02 -28.64
CA PRO H 46 11.63 9.02 -27.61
C PRO H 46 11.53 8.40 -26.22
N LYS H 47 12.38 8.84 -25.31
CA LYS H 47 12.36 8.32 -23.96
C LYS H 47 12.06 9.42 -22.96
N LEU H 48 11.09 9.20 -22.09
CA LEU H 48 10.70 10.18 -21.08
C LEU H 48 11.82 10.45 -20.08
N MET H 49 12.08 11.72 -19.81
CA MET H 49 13.13 12.12 -18.89
C MET H 49 12.58 12.86 -17.68
N ILE H 50 11.89 13.98 -17.91
CA ILE H 50 11.24 14.73 -16.85
C ILE H 50 9.73 14.65 -17.07
N TYR H 51 8.96 14.58 -15.99
CA TYR H 51 7.50 14.67 -15.99
C TYR H 51 7.13 15.55 -14.77
N ASP H 52 5.99 16.23 -14.79
CA ASP H 52 5.57 17.10 -13.66
C ASP H 52 6.59 18.16 -13.30
N VAL H 53 7.20 18.76 -14.33
CA VAL H 53 8.21 19.84 -14.24
C VAL H 53 9.60 19.45 -13.77
N SER H 54 9.69 18.81 -12.60
CA SER H 54 10.97 18.40 -12.06
C SER H 54 11.11 16.89 -11.76
N ASN H 55 10.03 16.14 -11.78
CA ASN H 55 10.12 14.70 -11.48
C ASN H 55 10.83 13.87 -12.54
N ARG H 56 11.52 12.84 -12.08
CA ARG H 56 12.18 11.93 -12.98
C ARG H 56 11.52 10.58 -12.82
N PRO H 57 11.56 9.75 -13.86
CA PRO H 57 11.01 8.40 -13.80
C PRO H 57 11.84 7.56 -12.83
N SER H 58 11.23 6.57 -12.20
CA SER H 58 11.93 5.77 -11.20
C SER H 58 13.18 5.08 -11.72
N SER H 59 13.16 4.59 -12.94
CA SER H 59 14.33 3.93 -13.50
C SER H 59 14.65 4.43 -14.91
N GLY H 60 15.93 4.33 -15.27
CA GLY H 60 16.41 4.72 -16.59
C GLY H 60 16.77 6.17 -16.84
N VAL H 61 16.69 7.01 -15.81
CA VAL H 61 17.06 8.41 -15.97
C VAL H 61 18.04 8.77 -14.87
N SER H 62 19.24 9.25 -15.25
CA SER H 62 20.23 9.58 -14.25
C SER H 62 19.86 10.87 -13.53
N ASN H 63 20.43 11.05 -12.34
CA ASN H 63 20.18 12.26 -11.58
C ASN H 63 20.82 13.50 -12.20
N ARG H 64 21.59 13.33 -13.27
CA ARG H 64 22.22 14.46 -13.94
C ARG H 64 21.21 15.32 -14.70
N PHE H 65 20.02 14.82 -14.97
CA PHE H 65 18.97 15.59 -15.65
C PHE H 65 18.07 16.22 -14.62
N SER H 66 17.77 17.50 -14.80
CA SER H 66 16.83 18.18 -13.92
C SER H 66 15.98 19.13 -14.73
N GLY H 67 14.68 19.11 -14.45
CA GLY H 67 13.79 20.06 -15.06
C GLY H 67 13.46 21.23 -14.16
N SER H 68 13.01 22.33 -14.73
CA SER H 68 12.66 23.51 -13.95
C SER H 68 11.73 24.39 -14.78
N LYS H 69 10.98 25.26 -14.12
CA LYS H 69 10.04 26.13 -14.79
C LYS H 69 10.04 27.51 -14.15
N SER H 70 10.03 28.55 -14.97
CA SER H 70 9.83 29.91 -14.51
C SER H 70 8.94 30.67 -15.49
N GLY H 71 7.85 31.24 -14.98
CA GLY H 71 6.96 32.00 -15.83
C GLY H 71 6.40 31.15 -16.95
N ASN H 72 6.61 31.60 -18.18
CA ASN H 72 6.19 30.88 -19.37
C ASN H 72 7.28 29.99 -19.93
N THR H 73 8.40 29.83 -19.24
CA THR H 73 9.53 29.11 -19.78
C THR H 73 9.85 27.91 -18.89
N ALA H 74 10.09 26.76 -19.52
CA ALA H 74 10.56 25.57 -18.84
C ALA H 74 11.96 25.25 -19.34
N SER H 75 12.73 24.55 -18.53
CA SER H 75 14.14 24.33 -18.84
C SER H 75 14.60 22.96 -18.40
N LEU H 76 15.45 22.36 -19.22
CA LEU H 76 16.08 21.08 -18.95
C LEU H 76 17.57 21.30 -18.77
N THR H 77 18.10 20.92 -17.62
CA THR H 77 19.51 21.09 -17.35
C THR H 77 20.25 19.78 -17.29
N ILE H 78 21.30 19.65 -18.10
CA ILE H 78 22.09 18.43 -18.10
C ILE H 78 23.47 18.81 -17.58
N SER H 79 23.94 18.09 -16.57
CA SER H 79 25.24 18.38 -15.98
C SER H 79 26.14 17.16 -16.13
N GLY H 80 27.45 17.39 -16.12
CA GLY H 80 28.39 16.29 -16.30
C GLY H 80 28.20 15.60 -17.63
N LEU H 81 28.06 16.41 -18.68
CA LEU H 81 27.85 15.95 -20.05
C LEU H 81 28.69 14.76 -20.47
N GLN H 82 28.06 13.84 -21.18
CA GLN H 82 28.69 12.63 -21.68
C GLN H 82 28.32 12.41 -23.13
N ALA H 83 29.02 11.52 -23.80
CA ALA H 83 28.79 11.22 -25.22
C ALA H 83 27.36 10.70 -25.46
N GLU H 84 26.87 9.91 -24.51
CA GLU H 84 25.53 9.34 -24.58
C GLU H 84 24.48 10.43 -24.51
N ASP H 85 24.85 11.55 -23.88
CA ASP H 85 23.96 12.68 -23.69
C ASP H 85 23.49 13.33 -24.98
N GLU H 86 24.35 13.40 -25.99
CA GLU H 86 23.93 14.03 -27.23
C GLU H 86 22.77 13.25 -27.81
N ALA H 87 21.67 13.97 -28.02
CA ALA H 87 20.41 13.44 -28.54
C ALA H 87 19.47 14.61 -28.84
N ASP H 88 18.28 14.30 -29.35
CA ASP H 88 17.28 15.33 -29.62
C ASP H 88 16.38 15.44 -28.39
N TYR H 89 16.10 16.66 -27.95
CA TYR H 89 15.26 16.86 -26.77
C TYR H 89 13.97 17.61 -27.10
N TYR H 90 12.87 17.17 -26.49
CA TYR H 90 11.57 17.74 -26.76
C TYR H 90 10.90 18.18 -25.48
N CYS H 91 10.41 19.42 -25.49
CA CYS H 91 9.52 19.95 -24.48
C CYS H 91 8.12 19.48 -24.81
N SER H 92 7.30 19.26 -23.79
CA SER H 92 5.92 18.89 -24.01
C SER H 92 5.07 19.39 -22.85
N SER H 93 3.87 19.85 -23.17
CA SER H 93 3.00 20.43 -22.15
C SER H 93 1.55 20.09 -22.43
N TYR H 94 0.75 20.20 -21.38
CA TYR H 94 -0.68 19.97 -21.45
C TYR H 94 -1.29 21.36 -21.53
N THR H 95 -1.99 21.65 -22.62
CA THR H 95 -2.56 22.98 -22.79
C THR H 95 -3.91 23.21 -22.10
N SER H 96 -4.39 24.44 -22.24
CA SER H 96 -5.66 24.90 -21.69
C SER H 96 -6.89 24.27 -22.34
N SER H 97 -6.73 23.82 -23.58
CA SER H 97 -7.80 23.20 -24.36
C SER H 97 -7.85 21.68 -24.24
N SER H 98 -7.20 21.16 -23.20
CA SER H 98 -7.12 19.73 -22.87
C SER H 98 -6.48 18.86 -23.95
N THR H 99 -5.46 19.40 -24.58
CA THR H 99 -4.74 18.70 -25.63
C THR H 99 -3.25 18.74 -25.30
N VAL H 100 -2.48 17.83 -25.89
CA VAL H 100 -1.05 17.77 -25.64
C VAL H 100 -0.27 18.37 -26.78
N ILE H 101 0.64 19.29 -26.47
CA ILE H 101 1.47 19.93 -27.48
C ILE H 101 2.92 19.76 -27.11
N LEU H 102 3.79 19.67 -28.10
CA LEU H 102 5.20 19.52 -27.83
C LEU H 102 6.01 20.64 -28.45
N GLY H 103 7.28 20.71 -28.08
CA GLY H 103 8.21 21.65 -28.66
C GLY H 103 8.73 21.19 -30.00
N GLY H 104 9.53 22.04 -30.63
CA GLY H 104 10.09 21.72 -31.92
C GLY H 104 11.29 20.81 -31.79
N GLY H 105 11.84 20.78 -30.58
CA GLY H 105 12.99 19.96 -30.29
C GLY H 105 14.28 20.72 -30.47
N THR H 106 15.30 20.31 -29.74
CA THR H 106 16.60 20.93 -29.83
C THR H 106 17.62 19.83 -29.94
N LYS H 107 18.60 19.98 -30.83
CA LYS H 107 19.63 18.97 -30.97
C LYS H 107 20.83 19.40 -30.15
N LEU H 108 21.31 18.53 -29.28
CA LEU H 108 22.44 18.85 -28.44
C LEU H 108 23.68 18.06 -28.85
N THR H 109 24.78 18.77 -29.04
CA THR H 109 26.03 18.16 -29.44
C THR H 109 27.09 18.32 -28.37
N VAL H 110 27.78 17.23 -28.05
CA VAL H 110 28.83 17.26 -27.04
C VAL H 110 30.18 17.24 -27.75
N LEU H 111 31.04 18.18 -27.38
CA LEU H 111 32.36 18.30 -27.98
C LEU H 111 33.39 17.43 -27.26
#